data_3UXI
#
_entry.id   3UXI
#
_cell.length_a   83.380
_cell.length_b   164.794
_cell.length_c   92.837
_cell.angle_alpha   90.00
_cell.angle_beta   117.02
_cell.angle_gamma   90.00
#
_symmetry.space_group_name_H-M   'P 1 21 1'
#
loop_
_entity.id
_entity.type
_entity.pdbx_description
1 polymer 'L-Rhamnose isomerase'
2 non-polymer 'MANGANESE (II) ION'
3 water water
#
_entity_poly.entity_id   1
_entity_poly.type   'polypeptide(L)'
_entity_poly.pdbx_seq_one_letter_code
;HHHHHHMSMKSQFERAKIEYGQWGIDVEEALERLKQVPISIHCAQGDDVGGFELSKGELSGGIDVTGDYPGKATTPEELR
MDLEKALSLIPGKHRVNLHAIYAETDGKVVERDQLEPRHFEKWVRWAKRHGLGLDFNPTLFSHEKAKDGLTLAHPDQAIR
QFWIDHCIASRKIGEYFGKELETPCLTNIWIPDGYKDTPSDRLTPRKRLKESLDQIFAAEINEAYNLDAVESKLFGIGSE
SYVVGSHEFYLSYALKNDKLCLLDTGHYHPTETVSNKISAMLLFHDKLALHVSRPVRWDSDHVVTFDDELREIALEIVRN
DALDRVLIGLDFFDASINRIAAWTIGTRNVIKALLFAMLIPHKQLKEWQETGDYTRRLAVLEEFKTYPLGAIWNEYCERM
NVPIKEEWLKEIAIYEKEVLLQRH
;
_entity_poly.pdbx_strand_id   A,B,C,D
#
loop_
_chem_comp.id
_chem_comp.type
_chem_comp.name
_chem_comp.formula
MN non-polymer 'MANGANESE (II) ION' 'Mn 2'
#
# COMPACT_ATOMS: atom_id res chain seq x y z
N SER A 11 -31.98 -30.57 -16.54
CA SER A 11 -31.92 -29.88 -17.86
C SER A 11 -31.18 -28.56 -17.76
N GLN A 12 -31.48 -27.79 -16.72
CA GLN A 12 -30.70 -26.57 -16.42
C GLN A 12 -29.22 -26.91 -16.41
N PHE A 13 -28.87 -27.80 -15.49
CA PHE A 13 -27.58 -28.42 -15.46
C PHE A 13 -27.16 -28.81 -16.87
N GLU A 14 -27.96 -29.67 -17.49
CA GLU A 14 -27.61 -30.27 -18.78
C GLU A 14 -27.21 -29.22 -19.83
N ARG A 15 -27.93 -28.10 -19.84
CA ARG A 15 -27.60 -26.98 -20.71
C ARG A 15 -26.25 -26.40 -20.34
N ALA A 16 -26.01 -26.21 -19.03
CA ALA A 16 -24.72 -25.69 -18.58
C ALA A 16 -23.57 -26.63 -18.98
N LYS A 17 -23.74 -27.93 -18.75
CA LYS A 17 -22.78 -29.00 -19.11
C LYS A 17 -22.27 -28.94 -20.56
N ILE A 18 -23.18 -28.67 -21.51
CA ILE A 18 -22.83 -28.55 -22.93
C ILE A 18 -21.87 -27.37 -23.21
N GLU A 19 -22.23 -26.18 -22.75
CA GLU A 19 -21.40 -24.97 -22.79
C GLU A 19 -19.94 -25.17 -22.32
N TYR A 20 -19.76 -25.78 -21.15
CA TYR A 20 -18.44 -26.19 -20.74
C TYR A 20 -17.88 -27.28 -21.68
N GLY A 21 -18.71 -28.27 -22.01
CA GLY A 21 -18.35 -29.31 -22.99
C GLY A 21 -17.61 -28.81 -24.23
N GLN A 22 -18.17 -27.84 -24.96
CA GLN A 22 -17.50 -27.30 -26.16
C GLN A 22 -16.00 -27.01 -26.02
N TRP A 23 -15.54 -26.73 -24.80
CA TRP A 23 -14.14 -26.34 -24.57
C TRP A 23 -13.32 -27.53 -24.21
N GLY A 24 -13.98 -28.67 -24.09
CA GLY A 24 -13.35 -29.91 -23.68
C GLY A 24 -13.39 -30.07 -22.17
N ILE A 25 -14.10 -29.20 -21.47
CA ILE A 25 -14.19 -29.30 -20.02
C ILE A 25 -15.18 -30.40 -19.66
N ASP A 26 -14.70 -31.34 -18.84
CA ASP A 26 -15.50 -32.47 -18.41
C ASP A 26 -16.07 -32.18 -17.02
N VAL A 27 -17.33 -31.76 -16.99
CA VAL A 27 -17.84 -31.19 -15.76
C VAL A 27 -18.06 -32.28 -14.74
N GLU A 28 -18.54 -33.43 -15.20
CA GLU A 28 -18.69 -34.58 -14.33
C GLU A 28 -17.37 -34.96 -13.67
N GLU A 29 -16.28 -34.88 -14.43
CA GLU A 29 -14.97 -35.19 -13.89
C GLU A 29 -14.59 -34.18 -12.83
N ALA A 30 -14.91 -32.91 -13.09
CA ALA A 30 -14.57 -31.82 -12.18
C ALA A 30 -15.33 -32.03 -10.90
N LEU A 31 -16.63 -32.29 -11.05
CA LEU A 31 -17.48 -32.56 -9.90
C LEU A 31 -17.00 -33.77 -9.10
N GLU A 32 -16.46 -34.76 -9.82
CA GLU A 32 -16.03 -35.95 -9.16
C GLU A 32 -14.72 -35.69 -8.43
N ARG A 33 -13.82 -34.90 -9.00
CA ARG A 33 -12.63 -34.60 -8.20
C ARG A 33 -12.90 -33.58 -7.07
N LEU A 34 -13.89 -32.70 -7.27
CA LEU A 34 -14.18 -31.69 -6.26
C LEU A 34 -14.67 -32.34 -5.00
N LYS A 35 -15.73 -33.13 -5.15
CA LYS A 35 -16.21 -34.02 -4.08
C LYS A 35 -15.07 -34.54 -3.14
N GLN A 36 -13.90 -34.83 -3.72
CA GLN A 36 -12.79 -35.38 -2.95
C GLN A 36 -12.05 -34.38 -2.04
N VAL A 37 -12.02 -33.08 -2.39
CA VAL A 37 -11.07 -32.20 -1.69
C VAL A 37 -11.52 -31.71 -0.33
N PRO A 38 -10.70 -31.93 0.71
CA PRO A 38 -11.10 -31.56 2.06
C PRO A 38 -10.68 -30.15 2.50
N ILE A 39 -11.63 -29.37 3.05
CA ILE A 39 -11.32 -28.08 3.65
C ILE A 39 -11.32 -28.19 5.16
N SER A 40 -10.26 -27.68 5.79
CA SER A 40 -10.09 -27.74 7.23
C SER A 40 -10.67 -26.53 7.94
N ILE A 41 -11.85 -26.72 8.56
CA ILE A 41 -12.56 -25.66 9.26
C ILE A 41 -12.06 -25.41 10.69
N HIS A 42 -11.69 -24.18 10.95
CA HIS A 42 -11.21 -23.69 12.25
C HIS A 42 -12.37 -23.67 13.23
N CYS A 43 -12.05 -24.09 14.45
CA CYS A 43 -13.00 -24.23 15.55
C CYS A 43 -13.20 -22.91 16.22
N ALA A 44 -12.16 -22.06 16.21
CA ALA A 44 -12.18 -20.77 16.92
C ALA A 44 -13.48 -19.98 16.62
N GLN A 45 -13.96 -20.08 15.38
CA GLN A 45 -15.20 -19.42 14.95
C GLN A 45 -16.41 -19.63 15.85
N GLY A 46 -16.47 -20.74 16.55
CA GLY A 46 -17.70 -21.13 17.25
C GLY A 46 -17.94 -20.62 18.66
N ASP A 47 -16.88 -20.27 19.37
CA ASP A 47 -17.00 -19.78 20.75
C ASP A 47 -16.22 -18.48 20.90
N ASP A 48 -15.86 -17.89 19.76
CA ASP A 48 -15.14 -16.63 19.67
C ASP A 48 -13.83 -16.74 20.37
N VAL A 49 -13.07 -17.75 19.93
CA VAL A 49 -11.70 -17.99 20.42
C VAL A 49 -11.63 -18.20 21.94
N GLY A 50 -12.74 -18.63 22.54
CA GLY A 50 -12.82 -18.83 23.98
C GLY A 50 -11.96 -19.98 24.47
N GLY A 51 -12.43 -21.20 24.26
CA GLY A 51 -11.71 -22.33 24.79
C GLY A 51 -12.16 -22.72 26.18
N PHE A 52 -11.73 -23.93 26.57
CA PHE A 52 -12.18 -24.59 27.78
C PHE A 52 -11.04 -24.69 28.77
N GLU A 53 -9.90 -24.14 28.38
CA GLU A 53 -8.77 -24.04 29.26
C GLU A 53 -9.24 -23.11 30.38
N LEU A 54 -9.52 -23.65 31.56
CA LEU A 54 -10.27 -22.92 32.66
C LEU A 54 -10.45 -21.33 32.63
N SER A 55 -10.73 -20.74 31.46
CA SER A 55 -10.66 -19.25 31.23
C SER A 55 -11.66 -18.72 30.19
N GLY A 67 -22.93 -8.12 23.73
CA GLY A 67 -22.36 -7.19 22.74
C GLY A 67 -22.24 -7.74 21.31
N ASP A 68 -21.67 -8.94 21.22
CA ASP A 68 -21.51 -9.68 19.96
C ASP A 68 -22.70 -10.61 19.75
N TYR A 69 -22.87 -11.08 18.51
CA TYR A 69 -23.97 -11.97 18.14
C TYR A 69 -24.14 -13.07 19.19
N PRO A 70 -25.40 -13.29 19.65
CA PRO A 70 -25.59 -14.16 20.82
C PRO A 70 -25.57 -15.66 20.51
N GLY A 71 -25.54 -16.44 21.59
CA GLY A 71 -25.56 -17.91 21.54
C GLY A 71 -24.38 -18.60 20.87
N LYS A 72 -23.17 -18.11 21.13
CA LYS A 72 -21.95 -18.82 20.79
C LYS A 72 -21.87 -20.06 21.68
N ALA A 73 -21.04 -21.03 21.31
CA ALA A 73 -20.91 -22.26 22.11
C ALA A 73 -20.17 -22.02 23.42
N THR A 74 -20.59 -22.77 24.42
CA THR A 74 -20.13 -22.62 25.79
C THR A 74 -19.20 -23.75 26.21
N THR A 75 -19.35 -24.89 25.54
CA THR A 75 -18.73 -26.13 25.98
C THR A 75 -18.40 -26.88 24.69
N PRO A 76 -17.47 -27.85 24.75
CA PRO A 76 -17.20 -28.65 23.54
C PRO A 76 -18.43 -29.39 23.01
N GLU A 77 -19.36 -29.74 23.90
CA GLU A 77 -20.57 -30.40 23.45
C GLU A 77 -21.40 -29.49 22.55
N GLU A 78 -21.58 -28.25 23.00
CA GLU A 78 -22.21 -27.22 22.18
C GLU A 78 -21.37 -26.92 20.94
N LEU A 79 -20.06 -26.88 21.11
CA LEU A 79 -19.18 -26.61 19.99
C LEU A 79 -19.27 -27.66 18.90
N ARG A 80 -19.22 -28.94 19.28
CA ARG A 80 -19.33 -30.03 18.32
C ARG A 80 -20.67 -30.06 17.62
N MET A 81 -21.75 -29.89 18.36
CA MET A 81 -23.07 -29.72 17.76
C MET A 81 -23.05 -28.70 16.64
N ASP A 82 -22.40 -27.58 16.89
CA ASP A 82 -22.40 -26.47 15.98
C ASP A 82 -21.66 -26.81 14.71
N LEU A 83 -20.54 -27.52 14.84
CA LEU A 83 -19.78 -27.94 13.66
C LEU A 83 -20.59 -28.88 12.75
N GLU A 84 -21.29 -29.83 13.37
CA GLU A 84 -22.07 -30.80 12.61
C GLU A 84 -23.11 -30.08 11.77
N LYS A 85 -23.70 -29.04 12.36
CA LYS A 85 -24.71 -28.25 11.68
C LYS A 85 -24.08 -27.55 10.49
N ALA A 86 -22.95 -26.90 10.75
CA ALA A 86 -22.23 -26.23 9.70
C ALA A 86 -21.92 -27.25 8.64
N LEU A 87 -21.35 -28.39 9.07
CA LEU A 87 -20.86 -29.42 8.14
C LEU A 87 -21.98 -29.97 7.28
N SER A 88 -23.19 -29.99 7.84
CA SER A 88 -24.35 -30.51 7.13
C SER A 88 -24.85 -29.50 6.10
N LEU A 89 -24.39 -28.26 6.20
CA LEU A 89 -24.74 -27.29 5.19
C LEU A 89 -23.63 -27.13 4.17
N ILE A 90 -22.54 -27.85 4.34
CA ILE A 90 -21.39 -27.71 3.45
C ILE A 90 -21.06 -28.99 2.67
N PRO A 91 -21.15 -28.96 1.33
CA PRO A 91 -20.91 -30.17 0.54
C PRO A 91 -19.50 -30.73 0.73
N GLY A 92 -19.39 -32.05 0.73
CA GLY A 92 -18.10 -32.70 0.71
C GLY A 92 -17.80 -33.28 2.05
N LYS A 93 -16.60 -33.80 2.23
CA LYS A 93 -16.25 -34.34 3.53
C LYS A 93 -14.99 -33.60 3.93
N HIS A 94 -14.97 -33.11 5.16
CA HIS A 94 -13.98 -32.12 5.47
C HIS A 94 -13.17 -32.31 6.78
N ARG A 95 -12.56 -31.25 7.28
CA ARG A 95 -11.76 -31.37 8.49
C ARG A 95 -11.97 -30.23 9.52
N VAL A 96 -11.66 -30.54 10.78
CA VAL A 96 -11.73 -29.57 11.85
C VAL A 96 -10.32 -29.23 12.33
N ASN A 97 -10.04 -27.93 12.37
CA ASN A 97 -8.76 -27.45 12.80
C ASN A 97 -8.87 -27.01 14.24
N LEU A 98 -8.25 -27.79 15.13
CA LEU A 98 -8.34 -27.65 16.58
C LEU A 98 -7.17 -26.88 17.19
N HIS A 99 -7.40 -26.20 18.31
CA HIS A 99 -6.33 -25.49 18.98
C HIS A 99 -6.08 -26.08 20.33
N ALA A 100 -4.81 -26.13 20.74
CA ALA A 100 -4.44 -26.57 22.10
C ALA A 100 -5.41 -26.17 23.22
N ILE A 101 -5.96 -24.96 23.17
CA ILE A 101 -6.88 -24.50 24.23
C ILE A 101 -8.25 -25.14 24.17
N TYR A 102 -8.50 -26.01 23.20
CA TYR A 102 -9.79 -26.69 23.13
C TYR A 102 -9.71 -28.07 23.76
N ALA A 103 -8.70 -28.23 24.63
CA ALA A 103 -8.50 -29.44 25.47
C ALA A 103 -9.63 -29.68 26.43
N GLU A 104 -10.05 -30.94 26.49
CA GLU A 104 -10.93 -31.44 27.55
C GLU A 104 -10.07 -32.07 28.64
N THR A 105 -9.57 -31.22 29.54
CA THR A 105 -8.93 -31.67 30.78
C THR A 105 -10.18 -32.05 31.49
N ASP A 106 -10.16 -32.69 32.66
CA ASP A 106 -11.51 -33.04 33.15
C ASP A 106 -12.26 -31.89 33.80
N GLY A 107 -12.17 -31.79 35.12
CA GLY A 107 -12.39 -30.50 35.77
C GLY A 107 -11.03 -30.10 36.34
N LYS A 108 -9.95 -30.55 35.70
CA LYS A 108 -8.64 -30.60 36.40
C LYS A 108 -7.53 -29.62 36.01
N VAL A 109 -7.73 -28.73 35.04
CA VAL A 109 -6.69 -27.74 34.72
C VAL A 109 -5.30 -28.37 34.53
N VAL A 110 -4.93 -28.56 33.27
CA VAL A 110 -3.59 -29.00 33.01
C VAL A 110 -2.84 -27.87 32.33
N GLU A 111 -1.64 -27.57 32.84
CA GLU A 111 -0.74 -26.60 32.23
C GLU A 111 -0.37 -27.01 30.79
N ARG A 112 -0.30 -26.05 29.87
CA ARG A 112 -0.07 -26.33 28.43
C ARG A 112 1.13 -27.24 27.98
N ASP A 113 2.20 -27.25 28.75
CA ASP A 113 3.36 -28.10 28.46
C ASP A 113 3.12 -29.54 28.93
N GLN A 114 1.94 -29.78 29.46
CA GLN A 114 1.58 -31.09 29.94
C GLN A 114 0.40 -31.70 29.17
N LEU A 115 -0.01 -31.11 28.06
CA LEU A 115 -1.12 -31.68 27.28
C LEU A 115 -0.76 -33.00 26.59
N GLU A 116 -1.69 -33.93 26.62
CA GLU A 116 -1.43 -35.24 26.07
C GLU A 116 -2.58 -35.71 25.21
N PRO A 117 -2.33 -36.75 24.42
CA PRO A 117 -3.44 -37.26 23.61
C PRO A 117 -4.75 -37.43 24.36
N ARG A 118 -4.72 -37.98 25.59
CA ARG A 118 -5.94 -38.33 26.31
C ARG A 118 -6.84 -37.15 26.43
N HIS A 119 -6.23 -35.98 26.45
CA HIS A 119 -6.95 -34.71 26.45
C HIS A 119 -7.78 -34.43 25.19
N PHE A 120 -7.76 -35.33 24.23
CA PHE A 120 -8.34 -35.07 22.93
C PHE A 120 -9.10 -36.29 22.39
N GLU A 121 -9.21 -37.29 23.26
CA GLU A 121 -9.99 -38.49 23.00
C GLU A 121 -11.38 -38.16 22.49
N LYS A 122 -12.09 -37.30 23.21
CA LYS A 122 -13.47 -37.10 22.87
C LYS A 122 -13.52 -36.46 21.49
N TRP A 123 -12.57 -35.55 21.23
CA TRP A 123 -12.50 -34.88 19.95
C TRP A 123 -12.25 -35.89 18.86
N VAL A 124 -11.29 -36.77 19.11
CA VAL A 124 -10.90 -37.72 18.08
C VAL A 124 -12.04 -38.67 17.85
N ARG A 125 -12.55 -39.27 18.93
CA ARG A 125 -13.66 -40.23 18.86
C ARG A 125 -14.80 -39.64 18.08
N TRP A 126 -15.08 -38.36 18.30
CA TRP A 126 -16.17 -37.68 17.58
C TRP A 126 -15.83 -37.48 16.09
N ALA A 127 -14.60 -37.10 15.81
CA ALA A 127 -14.16 -36.97 14.42
C ALA A 127 -14.26 -38.27 13.61
N LYS A 128 -13.89 -39.41 14.24
CA LYS A 128 -13.91 -40.71 13.58
C LYS A 128 -15.33 -41.16 13.25
N ARG A 129 -16.19 -41.11 14.26
CA ARG A 129 -17.60 -41.26 14.06
C ARG A 129 -18.02 -40.45 12.79
N HIS A 130 -17.67 -39.16 12.68
CA HIS A 130 -18.17 -38.39 11.50
C HIS A 130 -17.27 -38.48 10.26
N GLY A 131 -16.24 -39.30 10.35
CA GLY A 131 -15.33 -39.46 9.23
C GLY A 131 -14.72 -38.13 8.85
N LEU A 132 -13.98 -37.55 9.77
CA LEU A 132 -13.42 -36.25 9.56
C LEU A 132 -11.96 -36.41 9.86
N GLY A 133 -11.17 -35.47 9.32
CA GLY A 133 -9.79 -35.27 9.71
C GLY A 133 -9.67 -34.12 10.70
N LEU A 134 -8.58 -34.12 11.46
CA LEU A 134 -8.33 -33.13 12.48
C LEU A 134 -6.97 -32.58 12.23
N ASP A 135 -6.82 -31.29 12.40
CA ASP A 135 -5.53 -30.62 12.38
C ASP A 135 -5.34 -29.93 13.74
N PHE A 136 -4.09 -29.75 14.16
CA PHE A 136 -3.80 -29.19 15.48
C PHE A 136 -3.01 -27.89 15.46
N ASN A 137 -3.15 -27.09 16.53
CA ASN A 137 -2.20 -25.98 16.76
C ASN A 137 -1.93 -25.75 18.23
N PRO A 138 -0.65 -25.80 18.61
CA PRO A 138 -0.26 -25.32 19.92
C PRO A 138 -0.76 -23.88 20.07
N THR A 139 -1.06 -23.45 21.29
CA THR A 139 -1.61 -22.12 21.52
C THR A 139 -0.59 -21.28 22.29
N LEU A 140 -0.18 -20.15 21.69
CA LEU A 140 0.93 -19.38 22.23
C LEU A 140 0.53 -17.94 22.55
N PHE A 141 -0.74 -17.76 22.88
CA PHE A 141 -1.27 -16.46 23.29
C PHE A 141 -2.28 -16.61 24.44
N SER A 142 -2.65 -15.48 25.07
CA SER A 142 -3.63 -15.40 26.16
C SER A 142 -3.21 -16.30 27.29
N HIS A 143 -2.08 -15.97 27.90
CA HIS A 143 -1.49 -16.84 28.90
C HIS A 143 -0.50 -16.02 29.72
N GLU A 144 -0.35 -16.36 31.00
CA GLU A 144 0.62 -15.66 31.85
C GLU A 144 2.02 -15.59 31.24
N LYS A 145 2.49 -16.70 30.65
CA LYS A 145 3.83 -16.74 30.06
C LYS A 145 3.88 -16.19 28.63
N ALA A 146 2.80 -15.59 28.17
CA ALA A 146 2.83 -14.95 26.87
C ALA A 146 2.51 -13.45 26.90
N LYS A 147 2.49 -12.86 28.10
CA LYS A 147 2.11 -11.45 28.20
C LYS A 147 3.19 -10.46 27.78
N ASP A 148 4.46 -10.83 27.83
CA ASP A 148 5.48 -9.92 27.31
C ASP A 148 5.46 -9.79 25.80
N GLY A 149 4.59 -10.54 25.10
CA GLY A 149 4.56 -10.58 23.64
C GLY A 149 5.76 -11.32 23.03
N LEU A 150 6.40 -12.14 23.86
CA LEU A 150 7.47 -13.00 23.42
C LEU A 150 7.28 -14.37 24.07
N THR A 151 7.62 -15.41 23.31
CA THR A 151 7.13 -16.78 23.52
C THR A 151 8.29 -17.77 23.27
N LEU A 152 8.60 -18.06 22.00
CA LEU A 152 9.74 -18.89 21.67
C LEU A 152 11.02 -18.06 21.52
N ALA A 153 10.86 -16.75 21.60
CA ALA A 153 11.94 -15.83 21.28
C ALA A 153 12.15 -14.94 22.46
N HIS A 154 11.37 -15.21 23.52
CA HIS A 154 11.51 -14.54 24.81
C HIS A 154 12.95 -14.63 25.33
N PRO A 155 13.45 -13.52 25.89
CA PRO A 155 14.82 -13.48 26.42
C PRO A 155 15.05 -14.43 27.62
N ASP A 156 13.95 -14.90 28.24
CA ASP A 156 13.99 -15.85 29.36
C ASP A 156 13.92 -17.35 28.98
N GLN A 157 15.07 -17.99 29.08
CA GLN A 157 15.21 -19.43 28.98
C GLN A 157 14.00 -20.20 29.54
N ALA A 158 13.57 -19.86 30.75
CA ALA A 158 12.50 -20.61 31.39
C ALA A 158 11.25 -20.48 30.52
N ILE A 159 10.88 -19.24 30.15
CA ILE A 159 9.73 -19.03 29.27
C ILE A 159 9.82 -19.78 27.95
N ARG A 160 10.97 -19.73 27.28
CA ARG A 160 11.15 -20.46 26.01
C ARG A 160 10.87 -21.98 26.17
N GLN A 161 11.59 -22.62 27.10
CA GLN A 161 11.33 -24.04 27.41
C GLN A 161 9.86 -24.37 27.54
N PHE A 162 9.15 -23.61 28.37
CA PHE A 162 7.75 -23.90 28.65
C PHE A 162 7.02 -24.02 27.32
N TRP A 163 7.30 -23.05 26.43
CA TRP A 163 6.69 -22.97 25.11
C TRP A 163 7.19 -24.01 24.14
N ILE A 164 8.52 -24.19 24.07
CA ILE A 164 9.10 -25.38 23.44
C ILE A 164 8.37 -26.67 23.87
N ASP A 165 8.22 -26.88 25.18
CA ASP A 165 7.55 -28.09 25.66
C ASP A 165 6.10 -28.14 25.20
N HIS A 166 5.42 -27.00 25.20
CA HIS A 166 4.04 -27.01 24.72
C HIS A 166 3.98 -27.51 23.26
N CYS A 167 4.89 -27.01 22.41
CA CYS A 167 4.88 -27.38 20.98
C CYS A 167 5.22 -28.84 20.74
N ILE A 168 6.27 -29.32 21.40
CA ILE A 168 6.59 -30.75 21.44
C ILE A 168 5.35 -31.59 21.81
N ALA A 169 4.71 -31.21 22.92
CA ALA A 169 3.43 -31.85 23.28
C ALA A 169 2.48 -31.77 22.11
N SER A 170 2.41 -30.61 21.50
CA SER A 170 1.45 -30.42 20.44
C SER A 170 1.69 -31.36 19.25
N ARG A 171 2.94 -31.50 18.86
CA ARG A 171 3.35 -32.45 17.82
C ARG A 171 2.90 -33.93 18.09
N LYS A 172 3.01 -34.38 19.34
CA LYS A 172 2.63 -35.75 19.70
C LYS A 172 1.13 -35.93 19.54
N ILE A 173 0.38 -34.89 19.92
CA ILE A 173 -1.06 -34.86 19.72
C ILE A 173 -1.43 -34.96 18.23
N GLY A 174 -0.74 -34.24 17.37
CA GLY A 174 -0.92 -34.43 15.91
C GLY A 174 -0.71 -35.88 15.51
N GLU A 175 0.40 -36.44 15.97
CA GLU A 175 0.75 -37.85 15.76
C GLU A 175 -0.40 -38.75 16.22
N TYR A 176 -1.02 -38.42 17.34
CA TYR A 176 -2.12 -39.26 17.82
C TYR A 176 -3.33 -39.23 16.84
N PHE A 177 -3.77 -38.02 16.54
CA PHE A 177 -4.72 -37.69 15.48
C PHE A 177 -4.54 -38.48 14.17
N GLY A 178 -3.35 -38.39 13.57
CA GLY A 178 -3.06 -39.07 12.31
C GLY A 178 -3.11 -40.59 12.41
N LYS A 179 -2.63 -41.12 13.53
CA LYS A 179 -2.65 -42.54 13.75
C LYS A 179 -4.08 -42.96 13.76
N GLU A 180 -4.88 -42.30 14.60
CA GLU A 180 -6.29 -42.59 14.80
C GLU A 180 -7.08 -42.35 13.54
N LEU A 181 -7.04 -41.13 13.02
CA LEU A 181 -7.88 -40.76 11.87
C LEU A 181 -7.35 -41.27 10.54
N GLU A 182 -6.17 -41.89 10.55
CA GLU A 182 -5.68 -42.53 9.33
C GLU A 182 -5.70 -41.53 8.18
N THR A 183 -5.35 -40.29 8.50
CA THR A 183 -5.09 -39.21 7.55
C THR A 183 -4.13 -38.21 8.21
N PRO A 184 -3.03 -37.83 7.56
CA PRO A 184 -2.05 -37.10 8.39
C PRO A 184 -2.59 -35.78 9.03
N CYS A 185 -2.36 -35.59 10.33
CA CYS A 185 -2.66 -34.30 10.92
C CYS A 185 -1.61 -33.26 10.53
N LEU A 186 -2.06 -32.07 10.15
CA LEU A 186 -1.16 -30.92 10.07
C LEU A 186 -1.17 -30.13 11.38
N THR A 187 -0.02 -30.12 12.07
CA THR A 187 0.19 -29.30 13.27
C THR A 187 0.99 -28.08 12.88
N ASN A 188 0.42 -26.90 13.07
CA ASN A 188 1.03 -25.69 12.55
C ASN A 188 1.39 -24.81 13.71
N ILE A 189 2.60 -24.27 13.69
CA ILE A 189 2.99 -23.29 14.70
C ILE A 189 2.81 -21.85 14.22
N TRP A 190 1.95 -21.11 14.95
CA TRP A 190 1.94 -19.63 14.91
C TRP A 190 2.16 -18.97 16.28
N ILE A 191 3.09 -18.01 16.32
CA ILE A 191 3.42 -17.29 17.56
C ILE A 191 3.22 -15.78 17.45
N PRO A 192 2.85 -15.13 18.56
CA PRO A 192 2.52 -13.70 18.48
C PRO A 192 3.78 -12.81 18.56
N ASP A 193 4.95 -13.45 18.58
CA ASP A 193 6.21 -12.80 18.93
C ASP A 193 6.58 -11.62 18.03
N GLY A 194 6.96 -10.52 18.69
CA GLY A 194 7.36 -9.28 18.04
C GLY A 194 7.37 -8.17 19.07
N TYR A 195 7.62 -6.94 18.64
CA TYR A 195 7.52 -5.78 19.52
C TYR A 195 6.57 -4.72 18.96
N LYS A 196 5.91 -3.98 19.85
CA LYS A 196 5.07 -2.86 19.46
C LYS A 196 5.82 -1.72 18.74
N ASP A 197 6.86 -1.14 19.36
CA ASP A 197 7.58 0.00 18.77
C ASP A 197 8.92 -0.47 18.16
N THR A 198 9.65 0.44 17.51
CA THR A 198 10.87 0.06 16.80
C THR A 198 11.77 -0.72 17.73
N PRO A 199 12.27 -1.87 17.26
CA PRO A 199 13.20 -2.62 18.08
C PRO A 199 14.61 -2.14 17.84
N SER A 200 15.45 -2.24 18.87
CA SER A 200 16.83 -1.82 18.78
C SER A 200 17.70 -2.98 18.33
N ASP A 201 17.05 -4.09 17.97
CA ASP A 201 17.72 -5.36 17.65
C ASP A 201 16.74 -6.38 17.08
N ARG A 202 16.85 -6.70 15.78
CA ARG A 202 15.91 -7.60 15.10
C ARG A 202 16.44 -9.02 15.03
N LEU A 203 17.77 -9.12 14.96
CA LEU A 203 18.42 -10.41 14.74
C LEU A 203 18.30 -11.37 15.93
N THR A 204 18.70 -10.93 17.12
CA THR A 204 18.75 -11.91 18.23
C THR A 204 17.43 -12.62 18.63
N PRO A 205 16.28 -11.92 18.65
CA PRO A 205 15.03 -12.70 18.93
C PRO A 205 14.85 -13.80 17.90
N ARG A 206 15.14 -13.45 16.65
CA ARG A 206 15.09 -14.35 15.51
C ARG A 206 16.05 -15.52 15.68
N LYS A 207 17.19 -15.30 16.33
CA LYS A 207 18.12 -16.39 16.57
C LYS A 207 17.55 -17.29 17.66
N ARG A 208 16.88 -16.67 18.62
CA ARG A 208 16.25 -17.44 19.67
C ARG A 208 15.10 -18.30 19.12
N LEU A 209 14.30 -17.74 18.20
CA LEU A 209 13.24 -18.49 17.57
C LEU A 209 13.76 -19.66 16.76
N LYS A 210 14.83 -19.45 15.99
CA LYS A 210 15.44 -20.53 15.22
C LYS A 210 15.90 -21.68 16.15
N GLU A 211 16.56 -21.33 17.25
CA GLU A 211 17.05 -22.35 18.18
C GLU A 211 15.88 -23.10 18.79
N SER A 212 14.85 -22.35 19.17
CA SER A 212 13.63 -22.92 19.76
C SER A 212 12.95 -23.95 18.88
N LEU A 213 12.88 -23.65 17.58
CA LEU A 213 12.24 -24.55 16.60
C LEU A 213 13.03 -25.80 16.41
N ASP A 214 14.35 -25.67 16.24
CA ASP A 214 15.26 -26.79 16.03
C ASP A 214 15.08 -27.79 17.15
N GLN A 215 14.92 -27.28 18.37
CA GLN A 215 14.44 -28.10 19.46
C GLN A 215 13.07 -28.67 19.25
N ILE A 216 12.07 -27.88 18.87
CA ILE A 216 10.72 -28.43 18.82
C ILE A 216 10.62 -29.61 17.89
N PHE A 217 11.36 -29.52 16.78
CA PHE A 217 11.33 -30.49 15.67
C PHE A 217 12.35 -31.60 15.78
N ALA A 218 13.03 -31.71 16.94
CA ALA A 218 14.13 -32.67 17.14
C ALA A 218 13.74 -34.14 16.96
N ALA A 219 12.68 -34.58 17.63
CA ALA A 219 12.23 -35.97 17.50
C ALA A 219 11.52 -36.14 16.17
N GLU A 220 11.87 -37.18 15.42
CA GLU A 220 11.15 -37.48 14.19
C GLU A 220 9.77 -38.07 14.48
N ILE A 221 8.82 -37.77 13.59
CA ILE A 221 7.50 -38.41 13.58
C ILE A 221 7.19 -38.81 12.14
N ASN A 222 6.60 -39.99 11.94
CA ASN A 222 6.25 -40.44 10.59
C ASN A 222 5.35 -39.42 9.86
N GLU A 223 5.76 -38.96 8.67
CA GLU A 223 4.98 -37.97 7.88
C GLU A 223 3.59 -38.47 7.49
N ALA A 224 3.28 -39.70 7.87
CA ALA A 224 1.95 -40.27 7.64
C ALA A 224 0.95 -39.86 8.72
N TYR A 225 1.46 -39.41 9.87
CA TYR A 225 0.62 -39.12 11.04
C TYR A 225 0.63 -37.63 11.40
N ASN A 226 1.82 -37.04 11.38
CA ASN A 226 1.97 -35.62 11.64
C ASN A 226 2.80 -35.00 10.56
N LEU A 227 2.42 -33.77 10.23
CA LEU A 227 3.19 -32.84 9.41
C LEU A 227 3.33 -31.52 10.18
N ASP A 228 4.50 -30.91 10.02
CA ASP A 228 4.81 -29.67 10.73
C ASP A 228 4.78 -28.40 9.84
N ALA A 229 4.09 -27.36 10.30
CA ALA A 229 4.11 -26.07 9.61
C ALA A 229 4.41 -24.90 10.51
N VAL A 230 4.95 -23.86 9.89
CA VAL A 230 5.32 -22.62 10.53
C VAL A 230 4.60 -21.50 9.78
N GLU A 231 4.08 -20.50 10.51
CA GLU A 231 3.21 -19.41 9.96
C GLU A 231 3.73 -18.03 10.32
N SER A 232 4.06 -17.23 9.30
CA SER A 232 4.47 -15.84 9.50
C SER A 232 3.29 -14.87 9.59
N LYS A 233 3.56 -13.69 10.14
CA LYS A 233 2.62 -12.57 10.14
C LYS A 233 3.45 -11.33 9.90
N LEU A 234 2.98 -10.45 9.01
CA LEU A 234 3.70 -9.17 8.80
C LEU A 234 3.65 -8.30 10.05
N PHE A 235 2.45 -8.15 10.63
CA PHE A 235 2.19 -7.32 11.83
C PHE A 235 0.89 -7.69 12.57
N GLY A 236 0.83 -7.40 13.88
CA GLY A 236 -0.38 -7.57 14.68
C GLY A 236 -0.60 -6.40 15.61
N ILE A 237 -1.67 -6.43 16.34
CA ILE A 237 -1.93 -5.41 17.30
C ILE A 237 -1.02 -5.65 18.48
N GLY A 238 -0.17 -4.67 18.75
CA GLY A 238 0.82 -4.78 19.78
C GLY A 238 2.11 -5.32 19.29
N SER A 239 2.19 -5.58 18.01
CA SER A 239 3.36 -6.06 17.33
C SER A 239 3.35 -5.38 16.00
N GLU A 240 3.05 -4.11 16.03
CA GLU A 240 2.90 -3.33 14.86
C GLU A 240 4.18 -3.21 14.07
N SER A 241 5.27 -3.06 14.77
CA SER A 241 6.53 -2.65 14.24
C SER A 241 7.45 -3.77 13.85
N TYR A 242 7.28 -4.90 14.47
CA TYR A 242 8.20 -5.97 14.27
C TYR A 242 7.57 -7.28 14.65
N VAL A 243 7.74 -8.25 13.79
CA VAL A 243 7.36 -9.62 14.08
C VAL A 243 8.56 -10.56 13.95
N VAL A 244 8.79 -11.32 15.02
CA VAL A 244 9.92 -12.22 15.05
C VAL A 244 9.85 -13.15 13.86
N GLY A 245 8.82 -13.97 13.79
CA GLY A 245 8.77 -14.97 12.74
C GLY A 245 8.16 -14.38 11.50
N SER A 246 9.02 -13.77 10.69
CA SER A 246 8.59 -13.15 9.44
C SER A 246 8.54 -14.13 8.25
N HIS A 247 8.14 -13.59 7.10
CA HIS A 247 8.07 -14.34 5.84
C HIS A 247 9.43 -14.97 5.50
N GLU A 248 10.40 -14.14 5.16
CA GLU A 248 11.76 -14.62 4.89
C GLU A 248 12.31 -15.57 5.95
N PHE A 249 12.10 -15.26 7.23
CA PHE A 249 12.50 -16.16 8.29
C PHE A 249 11.95 -17.55 8.08
N TYR A 250 10.63 -17.66 8.06
CA TYR A 250 9.99 -18.96 7.99
C TYR A 250 10.22 -19.70 6.66
N LEU A 251 10.12 -18.98 5.55
CA LEU A 251 10.42 -19.53 4.22
C LEU A 251 11.78 -20.20 4.17
N SER A 252 12.77 -19.59 4.82
CA SER A 252 14.10 -20.14 4.90
C SER A 252 14.14 -21.27 5.88
N TYR A 253 13.57 -21.05 7.05
CA TYR A 253 13.64 -22.05 8.08
C TYR A 253 13.02 -23.33 7.56
N ALA A 254 11.79 -23.20 7.10
CA ALA A 254 11.04 -24.31 6.55
C ALA A 254 11.82 -24.98 5.44
N LEU A 255 12.57 -24.19 4.68
CA LEU A 255 13.28 -24.79 3.58
C LEU A 255 14.42 -25.67 4.06
N LYS A 256 15.18 -25.20 5.06
CA LYS A 256 16.30 -25.99 5.59
C LYS A 256 15.83 -27.29 6.19
N ASN A 257 14.74 -27.25 6.95
CA ASN A 257 14.43 -28.34 7.85
C ASN A 257 13.24 -29.18 7.38
N ASP A 258 13.00 -29.15 6.07
CA ASP A 258 11.99 -30.00 5.39
C ASP A 258 10.57 -29.94 5.96
N LYS A 259 10.15 -28.73 6.33
CA LYS A 259 8.86 -28.50 6.93
C LYS A 259 7.95 -27.77 5.93
N LEU A 260 6.67 -27.68 6.25
CA LEU A 260 5.71 -26.94 5.46
C LEU A 260 5.60 -25.49 5.85
N CYS A 261 5.73 -24.60 4.87
CA CYS A 261 5.22 -23.25 5.04
C CYS A 261 3.69 -23.19 5.11
N LEU A 262 3.17 -22.31 5.95
CA LEU A 262 1.76 -21.98 5.89
C LEU A 262 1.61 -20.51 5.58
N LEU A 263 0.80 -20.21 4.60
CA LEU A 263 0.58 -18.86 4.19
C LEU A 263 -0.82 -18.42 4.45
N ASP A 264 -0.98 -17.29 5.11
CA ASP A 264 -2.26 -16.70 5.39
C ASP A 264 -2.51 -15.52 4.51
N THR A 265 -3.68 -15.46 3.94
CA THR A 265 -4.00 -14.47 2.99
C THR A 265 -4.20 -13.18 3.70
N GLY A 266 -4.22 -13.23 5.01
CA GLY A 266 -4.23 -12.04 5.83
C GLY A 266 -2.94 -11.43 6.36
N HIS A 267 -1.82 -12.12 6.26
CA HIS A 267 -0.58 -11.78 6.91
C HIS A 267 0.50 -11.16 6.09
N TYR A 268 0.21 -10.50 4.99
CA TYR A 268 1.25 -9.91 4.18
C TYR A 268 1.07 -8.41 3.95
N HIS A 269 1.82 -7.83 3.04
CA HIS A 269 1.81 -6.39 2.82
C HIS A 269 0.54 -5.94 2.07
N PRO A 270 0.22 -4.63 2.09
CA PRO A 270 -0.82 -4.10 1.18
C PRO A 270 -0.50 -4.46 -0.27
N THR A 271 -1.49 -4.97 -0.97
CA THR A 271 -1.43 -5.40 -2.39
C THR A 271 -0.74 -6.74 -2.64
N GLU A 272 -0.11 -7.31 -1.62
CA GLU A 272 0.64 -8.60 -1.71
C GLU A 272 -0.25 -9.83 -1.70
N THR A 273 -0.09 -10.70 -2.70
CA THR A 273 -0.97 -11.88 -2.89
C THR A 273 -0.31 -13.23 -2.61
N VAL A 274 -1.03 -14.13 -1.95
CA VAL A 274 -0.59 -15.51 -1.87
C VAL A 274 -0.67 -16.19 -3.25
N SER A 275 -1.63 -15.82 -4.09
CA SER A 275 -1.76 -16.47 -5.39
C SER A 275 -0.44 -16.41 -6.11
N ASN A 276 0.20 -15.25 -6.07
CA ASN A 276 1.49 -15.12 -6.71
C ASN A 276 2.58 -16.02 -6.10
N LYS A 277 2.41 -16.45 -4.87
CA LYS A 277 3.45 -17.23 -4.18
C LYS A 277 3.35 -18.76 -4.43
N ILE A 278 2.13 -19.28 -4.50
CA ILE A 278 1.90 -20.69 -4.72
C ILE A 278 2.87 -21.39 -5.68
N SER A 279 2.97 -20.95 -6.94
CA SER A 279 3.81 -21.65 -7.93
C SER A 279 5.29 -21.56 -7.65
N ALA A 280 5.78 -20.45 -7.11
CA ALA A 280 7.20 -20.43 -6.74
C ALA A 280 7.45 -21.47 -5.64
N MET A 281 6.54 -21.57 -4.69
CA MET A 281 6.74 -22.36 -3.51
C MET A 281 6.71 -23.85 -3.83
N LEU A 282 5.84 -24.23 -4.77
CA LEU A 282 5.72 -25.63 -5.26
C LEU A 282 6.94 -26.19 -5.98
N LEU A 283 7.85 -25.31 -6.40
CA LEU A 283 9.04 -25.74 -7.12
C LEU A 283 10.09 -26.24 -6.16
N PHE A 284 9.91 -25.99 -4.89
CA PHE A 284 10.98 -26.21 -3.93
C PHE A 284 10.56 -26.93 -2.67
N HIS A 285 9.26 -27.14 -2.51
CA HIS A 285 8.73 -27.56 -1.23
C HIS A 285 7.96 -28.82 -1.35
N ASP A 286 7.10 -28.93 -2.37
CA ASP A 286 6.25 -30.12 -2.60
C ASP A 286 4.91 -30.22 -1.81
N LYS A 287 4.90 -29.73 -0.57
CA LYS A 287 3.63 -29.50 0.15
C LYS A 287 3.60 -28.13 0.84
N LEU A 288 2.41 -27.58 0.98
CA LEU A 288 2.23 -26.16 1.20
C LEU A 288 0.90 -26.01 1.88
N ALA A 289 0.88 -25.29 2.98
CA ALA A 289 -0.37 -25.06 3.69
C ALA A 289 -0.81 -23.62 3.58
N LEU A 290 -2.11 -23.41 3.36
CA LEU A 290 -2.64 -22.07 3.43
C LEU A 290 -3.92 -21.95 4.23
N HIS A 291 -4.03 -20.83 4.97
CA HIS A 291 -5.29 -20.41 5.61
C HIS A 291 -5.90 -19.27 4.84
N VAL A 292 -7.13 -19.43 4.41
CA VAL A 292 -7.80 -18.34 3.76
C VAL A 292 -8.61 -17.56 4.80
N SER A 293 -8.44 -16.22 4.80
CA SER A 293 -9.22 -15.27 5.58
C SER A 293 -9.27 -13.97 4.82
N ARG A 294 -10.30 -13.16 5.07
CA ARG A 294 -10.37 -11.87 4.41
C ARG A 294 -9.68 -10.80 5.24
N PRO A 295 -8.59 -10.23 4.77
CA PRO A 295 -8.12 -9.01 5.35
C PRO A 295 -8.91 -7.85 4.81
N VAL A 296 -9.27 -6.97 5.71
CA VAL A 296 -9.86 -5.71 5.38
C VAL A 296 -9.03 -4.70 6.09
N ARG A 297 -7.79 -4.63 5.63
CA ARG A 297 -6.83 -3.66 6.08
C ARG A 297 -6.02 -4.04 7.36
N TRP A 298 -6.19 -5.24 7.87
CA TRP A 298 -5.30 -5.82 8.85
C TRP A 298 -5.60 -7.27 8.97
N ASP A 299 -4.82 -8.13 9.66
CA ASP A 299 -5.25 -9.52 9.81
C ASP A 299 -6.54 -9.46 10.60
N SER A 300 -7.61 -9.18 9.86
CA SER A 300 -8.87 -8.90 10.48
C SER A 300 -9.82 -10.07 10.61
N ASP A 301 -9.53 -11.13 9.90
CA ASP A 301 -10.24 -12.39 9.96
C ASP A 301 -11.65 -12.35 9.53
N HIS A 302 -11.93 -11.57 8.54
CA HIS A 302 -13.26 -11.53 7.99
C HIS A 302 -13.61 -12.83 7.27
N VAL A 303 -14.90 -13.07 7.07
CA VAL A 303 -15.36 -14.30 6.44
C VAL A 303 -14.94 -14.33 4.98
N VAL A 304 -14.38 -15.45 4.54
CA VAL A 304 -13.96 -15.58 3.16
C VAL A 304 -15.06 -15.40 2.15
N THR A 305 -14.78 -14.61 1.12
CA THR A 305 -15.75 -14.30 0.09
C THR A 305 -15.23 -14.70 -1.26
N PHE A 306 -16.15 -14.95 -2.18
CA PHE A 306 -15.82 -15.35 -3.55
C PHE A 306 -15.33 -14.10 -4.27
N ASP A 307 -14.06 -13.75 -4.04
CA ASP A 307 -13.45 -12.56 -4.68
C ASP A 307 -12.38 -12.93 -5.67
N ASP A 308 -11.71 -11.91 -6.22
CA ASP A 308 -10.74 -12.14 -7.27
C ASP A 308 -9.54 -12.92 -6.77
N GLU A 309 -9.01 -12.53 -5.61
CA GLU A 309 -7.88 -13.24 -5.01
C GLU A 309 -8.24 -14.68 -4.62
N LEU A 310 -9.49 -14.95 -4.26
CA LEU A 310 -9.80 -16.33 -3.97
C LEU A 310 -9.82 -17.18 -5.24
N ARG A 311 -10.46 -16.66 -6.27
CA ARG A 311 -10.43 -17.22 -7.61
C ARG A 311 -8.98 -17.41 -8.13
N GLU A 312 -8.13 -16.42 -7.92
CA GLU A 312 -6.77 -16.54 -8.37
C GLU A 312 -5.99 -17.57 -7.53
N ILE A 313 -6.46 -17.86 -6.34
CA ILE A 313 -5.80 -18.84 -5.53
C ILE A 313 -6.25 -20.21 -6.03
N ALA A 314 -7.57 -20.36 -6.23
CA ALA A 314 -8.12 -21.62 -6.78
C ALA A 314 -7.47 -21.89 -8.13
N LEU A 315 -7.52 -20.93 -9.03
CA LEU A 315 -6.89 -21.09 -10.33
C LEU A 315 -5.49 -21.65 -10.21
N GLU A 316 -4.65 -20.95 -9.45
CA GLU A 316 -3.31 -21.38 -9.24
C GLU A 316 -3.36 -22.85 -8.72
N ILE A 317 -4.18 -23.17 -7.70
CA ILE A 317 -4.12 -24.56 -7.15
C ILE A 317 -4.46 -25.63 -8.20
N VAL A 318 -5.46 -25.38 -9.03
CA VAL A 318 -6.00 -26.42 -9.92
C VAL A 318 -5.09 -26.60 -11.11
N ARG A 319 -4.62 -25.47 -11.64
CA ARG A 319 -3.79 -25.33 -12.83
C ARG A 319 -2.44 -25.95 -12.63
N ASN A 320 -1.90 -25.83 -11.42
CA ASN A 320 -0.56 -26.33 -11.09
C ASN A 320 -0.65 -27.79 -10.65
N ASP A 321 -1.79 -28.41 -10.96
CA ASP A 321 -2.10 -29.77 -10.53
C ASP A 321 -1.69 -30.05 -9.05
N ALA A 322 -2.20 -29.24 -8.13
CA ALA A 322 -1.77 -29.27 -6.74
C ALA A 322 -2.87 -29.56 -5.75
N LEU A 323 -4.00 -30.11 -6.21
CA LEU A 323 -5.12 -30.40 -5.29
C LEU A 323 -4.77 -31.35 -4.15
N ASP A 324 -3.69 -32.10 -4.29
CA ASP A 324 -3.20 -32.95 -3.22
C ASP A 324 -1.91 -32.42 -2.65
N ARG A 325 -1.51 -31.19 -2.98
CA ARG A 325 -0.24 -30.63 -2.47
C ARG A 325 -0.44 -29.34 -1.66
N VAL A 326 -1.59 -28.70 -1.87
CA VAL A 326 -2.01 -27.54 -1.05
C VAL A 326 -3.09 -27.97 -0.10
N LEU A 327 -2.80 -27.89 1.19
CA LEU A 327 -3.77 -28.27 2.23
C LEU A 327 -4.63 -27.05 2.54
N ILE A 328 -5.80 -26.93 1.94
CA ILE A 328 -6.59 -25.72 2.17
C ILE A 328 -7.22 -25.68 3.56
N GLY A 329 -6.94 -24.62 4.29
CA GLY A 329 -7.60 -24.41 5.57
C GLY A 329 -8.28 -23.07 5.65
N LEU A 330 -9.29 -22.95 6.47
CA LEU A 330 -9.96 -21.70 6.70
C LEU A 330 -9.47 -21.13 7.99
N ASP A 331 -9.44 -19.81 8.08
CA ASP A 331 -9.07 -19.16 9.31
C ASP A 331 -9.85 -17.89 9.30
N PHE A 332 -10.92 -17.79 10.07
CA PHE A 332 -11.60 -16.48 10.16
C PHE A 332 -12.51 -16.35 11.36
N PHE A 333 -12.65 -15.12 11.84
CA PHE A 333 -13.45 -14.85 13.05
C PHE A 333 -14.21 -13.51 13.06
N ASP A 334 -15.50 -13.62 12.77
CA ASP A 334 -16.42 -12.52 12.84
C ASP A 334 -17.44 -12.92 13.86
N ALA A 335 -17.51 -12.19 14.97
CA ALA A 335 -18.51 -12.47 16.01
C ALA A 335 -19.77 -11.66 15.83
N SER A 336 -19.83 -10.86 14.77
CA SER A 336 -20.94 -9.92 14.59
C SER A 336 -22.17 -10.55 13.97
N ILE A 337 -21.98 -11.74 13.41
CA ILE A 337 -22.98 -12.44 12.59
C ILE A 337 -23.04 -13.91 13.01
N ASN A 338 -24.10 -14.60 12.58
CA ASN A 338 -24.29 -16.02 12.90
C ASN A 338 -23.04 -16.93 12.68
N ARG A 339 -22.58 -17.59 13.75
CA ARG A 339 -21.35 -18.36 13.63
C ARG A 339 -21.44 -19.54 12.71
N ILE A 340 -22.63 -20.11 12.55
CA ILE A 340 -22.79 -21.25 11.61
C ILE A 340 -22.81 -20.73 10.18
N ALA A 341 -23.60 -19.69 9.95
CA ALA A 341 -23.58 -19.00 8.65
C ALA A 341 -22.14 -18.65 8.24
N ALA A 342 -21.32 -18.13 9.16
CA ALA A 342 -19.88 -17.87 8.94
C ALA A 342 -19.17 -19.05 8.30
N TRP A 343 -19.19 -20.18 9.00
CA TRP A 343 -18.48 -21.35 8.55
C TRP A 343 -19.00 -21.68 7.18
N THR A 344 -20.32 -21.58 7.02
CA THR A 344 -20.91 -22.17 5.82
C THR A 344 -20.71 -21.25 4.65
N ILE A 345 -20.79 -19.94 4.87
CA ILE A 345 -20.51 -18.96 3.81
C ILE A 345 -19.06 -19.17 3.38
N GLY A 346 -18.16 -19.10 4.34
CA GLY A 346 -16.73 -19.24 4.08
C GLY A 346 -16.44 -20.52 3.32
N THR A 347 -16.89 -21.65 3.83
CA THR A 347 -16.39 -22.89 3.27
C THR A 347 -17.00 -23.07 1.89
N ARG A 348 -18.30 -22.78 1.79
CA ARG A 348 -18.96 -22.84 0.50
C ARG A 348 -18.32 -21.87 -0.52
N ASN A 349 -17.72 -20.79 -0.07
CA ASN A 349 -17.00 -19.95 -1.01
C ASN A 349 -15.71 -20.57 -1.56
N VAL A 350 -14.91 -21.21 -0.73
CA VAL A 350 -13.64 -21.74 -1.27
C VAL A 350 -13.91 -22.89 -2.24
N ILE A 351 -14.94 -23.68 -1.96
CA ILE A 351 -15.34 -24.75 -2.87
C ILE A 351 -15.86 -24.21 -4.20
N LYS A 352 -16.74 -23.21 -4.16
CA LYS A 352 -17.20 -22.62 -5.41
C LYS A 352 -16.06 -22.15 -6.25
N ALA A 353 -15.04 -21.66 -5.58
CA ALA A 353 -13.88 -21.11 -6.24
C ALA A 353 -13.09 -22.25 -6.85
N LEU A 354 -12.89 -23.32 -6.09
CA LEU A 354 -12.24 -24.46 -6.68
C LEU A 354 -13.00 -24.88 -7.92
N LEU A 355 -14.33 -24.88 -7.83
CA LEU A 355 -15.16 -25.40 -8.91
C LEU A 355 -14.98 -24.55 -10.14
N PHE A 356 -15.00 -23.24 -9.95
CA PHE A 356 -14.84 -22.32 -11.03
C PHE A 356 -13.50 -22.56 -11.69
N ALA A 357 -12.48 -22.85 -10.90
CA ALA A 357 -11.19 -23.02 -11.48
C ALA A 357 -11.09 -24.38 -12.17
N MET A 358 -11.93 -25.30 -11.80
CA MET A 358 -11.93 -26.61 -12.44
C MET A 358 -12.58 -26.48 -13.81
N LEU A 359 -13.56 -25.57 -13.93
CA LEU A 359 -14.27 -25.35 -15.20
C LEU A 359 -13.64 -24.33 -16.17
N ILE A 360 -12.31 -24.30 -16.22
CA ILE A 360 -11.60 -23.30 -17.01
C ILE A 360 -10.67 -23.99 -18.02
N PRO A 361 -10.62 -23.45 -19.26
CA PRO A 361 -9.83 -24.02 -20.37
C PRO A 361 -8.32 -23.79 -20.27
N HIS A 362 -7.68 -24.46 -19.34
CA HIS A 362 -6.28 -24.21 -19.08
C HIS A 362 -5.42 -24.46 -20.29
N LYS A 363 -5.66 -25.56 -20.98
CA LYS A 363 -4.80 -25.99 -22.08
C LYS A 363 -4.83 -24.94 -23.21
N GLN A 364 -6.03 -24.48 -23.61
CA GLN A 364 -6.10 -23.44 -24.65
C GLN A 364 -5.47 -22.15 -24.15
N LEU A 365 -5.75 -21.82 -22.88
CA LEU A 365 -5.17 -20.63 -22.27
C LEU A 365 -3.65 -20.67 -22.16
N LYS A 366 -3.09 -21.85 -21.85
CA LYS A 366 -1.66 -21.92 -21.65
C LYS A 366 -0.93 -21.84 -23.00
N GLU A 367 -1.50 -22.54 -23.97
CA GLU A 367 -0.99 -22.59 -25.31
C GLU A 367 -1.12 -21.21 -26.00
N TRP A 368 -2.12 -20.40 -25.61
CA TRP A 368 -2.21 -19.01 -26.10
C TRP A 368 -1.13 -18.09 -25.52
N GLN A 369 -0.82 -18.26 -24.24
CA GLN A 369 0.25 -17.47 -23.62
C GLN A 369 1.61 -17.98 -24.06
N GLU A 370 1.69 -19.29 -24.26
CA GLU A 370 2.88 -19.94 -24.80
C GLU A 370 3.21 -19.42 -26.20
N THR A 371 2.19 -19.10 -27.00
CA THR A 371 2.40 -18.63 -28.35
C THR A 371 2.13 -17.15 -28.54
N GLY A 372 2.02 -16.38 -27.46
CA GLY A 372 1.98 -14.92 -27.58
C GLY A 372 0.64 -14.22 -27.82
N ASP A 373 -0.40 -15.01 -28.03
CA ASP A 373 -1.79 -14.56 -28.23
C ASP A 373 -2.43 -14.05 -26.91
N TYR A 374 -1.99 -12.87 -26.48
CA TYR A 374 -2.42 -12.34 -25.20
C TYR A 374 -3.85 -11.84 -25.28
N THR A 375 -4.20 -11.36 -26.47
CA THR A 375 -5.55 -10.96 -26.87
C THR A 375 -6.59 -11.98 -26.44
N ARG A 376 -6.58 -13.16 -27.03
CA ARG A 376 -7.62 -14.12 -26.58
C ARG A 376 -7.40 -14.62 -25.14
N ARG A 377 -6.17 -14.64 -24.65
CA ARG A 377 -5.99 -15.04 -23.27
C ARG A 377 -6.84 -14.15 -22.38
N LEU A 378 -6.82 -12.84 -22.64
CA LEU A 378 -7.63 -11.92 -21.87
C LEU A 378 -9.13 -12.07 -22.16
N ALA A 379 -9.51 -11.89 -23.42
CA ALA A 379 -10.92 -12.13 -23.84
C ALA A 379 -11.53 -13.34 -23.13
N VAL A 380 -10.99 -14.54 -23.32
CA VAL A 380 -11.56 -15.73 -22.66
C VAL A 380 -11.50 -15.82 -21.12
N LEU A 381 -10.37 -15.51 -20.50
CA LEU A 381 -10.37 -15.40 -19.01
C LEU A 381 -11.57 -14.53 -18.61
N GLU A 382 -11.78 -13.45 -19.35
CA GLU A 382 -12.90 -12.56 -19.11
C GLU A 382 -14.29 -13.14 -19.45
N GLU A 383 -14.40 -13.95 -20.50
CA GLU A 383 -15.72 -14.47 -20.90
C GLU A 383 -16.25 -15.52 -19.92
N PHE A 384 -15.36 -16.38 -19.47
CA PHE A 384 -15.76 -17.40 -18.52
C PHE A 384 -16.34 -16.84 -17.23
N LYS A 385 -16.24 -15.54 -17.02
CA LYS A 385 -16.82 -14.95 -15.83
C LYS A 385 -18.35 -14.91 -15.92
N THR A 386 -18.92 -15.09 -17.13
CA THR A 386 -20.39 -15.12 -17.26
C THR A 386 -20.98 -16.48 -17.63
N TYR A 387 -20.10 -17.48 -17.77
CA TYR A 387 -20.53 -18.87 -17.95
C TYR A 387 -21.33 -19.32 -16.73
N PRO A 388 -22.21 -20.33 -16.91
CA PRO A 388 -23.15 -20.71 -15.83
C PRO A 388 -22.52 -21.59 -14.76
N LEU A 389 -21.76 -20.95 -13.85
CA LEU A 389 -21.23 -21.64 -12.69
C LEU A 389 -22.38 -22.12 -11.80
N GLY A 390 -23.43 -21.30 -11.67
CA GLY A 390 -24.53 -21.57 -10.74
C GLY A 390 -25.29 -22.86 -11.02
N ALA A 391 -25.50 -23.15 -12.31
CA ALA A 391 -26.19 -24.37 -12.75
C ALA A 391 -25.44 -25.66 -12.39
N ILE A 392 -24.11 -25.65 -12.50
CA ILE A 392 -23.22 -26.72 -11.95
C ILE A 392 -23.07 -26.63 -10.42
N TRP A 393 -22.84 -25.43 -9.91
CA TRP A 393 -22.76 -25.22 -8.47
C TRP A 393 -23.97 -25.77 -7.76
N ASN A 394 -25.16 -25.37 -8.22
CA ASN A 394 -26.41 -25.91 -7.69
C ASN A 394 -26.57 -27.43 -7.81
N GLU A 395 -26.29 -27.98 -8.99
CA GLU A 395 -26.40 -29.43 -9.19
C GLU A 395 -25.56 -30.16 -8.19
N TYR A 396 -24.31 -29.71 -8.10
CA TYR A 396 -23.34 -30.25 -7.15
C TYR A 396 -23.93 -30.28 -5.73
N CYS A 397 -24.43 -29.14 -5.26
CA CYS A 397 -25.04 -29.03 -3.92
C CYS A 397 -26.17 -30.05 -3.64
N GLU A 398 -26.98 -30.35 -4.66
CA GLU A 398 -28.00 -31.40 -4.52
C GLU A 398 -27.35 -32.77 -4.42
N ARG A 399 -26.44 -33.06 -5.34
CA ARG A 399 -25.82 -34.36 -5.37
C ARG A 399 -25.16 -34.61 -4.07
N MET A 400 -24.85 -33.53 -3.36
CA MET A 400 -24.07 -33.63 -2.13
C MET A 400 -24.92 -33.42 -0.87
N ASN A 401 -26.24 -33.31 -1.07
CA ASN A 401 -27.22 -33.29 0.01
C ASN A 401 -27.15 -32.06 0.91
N VAL A 402 -26.87 -30.93 0.29
CA VAL A 402 -26.84 -29.68 1.02
C VAL A 402 -27.80 -28.71 0.36
N PRO A 403 -28.43 -27.82 1.17
CA PRO A 403 -29.35 -26.79 0.62
C PRO A 403 -28.75 -25.99 -0.56
N ILE A 404 -29.55 -25.63 -1.56
CA ILE A 404 -28.98 -25.13 -2.83
C ILE A 404 -28.62 -23.66 -3.08
N LYS A 405 -29.40 -22.70 -2.57
CA LYS A 405 -28.93 -21.32 -2.80
C LYS A 405 -28.83 -20.52 -1.52
N GLU A 406 -29.92 -19.82 -1.19
CA GLU A 406 -30.04 -19.19 0.11
C GLU A 406 -30.78 -20.14 1.01
N GLU A 407 -31.24 -21.26 0.44
CA GLU A 407 -32.02 -22.22 1.21
C GLU A 407 -31.34 -22.55 2.53
N TRP A 408 -30.01 -22.44 2.56
CA TRP A 408 -29.30 -22.88 3.74
C TRP A 408 -29.50 -21.95 4.94
N LEU A 409 -29.89 -20.71 4.65
CA LEU A 409 -30.29 -19.79 5.69
C LEU A 409 -31.44 -20.35 6.52
N LYS A 410 -32.38 -21.04 5.86
CA LYS A 410 -33.55 -21.59 6.54
C LYS A 410 -33.14 -22.52 7.67
N GLU A 411 -32.14 -23.35 7.43
CA GLU A 411 -31.74 -24.34 8.42
C GLU A 411 -31.08 -23.65 9.58
N ILE A 412 -30.31 -22.62 9.28
CA ILE A 412 -29.68 -21.83 10.32
C ILE A 412 -30.78 -21.24 11.18
N ALA A 413 -31.75 -20.57 10.55
CA ALA A 413 -32.84 -19.89 11.29
C ALA A 413 -33.56 -20.85 12.23
N ILE A 414 -33.91 -22.02 11.72
CA ILE A 414 -34.56 -23.03 12.52
C ILE A 414 -33.69 -23.42 13.69
N TYR A 415 -32.37 -23.46 13.47
CA TYR A 415 -31.44 -24.04 14.41
C TYR A 415 -31.17 -23.06 15.52
N GLU A 416 -30.98 -21.81 15.14
CA GLU A 416 -30.76 -20.74 16.09
C GLU A 416 -31.92 -20.59 17.05
N LYS A 417 -33.13 -20.62 16.50
CA LYS A 417 -34.33 -20.50 17.30
C LYS A 417 -34.31 -21.55 18.40
N GLU A 418 -34.32 -22.83 18.02
CA GLU A 418 -34.59 -23.88 19.00
C GLU A 418 -33.42 -24.23 19.92
N VAL A 419 -32.20 -24.11 19.38
CA VAL A 419 -31.01 -24.44 20.18
C VAL A 419 -30.06 -23.28 20.37
N LEU A 420 -29.51 -22.76 19.27
CA LEU A 420 -28.57 -21.64 19.42
C LEU A 420 -29.08 -20.65 20.49
N LEU A 421 -30.41 -20.49 20.63
CA LEU A 421 -30.94 -19.50 21.58
C LEU A 421 -31.57 -20.05 22.87
N GLN A 422 -31.15 -21.25 23.28
CA GLN A 422 -31.47 -21.83 24.62
C GLN A 422 -30.58 -21.21 25.67
N ARG A 423 -29.28 -21.40 25.46
CA ARG A 423 -28.18 -21.17 26.41
C ARG A 423 -28.19 -19.75 27.00
N SER B 11 38.26 21.44 17.03
CA SER B 11 37.44 21.85 18.20
C SER B 11 36.03 21.30 18.06
N GLN B 12 35.24 21.90 17.17
CA GLN B 12 33.93 21.37 16.75
C GLN B 12 33.88 19.81 16.81
N PHE B 13 34.79 19.16 16.09
CA PHE B 13 34.93 17.71 16.08
C PHE B 13 35.32 17.18 17.44
N GLU B 14 36.18 17.89 18.15
CA GLU B 14 36.65 17.36 19.42
C GLU B 14 35.49 17.41 20.42
N ARG B 15 34.71 18.49 20.36
CA ARG B 15 33.50 18.65 21.17
C ARG B 15 32.45 17.54 20.82
N ALA B 16 32.18 17.34 19.53
CA ALA B 16 31.30 16.25 19.10
C ALA B 16 31.79 14.90 19.64
N LYS B 17 33.08 14.64 19.45
CA LYS B 17 33.73 13.39 19.88
C LYS B 17 33.45 13.06 21.34
N ILE B 18 33.48 14.07 22.19
CA ILE B 18 33.26 13.89 23.62
C ILE B 18 31.83 13.44 23.87
N GLU B 19 30.90 13.96 23.07
CA GLU B 19 29.50 13.66 23.27
C GLU B 19 29.18 12.21 22.96
N TYR B 20 29.80 11.66 21.92
CA TYR B 20 29.59 10.26 21.63
C TYR B 20 30.39 9.39 22.59
N GLY B 21 31.49 9.96 23.07
CA GLY B 21 32.45 9.30 23.96
C GLY B 21 31.81 9.01 25.29
N GLN B 22 30.96 9.92 25.74
CA GLN B 22 30.18 9.67 26.97
C GLN B 22 29.41 8.35 26.98
N TRP B 23 29.04 7.82 25.82
CA TRP B 23 28.29 6.55 25.73
C TRP B 23 29.17 5.33 25.57
N GLY B 24 30.48 5.51 25.51
CA GLY B 24 31.41 4.42 25.32
C GLY B 24 31.67 4.18 23.85
N ILE B 25 31.24 5.15 23.03
CA ILE B 25 31.38 5.16 21.56
C ILE B 25 32.72 5.76 21.08
N ASP B 26 33.65 4.90 20.71
CA ASP B 26 34.92 5.35 20.16
C ASP B 26 34.73 5.78 18.71
N VAL B 27 34.74 7.08 18.47
CA VAL B 27 34.54 7.58 17.12
C VAL B 27 35.76 7.37 16.24
N GLU B 28 36.96 7.45 16.83
CA GLU B 28 38.19 7.15 16.12
C GLU B 28 38.17 5.75 15.52
N GLU B 29 37.59 4.81 16.26
CA GLU B 29 37.49 3.43 15.81
C GLU B 29 36.44 3.31 14.71
N ALA B 30 35.30 3.97 14.89
CA ALA B 30 34.24 3.95 13.88
C ALA B 30 34.75 4.43 12.51
N LEU B 31 35.53 5.51 12.53
CA LEU B 31 36.11 6.09 11.32
C LEU B 31 37.13 5.14 10.69
N GLU B 32 37.92 4.51 11.53
CA GLU B 32 38.88 3.53 11.09
C GLU B 32 38.18 2.42 10.30
N ARG B 33 37.07 1.89 10.84
CA ARG B 33 36.32 0.84 10.13
C ARG B 33 35.50 1.36 8.94
N LEU B 34 35.12 2.63 8.97
CA LEU B 34 34.32 3.21 7.90
C LEU B 34 35.16 3.43 6.67
N LYS B 35 36.43 3.74 6.89
CA LYS B 35 37.40 3.92 5.82
C LYS B 35 37.48 2.68 4.93
N GLN B 36 37.25 1.50 5.50
CA GLN B 36 37.41 0.26 4.76
C GLN B 36 36.14 -0.32 4.12
N VAL B 37 34.98 0.33 4.18
CA VAL B 37 33.86 -0.37 3.56
C VAL B 37 33.71 0.06 2.12
N PRO B 38 33.74 -0.92 1.21
CA PRO B 38 33.54 -0.63 -0.19
C PRO B 38 32.07 -0.38 -0.54
N ILE B 39 31.83 0.51 -1.50
CA ILE B 39 30.49 0.74 -2.01
C ILE B 39 30.58 0.60 -3.53
N SER B 40 29.84 -0.36 -4.06
CA SER B 40 29.87 -0.68 -5.48
C SER B 40 28.96 0.21 -6.28
N ILE B 41 29.56 1.17 -6.97
CA ILE B 41 28.85 2.15 -7.79
C ILE B 41 28.56 1.68 -9.23
N HIS B 42 27.29 1.77 -9.62
CA HIS B 42 26.83 1.37 -10.94
C HIS B 42 27.30 2.32 -12.05
N CYS B 43 27.71 1.73 -13.16
CA CYS B 43 28.16 2.47 -14.32
C CYS B 43 26.99 3.06 -15.11
N ALA B 44 25.82 2.40 -15.04
CA ALA B 44 24.65 2.82 -15.80
C ALA B 44 24.43 4.33 -15.71
N GLN B 45 24.62 4.90 -14.53
CA GLN B 45 24.31 6.31 -14.28
C GLN B 45 25.08 7.33 -15.16
N GLY B 46 26.23 6.91 -15.69
CA GLY B 46 27.13 7.82 -16.42
C GLY B 46 26.69 8.17 -17.82
N ASP B 47 26.17 7.19 -18.55
CA ASP B 47 25.70 7.38 -19.93
C ASP B 47 24.21 7.05 -20.09
N ASP B 48 23.43 7.15 -19.00
CA ASP B 48 22.01 6.81 -19.04
C ASP B 48 21.77 5.44 -19.67
N VAL B 49 22.50 4.42 -19.16
CA VAL B 49 22.38 3.03 -19.59
C VAL B 49 22.71 2.76 -21.07
N GLY B 50 23.44 3.64 -21.73
CA GLY B 50 23.84 3.44 -23.13
C GLY B 50 24.71 2.22 -23.38
N GLY B 51 25.93 2.23 -22.87
CA GLY B 51 26.84 1.09 -23.05
C GLY B 51 27.49 1.21 -24.40
N PHE B 52 28.25 0.20 -24.81
CA PHE B 52 29.04 0.32 -26.05
C PHE B 52 28.79 -0.71 -27.15
N GLU B 53 27.62 -1.37 -27.09
CA GLU B 53 27.18 -2.36 -28.07
C GLU B 53 26.94 -1.64 -29.41
N LEU B 54 27.43 -2.26 -30.50
CA LEU B 54 27.41 -1.61 -31.82
C LEU B 54 26.06 -0.96 -32.20
N SER B 55 24.98 -1.72 -31.98
CA SER B 55 23.61 -1.19 -32.07
C SER B 55 23.21 -0.58 -30.71
N GLY B 67 16.35 15.91 -24.65
CA GLY B 67 15.36 15.48 -23.66
C GLY B 67 15.85 15.63 -22.22
N ASP B 68 16.66 14.66 -21.79
CA ASP B 68 17.25 14.65 -20.45
C ASP B 68 18.40 15.68 -20.32
N TYR B 69 19.08 15.67 -19.17
CA TYR B 69 20.08 16.67 -18.79
C TYR B 69 21.33 16.55 -19.65
N PRO B 70 22.00 17.67 -19.99
CA PRO B 70 23.20 17.57 -20.85
C PRO B 70 24.44 16.97 -20.16
N GLY B 71 25.46 16.67 -20.96
CA GLY B 71 26.76 16.24 -20.47
C GLY B 71 26.95 14.75 -20.25
N LYS B 72 26.08 13.92 -20.81
CA LYS B 72 26.21 12.48 -20.56
C LYS B 72 27.35 11.87 -21.36
N ALA B 73 28.08 10.97 -20.70
CA ALA B 73 29.13 10.15 -21.31
C ALA B 73 28.64 9.38 -22.55
N THR B 74 29.56 9.06 -23.46
CA THR B 74 29.18 8.62 -24.80
C THR B 74 30.12 7.54 -25.25
N THR B 75 31.27 7.49 -24.58
CA THR B 75 32.41 6.66 -24.98
C THR B 75 33.00 6.03 -23.72
N PRO B 76 33.68 4.89 -23.86
CA PRO B 76 34.39 4.39 -22.70
C PRO B 76 35.26 5.47 -22.01
N GLU B 77 35.97 6.26 -22.80
CA GLU B 77 36.89 7.24 -22.26
C GLU B 77 36.15 8.30 -21.42
N GLU B 78 34.98 8.69 -21.88
CA GLU B 78 34.22 9.73 -21.20
C GLU B 78 33.65 9.21 -19.90
N LEU B 79 33.25 7.95 -19.92
CA LEU B 79 32.69 7.32 -18.74
C LEU B 79 33.74 7.04 -17.64
N ARG B 80 34.97 6.70 -18.02
CA ARG B 80 35.99 6.46 -17.00
C ARG B 80 36.35 7.75 -16.28
N MET B 81 36.38 8.86 -17.02
CA MET B 81 36.70 10.17 -16.44
C MET B 81 35.61 10.62 -15.45
N ASP B 82 34.37 10.40 -15.87
CA ASP B 82 33.19 10.62 -15.05
C ASP B 82 33.19 9.80 -13.75
N LEU B 83 33.44 8.50 -13.83
CA LEU B 83 33.64 7.74 -12.60
C LEU B 83 34.78 8.31 -11.78
N GLU B 84 35.90 8.60 -12.42
CA GLU B 84 37.00 9.15 -11.63
C GLU B 84 36.59 10.46 -10.96
N LYS B 85 35.75 11.26 -11.61
CA LYS B 85 35.47 12.55 -11.05
C LYS B 85 34.76 12.27 -9.75
N ALA B 86 33.70 11.49 -9.86
CA ALA B 86 32.85 11.23 -8.75
C ALA B 86 33.62 10.53 -7.64
N LEU B 87 34.43 9.52 -7.98
CA LEU B 87 35.15 8.80 -6.93
C LEU B 87 35.93 9.80 -6.12
N SER B 88 36.34 10.88 -6.76
CA SER B 88 37.26 11.81 -6.16
C SER B 88 36.51 12.75 -5.25
N LEU B 89 35.18 12.71 -5.28
CA LEU B 89 34.39 13.51 -4.35
C LEU B 89 33.69 12.65 -3.31
N ILE B 90 33.88 11.35 -3.41
CA ILE B 90 33.33 10.37 -2.47
C ILE B 90 34.47 9.82 -1.63
N PRO B 91 34.36 10.01 -0.30
CA PRO B 91 35.43 9.59 0.61
C PRO B 91 35.55 8.09 0.60
N GLY B 92 36.79 7.59 0.65
CA GLY B 92 37.09 6.17 0.79
C GLY B 92 37.52 5.45 -0.48
N LYS B 93 37.43 4.13 -0.48
CA LYS B 93 37.81 3.37 -1.66
C LYS B 93 36.71 2.36 -1.90
N HIS B 94 36.32 2.27 -3.17
CA HIS B 94 35.11 1.61 -3.56
C HIS B 94 35.31 0.81 -4.80
N ARG B 95 34.22 0.33 -5.39
CA ARG B 95 34.30 -0.52 -6.54
C ARG B 95 33.35 0.04 -7.57
N VAL B 96 33.45 -0.49 -8.78
CA VAL B 96 32.58 -0.12 -9.88
C VAL B 96 31.85 -1.39 -10.30
N ASN B 97 30.56 -1.23 -10.62
CA ASN B 97 29.65 -2.32 -10.89
C ASN B 97 29.28 -2.30 -12.39
N LEU B 98 29.77 -3.28 -13.12
CA LEU B 98 29.73 -3.20 -14.58
C LEU B 98 28.67 -4.10 -15.15
N HIS B 99 28.08 -3.65 -16.26
CA HIS B 99 27.18 -4.48 -17.06
C HIS B 99 27.89 -4.97 -18.32
N ALA B 100 27.49 -6.15 -18.81
CA ALA B 100 27.98 -6.73 -20.08
C ALA B 100 27.90 -5.83 -21.35
N ILE B 101 26.91 -4.94 -21.43
CA ILE B 101 26.80 -4.08 -22.62
C ILE B 101 27.88 -3.02 -22.59
N TYR B 102 28.61 -2.97 -21.48
CA TYR B 102 29.80 -2.11 -21.35
C TYR B 102 31.09 -2.71 -21.91
N ALA B 103 30.95 -3.85 -22.60
CA ALA B 103 32.06 -4.50 -23.30
C ALA B 103 32.64 -3.59 -24.35
N GLU B 104 33.96 -3.68 -24.46
CA GLU B 104 34.72 -2.95 -25.45
C GLU B 104 35.28 -3.99 -26.41
N THR B 105 34.45 -4.36 -27.36
CA THR B 105 34.84 -5.19 -28.47
C THR B 105 35.83 -4.25 -29.13
N ASP B 106 36.41 -4.60 -30.26
CA ASP B 106 37.22 -3.57 -30.90
C ASP B 106 36.20 -2.57 -31.46
N GLY B 107 36.16 -2.42 -32.76
CA GLY B 107 34.98 -1.81 -33.36
C GLY B 107 34.19 -2.95 -33.96
N LYS B 108 34.41 -4.15 -33.40
CA LYS B 108 34.11 -5.44 -34.03
C LYS B 108 32.66 -5.89 -34.17
N VAL B 109 31.85 -5.84 -33.09
CA VAL B 109 30.47 -6.42 -33.00
C VAL B 109 30.53 -7.89 -32.58
N VAL B 110 30.28 -8.17 -31.30
CA VAL B 110 30.33 -9.56 -30.85
C VAL B 110 29.09 -9.93 -30.04
N GLU B 111 28.47 -11.06 -30.36
CA GLU B 111 27.23 -11.40 -29.71
C GLU B 111 27.38 -11.65 -28.20
N ARG B 112 26.33 -11.34 -27.45
CA ARG B 112 26.37 -11.40 -25.98
C ARG B 112 26.82 -12.76 -25.41
N ASP B 113 26.43 -13.85 -26.07
CA ASP B 113 26.92 -15.19 -25.73
C ASP B 113 28.41 -15.41 -26.07
N GLN B 114 29.01 -14.47 -26.80
CA GLN B 114 30.37 -14.61 -27.27
C GLN B 114 31.34 -13.63 -26.62
N LEU B 115 30.84 -12.88 -25.65
CA LEU B 115 31.66 -11.99 -24.86
C LEU B 115 32.71 -12.79 -24.08
N GLU B 116 33.92 -12.22 -23.97
CA GLU B 116 35.07 -12.84 -23.29
C GLU B 116 35.83 -11.86 -22.38
N PRO B 117 36.62 -12.38 -21.40
CA PRO B 117 37.39 -11.49 -20.52
C PRO B 117 38.10 -10.36 -21.25
N ARG B 118 38.74 -10.71 -22.36
CA ARG B 118 39.47 -9.74 -23.16
C ARG B 118 38.56 -8.61 -23.67
N HIS B 119 37.25 -8.77 -23.55
CA HIS B 119 36.36 -7.66 -23.89
C HIS B 119 36.22 -6.70 -22.72
N PHE B 120 36.87 -7.01 -21.60
CA PHE B 120 36.80 -6.11 -20.46
C PHE B 120 38.16 -5.82 -19.86
N GLU B 121 39.20 -5.96 -20.67
CA GLU B 121 40.51 -5.89 -20.08
C GLU B 121 40.98 -4.48 -19.85
N LYS B 122 40.50 -3.54 -20.66
CA LYS B 122 40.75 -2.12 -20.34
C LYS B 122 40.05 -1.79 -19.01
N TRP B 123 38.82 -2.25 -18.84
CA TRP B 123 38.15 -2.04 -17.58
C TRP B 123 39.00 -2.49 -16.41
N VAL B 124 39.48 -3.73 -16.46
CA VAL B 124 40.31 -4.25 -15.37
C VAL B 124 41.55 -3.39 -15.16
N ARG B 125 42.37 -3.22 -16.22
CA ARG B 125 43.59 -2.42 -16.13
C ARG B 125 43.36 -1.12 -15.37
N TRP B 126 42.31 -0.42 -15.78
CA TRP B 126 41.90 0.84 -15.18
C TRP B 126 41.62 0.77 -13.67
N ALA B 127 40.90 -0.26 -13.23
CA ALA B 127 40.64 -0.43 -11.81
C ALA B 127 41.88 -0.80 -11.03
N LYS B 128 42.80 -1.56 -11.65
CA LYS B 128 44.07 -1.90 -11.00
C LYS B 128 44.79 -0.57 -10.73
N ARG B 129 44.69 0.30 -11.73
CA ARG B 129 45.38 1.55 -11.72
C ARG B 129 44.78 2.49 -10.65
N HIS B 130 43.52 2.26 -10.27
CA HIS B 130 42.84 3.13 -9.30
C HIS B 130 42.49 2.46 -7.98
N GLY B 131 42.98 1.25 -7.76
CA GLY B 131 42.69 0.51 -6.54
C GLY B 131 41.24 0.09 -6.35
N LEU B 132 40.54 -0.20 -7.45
CA LEU B 132 39.08 -0.50 -7.43
C LEU B 132 38.73 -1.96 -7.63
N GLY B 133 37.73 -2.42 -6.92
CA GLY B 133 37.17 -3.74 -7.23
C GLY B 133 36.21 -3.59 -8.39
N LEU B 134 35.95 -4.70 -9.08
CA LEU B 134 34.95 -4.73 -10.15
C LEU B 134 33.85 -5.71 -9.83
N ASP B 135 32.60 -5.36 -10.12
CA ASP B 135 31.48 -6.28 -9.97
C ASP B 135 30.83 -6.47 -11.34
N PHE B 136 30.15 -7.60 -11.53
CA PHE B 136 29.60 -7.85 -12.88
C PHE B 136 28.09 -8.12 -12.95
N ASN B 137 27.53 -8.04 -14.16
CA ASN B 137 26.12 -8.28 -14.48
C ASN B 137 25.97 -8.70 -15.90
N PRO B 138 25.43 -9.90 -16.18
CA PRO B 138 24.99 -10.13 -17.56
C PRO B 138 23.86 -9.18 -17.91
N THR B 139 23.76 -8.77 -19.16
CA THR B 139 22.66 -7.88 -19.54
C THR B 139 21.61 -8.64 -20.32
N LEU B 140 20.42 -8.76 -19.75
CA LEU B 140 19.37 -9.53 -20.39
C LEU B 140 18.23 -8.67 -20.90
N PHE B 141 18.49 -7.39 -21.15
CA PHE B 141 17.45 -6.53 -21.72
C PHE B 141 17.94 -5.75 -22.95
N SER B 142 17.05 -4.91 -23.51
CA SER B 142 17.30 -4.15 -24.76
C SER B 142 18.02 -4.93 -25.83
N HIS B 143 17.31 -5.88 -26.43
CA HIS B 143 17.89 -6.88 -27.33
C HIS B 143 16.79 -7.67 -28.04
N GLU B 144 17.04 -8.03 -29.31
CA GLU B 144 16.11 -8.84 -30.11
C GLU B 144 15.68 -10.09 -29.42
N LYS B 145 16.65 -10.82 -28.87
CA LYS B 145 16.34 -12.06 -28.15
C LYS B 145 15.83 -11.80 -26.71
N ALA B 146 15.37 -10.57 -26.46
CA ALA B 146 14.68 -10.25 -25.21
C ALA B 146 13.39 -9.48 -25.45
N LYS B 147 12.99 -9.31 -26.71
CA LYS B 147 11.85 -8.47 -27.07
C LYS B 147 10.46 -9.09 -26.79
N ASP B 148 10.37 -10.39 -26.52
CA ASP B 148 9.08 -10.95 -26.12
C ASP B 148 8.90 -10.88 -24.61
N GLY B 149 9.86 -10.28 -23.90
CA GLY B 149 9.78 -10.02 -22.47
C GLY B 149 10.12 -11.24 -21.63
N LEU B 150 10.48 -12.31 -22.30
CA LEU B 150 10.99 -13.52 -21.66
C LEU B 150 12.39 -13.78 -22.18
N THR B 151 13.16 -14.50 -21.39
CA THR B 151 14.60 -14.51 -21.59
C THR B 151 15.20 -15.84 -21.12
N LEU B 152 15.40 -15.98 -19.82
CA LEU B 152 15.88 -17.24 -19.29
C LEU B 152 14.70 -18.15 -19.21
N ALA B 153 13.50 -17.57 -19.40
CA ALA B 153 12.24 -18.34 -19.34
C ALA B 153 11.40 -18.34 -20.62
N HIS B 154 11.94 -17.80 -21.71
CA HIS B 154 11.26 -17.87 -23.00
C HIS B 154 10.89 -19.31 -23.34
N PRO B 155 9.70 -19.53 -23.92
CA PRO B 155 9.31 -20.88 -24.38
C PRO B 155 10.24 -21.55 -25.42
N ASP B 156 10.94 -20.76 -26.24
CA ASP B 156 11.81 -21.25 -27.33
C ASP B 156 13.16 -21.66 -26.79
N GLN B 157 13.50 -22.93 -26.89
CA GLN B 157 14.77 -23.41 -26.28
C GLN B 157 16.01 -22.70 -26.82
N ALA B 158 15.93 -22.29 -28.06
CA ALA B 158 17.03 -21.58 -28.68
C ALA B 158 17.23 -20.18 -28.10
N ILE B 159 16.15 -19.55 -27.64
CA ILE B 159 16.25 -18.29 -26.88
C ILE B 159 16.91 -18.53 -25.49
N ARG B 160 16.36 -19.46 -24.72
CA ARG B 160 16.91 -19.76 -23.41
C ARG B 160 18.41 -20.06 -23.46
N GLN B 161 18.81 -20.91 -24.41
CA GLN B 161 20.23 -21.33 -24.53
C GLN B 161 21.15 -20.18 -24.78
N PHE B 162 20.68 -19.23 -25.58
CA PHE B 162 21.45 -18.06 -25.88
C PHE B 162 21.73 -17.37 -24.56
N TRP B 163 20.66 -17.11 -23.80
CA TRP B 163 20.80 -16.46 -22.50
C TRP B 163 21.54 -17.28 -21.43
N ILE B 164 21.36 -18.59 -21.44
CA ILE B 164 22.13 -19.47 -20.57
C ILE B 164 23.65 -19.23 -20.84
N ASP B 165 24.03 -19.33 -22.12
CA ASP B 165 25.43 -19.21 -22.48
C ASP B 165 25.90 -17.86 -22.04
N HIS B 166 25.06 -16.86 -22.25
CA HIS B 166 25.48 -15.49 -22.00
C HIS B 166 25.80 -15.26 -20.53
N CYS B 167 25.05 -15.92 -19.67
CA CYS B 167 25.26 -15.72 -18.25
C CYS B 167 26.52 -16.49 -17.89
N ILE B 168 26.66 -17.68 -18.47
CA ILE B 168 27.87 -18.45 -18.29
C ILE B 168 29.10 -17.60 -18.71
N ALA B 169 29.05 -17.02 -19.91
CA ALA B 169 30.12 -16.11 -20.35
C ALA B 169 30.38 -15.03 -19.29
N SER B 170 29.29 -14.46 -18.77
CA SER B 170 29.41 -13.45 -17.75
C SER B 170 30.09 -13.97 -16.47
N ARG B 171 29.78 -15.18 -16.04
CA ARG B 171 30.41 -15.71 -14.83
C ARG B 171 31.92 -15.82 -15.04
N LYS B 172 32.30 -16.08 -16.28
CA LYS B 172 33.71 -16.30 -16.60
C LYS B 172 34.45 -14.97 -16.53
N ILE B 173 33.77 -13.92 -16.95
CA ILE B 173 34.29 -12.59 -16.79
C ILE B 173 34.37 -12.23 -15.33
N GLY B 174 33.34 -12.55 -14.57
CA GLY B 174 33.37 -12.37 -13.13
C GLY B 174 34.59 -13.00 -12.51
N GLU B 175 34.98 -14.16 -13.02
CA GLU B 175 36.11 -14.88 -12.50
C GLU B 175 37.39 -14.11 -12.80
N TYR B 176 37.44 -13.55 -14.00
CA TYR B 176 38.55 -12.75 -14.47
C TYR B 176 38.84 -11.60 -13.50
N PHE B 177 37.79 -10.86 -13.13
CA PHE B 177 37.94 -9.69 -12.28
C PHE B 177 38.51 -10.07 -10.94
N GLY B 178 37.91 -11.05 -10.29
CA GLY B 178 38.38 -11.53 -8.99
C GLY B 178 39.84 -11.99 -8.99
N LYS B 179 40.23 -12.70 -10.05
CA LYS B 179 41.59 -13.18 -10.27
C LYS B 179 42.53 -12.00 -10.44
N GLU B 180 42.23 -11.18 -11.47
CA GLU B 180 43.03 -10.03 -11.81
C GLU B 180 43.13 -9.04 -10.67
N LEU B 181 42.00 -8.76 -10.02
CA LEU B 181 41.91 -7.67 -9.02
C LEU B 181 42.19 -8.14 -7.61
N GLU B 182 42.19 -9.45 -7.40
CA GLU B 182 42.44 -10.04 -6.08
C GLU B 182 41.38 -9.60 -5.05
N THR B 183 40.15 -9.52 -5.53
CA THR B 183 39.02 -9.27 -4.69
C THR B 183 37.87 -9.93 -5.42
N PRO B 184 37.08 -10.77 -4.71
CA PRO B 184 36.00 -11.49 -5.38
C PRO B 184 35.13 -10.52 -6.14
N CYS B 185 34.69 -10.92 -7.32
CA CYS B 185 33.70 -10.16 -8.07
C CYS B 185 32.34 -10.79 -7.86
N LEU B 186 31.31 -9.97 -7.68
CA LEU B 186 29.96 -10.50 -7.62
C LEU B 186 29.22 -10.38 -8.94
N THR B 187 28.80 -11.52 -9.47
CA THR B 187 28.08 -11.51 -10.72
C THR B 187 26.61 -11.80 -10.44
N ASN B 188 25.83 -10.73 -10.52
CA ASN B 188 24.43 -10.78 -10.20
C ASN B 188 23.58 -10.98 -11.43
N ILE B 189 22.62 -11.88 -11.36
CA ILE B 189 21.74 -12.09 -12.50
C ILE B 189 20.41 -11.35 -12.25
N TRP B 190 20.07 -10.46 -13.16
CA TRP B 190 18.74 -9.93 -13.17
C TRP B 190 18.08 -10.03 -14.53
N ILE B 191 16.86 -10.55 -14.54
CA ILE B 191 16.08 -10.70 -15.76
C ILE B 191 14.76 -9.91 -15.80
N PRO B 192 14.33 -9.46 -17.00
CA PRO B 192 13.10 -8.66 -17.03
C PRO B 192 11.88 -9.52 -17.09
N ASP B 193 12.07 -10.82 -17.22
CA ASP B 193 11.01 -11.76 -17.53
C ASP B 193 9.69 -11.58 -16.76
N GLY B 194 8.63 -11.24 -17.49
CA GLY B 194 7.28 -11.43 -16.98
C GLY B 194 6.19 -11.33 -18.04
N TYR B 195 4.96 -11.08 -17.60
CA TYR B 195 3.94 -10.58 -18.49
C TYR B 195 3.32 -9.27 -17.96
N LYS B 196 3.03 -8.35 -18.89
CA LYS B 196 2.23 -7.15 -18.64
C LYS B 196 0.85 -7.46 -18.05
N ASP B 197 0.12 -8.37 -18.71
CA ASP B 197 -1.26 -8.66 -18.38
C ASP B 197 -1.34 -10.02 -17.68
N THR B 198 -2.53 -10.38 -17.17
CA THR B 198 -2.69 -11.56 -16.30
C THR B 198 -2.26 -12.87 -16.98
N PRO B 199 -1.27 -13.55 -16.38
CA PRO B 199 -0.76 -14.79 -16.89
C PRO B 199 -1.83 -15.85 -16.70
N SER B 200 -1.85 -16.85 -17.58
CA SER B 200 -2.77 -17.97 -17.44
C SER B 200 -2.00 -19.15 -16.88
N ASP B 201 -0.73 -18.90 -16.58
CA ASP B 201 0.16 -19.90 -16.04
C ASP B 201 1.30 -19.16 -15.38
N ARG B 202 1.43 -19.38 -14.07
CA ARG B 202 2.50 -18.81 -13.30
C ARG B 202 3.62 -19.84 -13.09
N LEU B 203 3.27 -21.12 -13.22
CA LEU B 203 4.15 -22.21 -12.83
C LEU B 203 5.17 -22.51 -13.90
N THR B 204 4.70 -22.81 -15.11
CA THR B 204 5.61 -23.26 -16.18
C THR B 204 6.74 -22.27 -16.59
N PRO B 205 6.50 -20.95 -16.50
CA PRO B 205 7.65 -20.05 -16.69
C PRO B 205 8.73 -20.16 -15.62
N ARG B 206 8.34 -20.39 -14.38
CA ARG B 206 9.33 -20.46 -13.31
C ARG B 206 10.13 -21.77 -13.33
N LYS B 207 9.46 -22.88 -13.60
CA LYS B 207 10.13 -24.16 -13.83
C LYS B 207 11.32 -23.95 -14.77
N ARG B 208 11.11 -23.11 -15.78
CA ARG B 208 12.09 -22.87 -16.84
C ARG B 208 13.24 -22.00 -16.33
N LEU B 209 12.92 -20.96 -15.59
CA LEU B 209 13.99 -20.19 -14.94
C LEU B 209 14.88 -21.12 -14.13
N LYS B 210 14.26 -22.00 -13.33
CA LYS B 210 15.01 -22.91 -12.49
C LYS B 210 15.97 -23.79 -13.30
N GLU B 211 15.47 -24.35 -14.38
CA GLU B 211 16.27 -25.22 -15.22
C GLU B 211 17.39 -24.43 -15.95
N SER B 212 17.08 -23.21 -16.38
CA SER B 212 18.07 -22.29 -16.94
C SER B 212 19.16 -21.94 -15.92
N LEU B 213 18.79 -21.66 -14.68
CA LEU B 213 19.78 -21.29 -13.68
C LEU B 213 20.66 -22.48 -13.29
N ASP B 214 20.06 -23.66 -13.16
CA ASP B 214 20.78 -24.92 -12.89
C ASP B 214 21.91 -25.09 -13.90
N GLN B 215 21.57 -24.84 -15.15
CA GLN B 215 22.48 -24.98 -16.25
C GLN B 215 23.56 -23.91 -16.19
N ILE B 216 23.15 -22.70 -15.81
CA ILE B 216 24.05 -21.54 -15.76
C ILE B 216 25.13 -21.70 -14.70
N PHE B 217 24.72 -22.29 -13.57
CA PHE B 217 25.55 -22.44 -12.39
C PHE B 217 26.20 -23.81 -12.34
N ALA B 218 26.08 -24.58 -13.42
CA ALA B 218 26.69 -25.92 -13.49
C ALA B 218 28.20 -25.96 -13.15
N ALA B 219 29.04 -25.15 -13.83
CA ALA B 219 30.49 -25.11 -13.54
C ALA B 219 30.85 -24.38 -12.23
N GLU B 220 31.67 -24.98 -11.38
CA GLU B 220 32.07 -24.26 -10.17
C GLU B 220 33.23 -23.32 -10.42
N ILE B 221 33.15 -22.15 -9.75
CA ILE B 221 34.18 -21.13 -9.82
C ILE B 221 34.57 -20.80 -8.39
N ASN B 222 35.86 -20.57 -8.15
CA ASN B 222 36.39 -20.36 -6.81
C ASN B 222 35.80 -19.10 -6.18
N GLU B 223 35.30 -19.24 -4.95
CA GLU B 223 34.63 -18.13 -4.22
C GLU B 223 35.57 -16.94 -3.98
N ALA B 224 36.87 -17.16 -4.06
CA ALA B 224 37.77 -16.04 -3.95
C ALA B 224 37.81 -15.19 -5.25
N TYR B 225 37.34 -15.73 -6.37
CA TYR B 225 37.37 -14.99 -7.67
C TYR B 225 35.99 -14.45 -8.06
N ASN B 226 34.97 -15.28 -7.90
CA ASN B 226 33.61 -14.91 -8.24
C ASN B 226 32.55 -15.42 -7.25
N LEU B 227 31.48 -14.65 -7.11
CA LEU B 227 30.28 -15.13 -6.42
C LEU B 227 29.11 -14.88 -7.36
N ASP B 228 28.06 -15.65 -7.18
CA ASP B 228 26.83 -15.40 -7.95
C ASP B 228 25.73 -14.87 -7.03
N ALA B 229 24.89 -14.00 -7.61
CA ALA B 229 23.71 -13.51 -6.92
C ALA B 229 22.51 -13.41 -7.86
N VAL B 230 21.34 -13.64 -7.29
CA VAL B 230 20.12 -13.54 -8.04
C VAL B 230 19.25 -12.42 -7.45
N GLU B 231 18.62 -11.66 -8.34
CA GLU B 231 17.92 -10.46 -7.92
C GLU B 231 16.45 -10.53 -8.31
N SER B 232 15.58 -10.54 -7.28
CA SER B 232 14.12 -10.43 -7.50
C SER B 232 13.61 -9.03 -7.83
N LYS B 233 12.36 -9.01 -8.32
CA LYS B 233 11.61 -7.78 -8.63
C LYS B 233 10.11 -8.16 -8.69
N LEU B 234 9.26 -7.19 -8.38
CA LEU B 234 7.86 -7.46 -8.17
C LEU B 234 7.07 -7.08 -9.43
N PHE B 235 7.55 -6.03 -10.11
CA PHE B 235 6.96 -5.57 -11.38
C PHE B 235 7.85 -4.59 -12.07
N GLY B 236 7.64 -4.37 -13.36
CA GLY B 236 8.33 -3.32 -14.11
C GLY B 236 7.29 -2.76 -15.05
N ILE B 237 7.73 -1.92 -15.98
CA ILE B 237 6.84 -1.43 -17.02
C ILE B 237 6.75 -2.50 -18.11
N GLY B 238 5.53 -2.93 -18.46
CA GLY B 238 5.31 -4.07 -19.38
C GLY B 238 5.52 -5.38 -18.67
N SER B 239 5.75 -5.26 -17.36
CA SER B 239 6.11 -6.38 -16.51
C SER B 239 5.19 -6.30 -15.31
N GLU B 240 4.00 -5.74 -15.55
CA GLU B 240 3.13 -5.25 -14.49
C GLU B 240 2.41 -6.36 -13.69
N SER B 241 1.91 -7.41 -14.35
CA SER B 241 1.01 -8.38 -13.74
C SER B 241 1.69 -9.54 -13.08
N TYR B 242 2.96 -9.72 -13.40
CA TYR B 242 3.63 -10.92 -13.00
C TYR B 242 5.04 -10.97 -13.57
N VAL B 243 5.95 -11.49 -12.73
CA VAL B 243 7.37 -11.47 -12.97
C VAL B 243 7.93 -12.79 -12.50
N VAL B 244 8.59 -13.49 -13.42
CA VAL B 244 9.04 -14.86 -13.16
C VAL B 244 9.94 -14.90 -11.92
N GLY B 245 10.94 -14.03 -11.89
CA GLY B 245 11.93 -14.05 -10.81
C GLY B 245 11.34 -13.32 -9.62
N SER B 246 10.31 -13.93 -9.04
CA SER B 246 9.70 -13.43 -7.81
C SER B 246 10.65 -13.60 -6.61
N HIS B 247 10.34 -12.85 -5.55
CA HIS B 247 11.04 -12.92 -4.27
C HIS B 247 11.07 -14.34 -3.66
N GLU B 248 9.99 -15.11 -3.83
CA GLU B 248 9.93 -16.46 -3.29
C GLU B 248 10.75 -17.41 -4.14
N PHE B 249 10.77 -17.22 -5.45
CA PHE B 249 11.56 -18.12 -6.28
C PHE B 249 13.06 -18.01 -5.94
N TYR B 250 13.60 -16.80 -6.03
CA TYR B 250 15.02 -16.52 -5.76
C TYR B 250 15.51 -16.79 -4.36
N LEU B 251 14.71 -16.51 -3.36
CA LEU B 251 15.05 -16.85 -1.99
C LEU B 251 15.17 -18.37 -1.79
N SER B 252 14.17 -19.12 -2.29
CA SER B 252 14.24 -20.55 -2.36
C SER B 252 15.44 -21.05 -3.17
N TYR B 253 15.55 -20.61 -4.42
CA TYR B 253 16.64 -21.06 -5.30
C TYR B 253 18.02 -20.83 -4.66
N ALA B 254 18.26 -19.60 -4.25
CA ALA B 254 19.53 -19.21 -3.66
C ALA B 254 19.84 -20.07 -2.46
N LEU B 255 18.82 -20.35 -1.65
CA LEU B 255 19.07 -21.18 -0.48
C LEU B 255 19.42 -22.63 -0.85
N LYS B 256 18.74 -23.21 -1.83
CA LYS B 256 19.00 -24.60 -2.26
C LYS B 256 20.35 -24.76 -2.90
N ASN B 257 20.76 -23.74 -3.63
CA ASN B 257 21.96 -23.81 -4.45
C ASN B 257 23.17 -23.07 -3.90
N ASP B 258 23.09 -22.66 -2.64
CA ASP B 258 24.17 -21.95 -1.94
C ASP B 258 24.68 -20.76 -2.76
N LYS B 259 23.75 -19.87 -3.14
CA LYS B 259 24.02 -18.65 -3.91
C LYS B 259 23.59 -17.42 -3.10
N LEU B 260 24.01 -16.24 -3.54
CA LEU B 260 23.59 -15.02 -2.87
C LEU B 260 22.25 -14.46 -3.39
N CYS B 261 21.42 -14.02 -2.45
CA CYS B 261 20.30 -13.15 -2.76
C CYS B 261 20.70 -11.72 -2.72
N LEU B 262 20.33 -11.00 -3.77
CA LEU B 262 20.57 -9.56 -3.80
C LEU B 262 19.23 -8.86 -3.68
N LEU B 263 19.14 -7.91 -2.75
CA LEU B 263 17.90 -7.20 -2.49
C LEU B 263 18.10 -5.76 -2.90
N ASP B 264 17.10 -5.26 -3.64
CA ASP B 264 17.04 -3.94 -4.21
C ASP B 264 15.89 -3.19 -3.50
N THR B 265 16.25 -2.14 -2.75
CA THR B 265 15.27 -1.40 -1.92
C THR B 265 14.05 -0.86 -2.68
N GLY B 266 14.10 -0.87 -4.01
CA GLY B 266 12.98 -0.33 -4.79
C GLY B 266 12.10 -1.39 -5.43
N HIS B 267 12.34 -2.64 -5.05
CA HIS B 267 11.85 -3.76 -5.80
C HIS B 267 10.77 -4.58 -5.10
N TYR B 268 9.97 -3.98 -4.21
CA TYR B 268 9.00 -4.78 -3.44
C TYR B 268 7.64 -4.13 -3.34
N HIS B 269 6.88 -4.55 -2.33
CA HIS B 269 5.53 -4.08 -2.13
C HIS B 269 5.51 -2.71 -1.44
N PRO B 270 4.45 -1.90 -1.66
CA PRO B 270 4.34 -0.66 -0.93
C PRO B 270 4.50 -0.95 0.55
N THR B 271 5.27 -0.11 1.23
CA THR B 271 5.59 -0.24 2.68
C THR B 271 6.51 -1.43 3.08
N GLU B 272 6.90 -2.25 2.10
CA GLU B 272 7.82 -3.40 2.35
C GLU B 272 9.28 -2.95 2.41
N THR B 273 9.97 -3.37 3.46
CA THR B 273 11.30 -2.84 3.77
C THR B 273 12.36 -3.91 3.74
N VAL B 274 13.44 -3.57 3.05
CA VAL B 274 14.58 -4.41 2.99
C VAL B 274 15.18 -4.57 4.41
N SER B 275 15.11 -3.51 5.23
CA SER B 275 15.74 -3.52 6.57
C SER B 275 15.25 -4.69 7.40
N ASN B 276 13.93 -4.85 7.44
CA ASN B 276 13.32 -5.96 8.15
C ASN B 276 13.77 -7.36 7.69
N LYS B 277 14.41 -7.44 6.52
CA LYS B 277 14.80 -8.75 5.93
C LYS B 277 16.23 -9.13 6.23
N ILE B 278 17.09 -8.14 6.43
CA ILE B 278 18.52 -8.44 6.60
C ILE B 278 18.79 -9.42 7.74
N SER B 279 18.12 -9.23 8.85
CA SER B 279 18.33 -10.03 10.05
C SER B 279 18.05 -11.53 9.84
N ALA B 280 16.93 -11.84 9.19
CA ALA B 280 16.58 -13.21 8.95
C ALA B 280 17.46 -13.83 7.87
N MET B 281 17.73 -13.07 6.83
CA MET B 281 18.58 -13.53 5.76
C MET B 281 19.93 -14.00 6.31
N LEU B 282 20.56 -13.17 7.13
CA LEU B 282 21.84 -13.47 7.76
C LEU B 282 21.82 -14.70 8.66
N LEU B 283 20.64 -15.18 9.04
CA LEU B 283 20.57 -16.37 9.88
C LEU B 283 20.79 -17.65 9.08
N PHE B 284 20.72 -17.54 7.75
CA PHE B 284 20.69 -18.71 6.88
C PHE B 284 21.62 -18.62 5.70
N HIS B 285 22.12 -17.45 5.41
CA HIS B 285 22.87 -17.38 4.19
C HIS B 285 24.30 -17.28 4.57
N ASP B 286 24.68 -16.23 5.28
CA ASP B 286 26.09 -15.97 5.59
C ASP B 286 26.56 -14.77 4.80
N LYS B 287 26.21 -14.71 3.52
CA LYS B 287 26.60 -13.61 2.63
C LYS B 287 25.36 -13.08 1.89
N LEU B 288 25.24 -11.77 1.83
CA LEU B 288 24.00 -11.13 1.38
C LEU B 288 24.35 -9.94 0.50
N ALA B 289 23.64 -9.76 -0.61
CA ALA B 289 24.01 -8.69 -1.54
C ALA B 289 22.96 -7.60 -1.60
N LEU B 290 23.37 -6.33 -1.65
CA LEU B 290 22.32 -5.35 -1.82
C LEU B 290 22.46 -4.17 -2.77
N HIS B 291 21.33 -3.72 -3.30
CA HIS B 291 21.25 -2.52 -4.13
C HIS B 291 20.37 -1.45 -3.51
N VAL B 292 20.93 -0.27 -3.32
CA VAL B 292 20.19 0.82 -2.72
C VAL B 292 19.67 1.78 -3.81
N SER B 293 18.34 1.79 -3.96
CA SER B 293 17.55 2.64 -4.87
C SER B 293 16.59 3.50 -4.05
N ARG B 294 16.25 4.70 -4.53
CA ARG B 294 15.09 5.32 -3.96
C ARG B 294 13.81 5.10 -4.79
N PRO B 295 12.95 4.14 -4.35
CA PRO B 295 11.66 3.96 -4.97
C PRO B 295 10.81 5.18 -4.65
N VAL B 296 10.18 5.74 -5.68
CA VAL B 296 9.14 6.71 -5.42
C VAL B 296 7.91 6.21 -6.15
N ARG B 297 7.16 5.32 -5.46
CA ARG B 297 5.88 4.73 -5.92
C ARG B 297 5.94 3.66 -7.01
N TRP B 298 7.09 3.54 -7.68
CA TRP B 298 7.40 2.37 -8.51
C TRP B 298 8.93 2.16 -8.45
N ASP B 299 9.48 1.13 -9.11
CA ASP B 299 10.97 0.92 -9.15
C ASP B 299 11.67 1.95 -10.09
N SER B 300 11.75 3.18 -9.58
CA SER B 300 11.96 4.39 -10.37
C SER B 300 13.41 4.86 -10.45
N ASP B 301 14.23 4.44 -9.48
CA ASP B 301 15.67 4.74 -9.47
C ASP B 301 15.94 6.21 -9.25
N HIS B 302 15.45 6.71 -8.12
CA HIS B 302 15.81 8.05 -7.67
C HIS B 302 17.05 7.91 -6.84
N VAL B 303 17.88 8.95 -6.82
CA VAL B 303 19.14 8.94 -6.09
C VAL B 303 18.79 8.64 -4.66
N VAL B 304 19.64 7.85 -4.03
CA VAL B 304 19.41 7.50 -2.66
C VAL B 304 19.52 8.75 -1.80
N THR B 305 18.58 8.90 -0.89
CA THR B 305 18.65 10.03 0.02
C THR B 305 18.88 9.42 1.38
N PHE B 306 19.37 10.26 2.30
CA PHE B 306 19.69 9.86 3.65
C PHE B 306 18.37 9.81 4.40
N ASP B 307 17.62 8.73 4.19
CA ASP B 307 16.27 8.62 4.74
C ASP B 307 16.12 7.60 5.90
N ASP B 308 14.95 7.60 6.52
CA ASP B 308 14.63 6.58 7.55
C ASP B 308 15.01 5.14 7.15
N GLU B 309 14.54 4.66 6.00
CA GLU B 309 14.84 3.28 5.60
C GLU B 309 16.32 3.10 5.44
N LEU B 310 16.98 4.13 4.89
CA LEU B 310 18.40 4.08 4.67
C LEU B 310 19.09 3.94 5.99
N ARG B 311 18.85 4.86 6.90
CA ARG B 311 19.35 4.69 8.27
C ARG B 311 19.08 3.28 8.83
N GLU B 312 17.82 2.88 8.76
CA GLU B 312 17.41 1.63 9.29
C GLU B 312 18.26 0.50 8.71
N ILE B 313 18.37 0.41 7.38
CA ILE B 313 19.26 -0.57 6.76
C ILE B 313 20.63 -0.55 7.43
N ALA B 314 21.18 0.65 7.62
CA ALA B 314 22.54 0.81 8.13
C ALA B 314 22.70 0.27 9.56
N LEU B 315 21.81 0.72 10.46
CA LEU B 315 21.69 0.14 11.80
C LEU B 315 21.75 -1.37 11.75
N GLU B 316 20.89 -1.92 10.90
CA GLU B 316 20.75 -3.36 10.80
C GLU B 316 22.11 -3.97 10.38
N ILE B 317 22.79 -3.35 9.40
CA ILE B 317 24.09 -3.84 8.93
C ILE B 317 25.13 -3.71 10.03
N VAL B 318 25.02 -2.69 10.87
CA VAL B 318 26.03 -2.49 11.93
C VAL B 318 25.80 -3.34 13.20
N ARG B 319 24.60 -3.28 13.79
CA ARG B 319 24.28 -4.08 14.98
C ARG B 319 24.57 -5.53 14.73
N ASN B 320 24.27 -5.97 13.51
CA ASN B 320 24.32 -7.38 13.17
C ASN B 320 25.72 -7.89 12.85
N ASP B 321 26.71 -6.97 12.83
CA ASP B 321 28.09 -7.33 12.61
C ASP B 321 28.27 -7.81 11.20
N ALA B 322 27.63 -7.14 10.27
CA ALA B 322 27.59 -7.65 8.91
C ALA B 322 28.26 -6.75 7.86
N LEU B 323 29.28 -6.00 8.25
CA LEU B 323 29.91 -5.11 7.28
C LEU B 323 30.63 -5.91 6.17
N ASP B 324 31.25 -7.00 6.59
CA ASP B 324 31.85 -7.94 5.70
C ASP B 324 30.85 -8.91 5.10
N ARG B 325 29.60 -8.88 5.54
CA ARG B 325 28.63 -9.94 5.20
C ARG B 325 27.57 -9.36 4.27
N VAL B 326 27.48 -8.04 4.21
CA VAL B 326 26.53 -7.42 3.31
C VAL B 326 27.28 -6.60 2.29
N LEU B 327 27.24 -7.07 1.05
CA LEU B 327 27.84 -6.41 -0.09
C LEU B 327 27.01 -5.25 -0.62
N ILE B 328 27.41 -4.03 -0.28
CA ILE B 328 26.60 -2.86 -0.60
C ILE B 328 26.83 -2.30 -2.02
N GLY B 329 25.85 -2.51 -2.90
CA GLY B 329 25.86 -1.84 -4.21
C GLY B 329 24.86 -0.68 -4.38
N LEU B 330 25.15 0.19 -5.32
CA LEU B 330 24.19 1.26 -5.66
C LEU B 330 23.54 0.95 -6.99
N ASP B 331 22.27 1.29 -7.09
CA ASP B 331 21.58 1.19 -8.34
C ASP B 331 20.58 2.30 -8.40
N PHE B 332 20.87 3.31 -9.20
CA PHE B 332 19.85 4.27 -9.59
C PHE B 332 20.22 4.96 -10.89
N PHE B 333 19.23 5.67 -11.44
CA PHE B 333 19.42 6.27 -12.74
C PHE B 333 18.46 7.46 -12.86
N ASP B 334 19.01 8.66 -12.63
CA ASP B 334 18.28 9.94 -12.70
C ASP B 334 18.88 10.77 -13.84
N ALA B 335 18.11 10.93 -14.91
CA ALA B 335 18.67 11.60 -16.09
C ALA B 335 18.34 13.10 -16.07
N SER B 336 17.64 13.54 -15.01
CA SER B 336 17.10 14.89 -14.92
C SER B 336 18.05 15.86 -14.23
N ILE B 337 19.07 15.33 -13.56
CA ILE B 337 20.08 16.17 -12.91
C ILE B 337 21.51 15.88 -13.38
N ASN B 338 22.49 16.59 -12.81
CA ASN B 338 23.88 16.32 -13.09
C ASN B 338 24.28 14.91 -12.63
N ARG B 339 24.94 14.18 -13.52
CA ARG B 339 25.11 12.74 -13.31
C ARG B 339 26.19 12.51 -12.29
N ILE B 340 27.16 13.42 -12.26
CA ILE B 340 28.27 13.29 -11.34
C ILE B 340 27.77 13.64 -9.94
N ALA B 341 27.00 14.70 -9.85
CA ALA B 341 26.20 14.98 -8.67
C ALA B 341 25.38 13.76 -8.22
N ALA B 342 24.69 13.08 -9.15
CA ALA B 342 23.89 11.92 -8.74
C ALA B 342 24.75 10.94 -7.93
N TRP B 343 25.84 10.49 -8.54
CA TRP B 343 26.71 9.53 -7.94
C TRP B 343 27.20 10.01 -6.60
N THR B 344 27.67 11.25 -6.55
CA THR B 344 28.24 11.73 -5.30
C THR B 344 27.21 11.97 -4.17
N ILE B 345 26.00 12.42 -4.53
CA ILE B 345 24.92 12.50 -3.54
C ILE B 345 24.49 11.11 -3.01
N GLY B 346 24.36 10.12 -3.90
CA GLY B 346 23.91 8.79 -3.52
C GLY B 346 24.91 8.01 -2.68
N THR B 347 26.18 8.13 -3.02
CA THR B 347 27.18 7.39 -2.25
C THR B 347 27.45 8.01 -0.89
N ARG B 348 27.58 9.33 -0.83
CA ARG B 348 27.91 9.96 0.43
C ARG B 348 26.81 9.68 1.43
N ASN B 349 25.58 9.69 0.95
CA ASN B 349 24.43 9.34 1.77
C ASN B 349 24.53 7.99 2.43
N VAL B 350 24.89 6.98 1.64
CA VAL B 350 24.94 5.65 2.22
C VAL B 350 26.11 5.52 3.15
N ILE B 351 27.21 6.19 2.83
CA ILE B 351 28.33 6.24 3.77
C ILE B 351 27.82 6.93 5.03
N LYS B 352 27.28 8.13 4.85
CA LYS B 352 26.69 8.86 5.96
C LYS B 352 25.87 8.00 6.93
N ALA B 353 25.03 7.13 6.38
CA ALA B 353 24.17 6.33 7.20
C ALA B 353 24.98 5.28 7.93
N LEU B 354 26.01 4.73 7.27
CA LEU B 354 26.82 3.76 7.98
C LEU B 354 27.44 4.45 9.17
N LEU B 355 27.89 5.67 8.95
CA LEU B 355 28.51 6.43 10.02
C LEU B 355 27.52 6.60 11.14
N PHE B 356 26.29 6.96 10.79
CA PHE B 356 25.29 7.26 11.80
C PHE B 356 25.12 6.03 12.69
N ALA B 357 24.95 4.89 12.06
CA ALA B 357 24.77 3.63 12.78
C ALA B 357 26.00 3.29 13.59
N MET B 358 27.15 3.83 13.22
CA MET B 358 28.33 3.44 13.95
C MET B 358 28.31 4.21 15.25
N LEU B 359 27.65 5.37 15.22
CA LEU B 359 27.69 6.24 16.38
C LEU B 359 26.44 6.10 17.21
N ILE B 360 25.97 4.85 17.34
CA ILE B 360 24.77 4.50 18.11
C ILE B 360 25.14 3.61 19.31
N PRO B 361 24.53 3.85 20.49
CA PRO B 361 24.83 3.08 21.70
C PRO B 361 24.10 1.74 21.69
N HIS B 362 24.54 0.86 20.80
CA HIS B 362 23.85 -0.37 20.56
C HIS B 362 23.71 -1.23 21.79
N LYS B 363 24.76 -1.34 22.60
CA LYS B 363 24.70 -2.22 23.79
C LYS B 363 23.70 -1.72 24.86
N GLN B 364 23.74 -0.43 25.19
CA GLN B 364 22.73 0.10 26.09
C GLN B 364 21.34 -0.10 25.48
N LEU B 365 21.25 -0.17 24.15
CA LEU B 365 19.94 -0.28 23.51
C LEU B 365 19.43 -1.73 23.43
N LYS B 366 20.29 -2.63 22.97
CA LYS B 366 20.09 -4.07 23.13
C LYS B 366 19.51 -4.37 24.51
N GLU B 367 20.17 -3.90 25.55
CA GLU B 367 19.84 -4.23 26.96
C GLU B 367 18.46 -3.80 27.38
N TRP B 368 18.15 -2.54 27.08
CA TRP B 368 16.86 -2.00 27.40
C TRP B 368 15.79 -2.81 26.69
N GLN B 369 16.02 -3.20 25.45
CA GLN B 369 15.06 -4.05 24.77
C GLN B 369 14.86 -5.34 25.57
N GLU B 370 15.97 -6.02 25.80
CA GLU B 370 16.04 -7.28 26.51
C GLU B 370 15.28 -7.24 27.84
N THR B 371 15.24 -6.04 28.39
CA THR B 371 14.92 -5.75 29.76
C THR B 371 13.51 -5.23 29.87
N GLY B 372 12.91 -4.85 28.75
CA GLY B 372 11.58 -4.27 28.78
C GLY B 372 11.51 -2.76 28.98
N ASP B 373 12.65 -2.09 29.11
CA ASP B 373 12.68 -0.65 29.28
C ASP B 373 12.42 0.00 27.92
N TYR B 374 11.24 -0.27 27.36
CA TYR B 374 10.87 0.20 26.03
C TYR B 374 10.86 1.72 25.93
N THR B 375 10.86 2.35 27.11
CA THR B 375 10.78 3.80 27.24
C THR B 375 12.14 4.35 26.95
N ARG B 376 13.17 3.84 27.61
CA ARG B 376 14.48 4.42 27.35
C ARG B 376 14.79 4.23 25.86
N ARG B 377 14.72 3.00 25.39
CA ARG B 377 14.94 2.66 23.99
C ARG B 377 14.38 3.73 23.03
N LEU B 378 13.09 3.95 23.10
CA LEU B 378 12.52 4.94 22.23
C LEU B 378 13.18 6.28 22.47
N ALA B 379 13.21 6.68 23.74
CA ALA B 379 13.76 7.97 24.15
C ALA B 379 15.12 8.26 23.55
N VAL B 380 16.07 7.33 23.69
CA VAL B 380 17.42 7.62 23.25
C VAL B 380 17.67 7.43 21.75
N LEU B 381 17.06 6.43 21.14
CA LEU B 381 17.07 6.37 19.66
C LEU B 381 16.58 7.72 19.07
N GLU B 382 15.56 8.29 19.69
CA GLU B 382 15.04 9.55 19.22
C GLU B 382 16.01 10.65 19.55
N GLU B 383 16.61 10.59 20.74
CA GLU B 383 17.59 11.63 21.15
C GLU B 383 18.83 11.70 20.25
N PHE B 384 19.31 10.57 19.78
CA PHE B 384 20.42 10.54 18.86
C PHE B 384 20.18 11.17 17.48
N LYS B 385 18.93 11.49 17.15
CA LYS B 385 18.70 12.05 15.84
C LYS B 385 19.23 13.46 15.78
N THR B 386 19.39 14.08 16.96
CA THR B 386 20.00 15.42 17.06
C THR B 386 21.48 15.47 17.41
N TYR B 387 22.08 14.35 17.74
CA TYR B 387 23.54 14.35 17.99
C TYR B 387 24.32 14.93 16.82
N PRO B 388 25.57 15.44 17.11
CA PRO B 388 26.50 16.15 16.20
C PRO B 388 27.21 15.29 15.15
N LEU B 389 26.41 14.69 14.26
CA LEU B 389 26.92 13.85 13.22
C LEU B 389 27.71 14.67 12.20
N GLY B 390 27.20 15.85 11.87
CA GLY B 390 27.86 16.71 10.90
C GLY B 390 29.34 16.93 11.23
N ALA B 391 29.58 17.40 12.45
CA ALA B 391 30.93 17.54 13.00
C ALA B 391 31.75 16.31 12.66
N ILE B 392 31.25 15.12 12.97
CA ILE B 392 32.01 13.91 12.70
C ILE B 392 32.13 13.72 11.20
N TRP B 393 30.99 13.69 10.52
CA TRP B 393 30.99 13.58 9.05
C TRP B 393 31.94 14.60 8.36
N ASN B 394 31.98 15.83 8.85
CA ASN B 394 32.92 16.78 8.25
C ASN B 394 34.38 16.53 8.50
N GLU B 395 34.70 16.12 9.72
CA GLU B 395 36.04 15.63 10.00
C GLU B 395 36.49 14.52 9.07
N TYR B 396 35.60 13.53 8.85
CA TYR B 396 35.88 12.34 8.03
C TYR B 396 36.24 12.72 6.60
N CYS B 397 35.47 13.64 6.05
CA CYS B 397 35.69 14.13 4.70
C CYS B 397 37.02 14.90 4.55
N GLU B 398 37.40 15.64 5.59
CA GLU B 398 38.72 16.31 5.64
C GLU B 398 39.86 15.26 5.54
N ARG B 399 39.87 14.30 6.47
CA ARG B 399 40.89 13.24 6.52
C ARG B 399 40.92 12.40 5.27
N MET B 400 39.83 12.43 4.50
CA MET B 400 39.71 11.50 3.38
C MET B 400 39.86 12.18 2.01
N ASN B 401 40.28 13.45 2.06
CA ASN B 401 40.61 14.29 0.89
C ASN B 401 39.49 14.35 -0.12
N VAL B 402 38.33 14.72 0.40
CA VAL B 402 37.15 15.02 -0.39
C VAL B 402 36.49 16.29 0.20
N PRO B 403 35.79 17.09 -0.64
CA PRO B 403 35.18 18.34 -0.20
C PRO B 403 34.11 18.20 0.90
N ILE B 404 34.00 19.23 1.73
CA ILE B 404 33.52 19.06 3.09
C ILE B 404 32.03 19.21 3.31
N LYS B 405 31.35 20.14 2.66
CA LYS B 405 29.89 20.20 2.90
C LYS B 405 29.11 20.22 1.60
N GLU B 406 28.70 21.40 1.11
CA GLU B 406 28.18 21.51 -0.26
C GLU B 406 29.28 21.84 -1.27
N GLU B 407 30.51 21.99 -0.79
CA GLU B 407 31.59 22.51 -1.62
C GLU B 407 32.02 21.56 -2.74
N TRP B 408 31.61 20.29 -2.67
CA TRP B 408 31.85 19.40 -3.79
C TRP B 408 31.03 19.85 -4.99
N LEU B 409 30.02 20.67 -4.76
CA LEU B 409 29.23 21.26 -5.85
C LEU B 409 30.07 22.14 -6.77
N LYS B 410 30.96 22.92 -6.18
CA LYS B 410 31.91 23.75 -6.93
C LYS B 410 32.69 22.94 -7.94
N GLU B 411 33.24 21.82 -7.49
CA GLU B 411 34.02 20.95 -8.32
C GLU B 411 33.17 20.39 -9.45
N ILE B 412 31.86 20.26 -9.21
CA ILE B 412 30.96 19.77 -10.26
C ILE B 412 30.74 20.86 -11.28
N ALA B 413 30.46 22.07 -10.78
CA ALA B 413 30.28 23.22 -11.64
C ALA B 413 31.49 23.44 -12.53
N ILE B 414 32.70 23.24 -11.99
CA ILE B 414 33.91 23.37 -12.80
C ILE B 414 33.93 22.30 -13.91
N TYR B 415 33.84 21.03 -13.50
CA TYR B 415 33.82 19.91 -14.41
C TYR B 415 32.69 20.03 -15.44
N GLU B 416 31.57 20.61 -15.01
CA GLU B 416 30.53 20.77 -15.98
C GLU B 416 30.91 21.82 -17.00
N LYS B 417 31.34 22.99 -16.53
CA LYS B 417 31.75 24.07 -17.44
C LYS B 417 32.80 23.57 -18.46
N GLU B 418 33.99 23.21 -17.98
CA GLU B 418 35.08 22.86 -18.87
C GLU B 418 34.96 21.55 -19.64
N VAL B 419 34.47 20.49 -18.99
CA VAL B 419 34.44 19.17 -19.63
C VAL B 419 33.09 18.78 -20.23
N LEU B 420 32.06 18.74 -19.37
CA LEU B 420 30.76 18.14 -19.70
C LEU B 420 30.01 18.87 -20.80
N LEU B 421 29.77 20.17 -20.60
CA LEU B 421 29.01 20.93 -21.58
C LEU B 421 29.67 21.11 -22.96
N GLN B 422 30.86 20.54 -23.13
CA GLN B 422 31.60 20.62 -24.40
C GLN B 422 31.48 19.36 -25.28
N ARG B 423 31.11 18.22 -24.69
CA ARG B 423 30.82 17.03 -25.49
C ARG B 423 29.58 17.42 -26.28
N MET C 9 -32.31 -22.09 -24.47
CA MET C 9 -31.50 -20.85 -24.56
C MET C 9 -32.36 -19.59 -24.36
N LYS C 10 -33.54 -19.60 -24.98
CA LYS C 10 -34.62 -18.70 -24.61
C LYS C 10 -35.18 -19.17 -23.28
N SER C 11 -35.14 -20.49 -23.09
CA SER C 11 -35.52 -21.09 -21.82
C SER C 11 -34.53 -20.69 -20.76
N GLN C 12 -33.23 -20.71 -21.12
CA GLN C 12 -32.20 -20.25 -20.19
C GLN C 12 -32.49 -18.82 -19.68
N PHE C 13 -32.83 -17.92 -20.60
CA PHE C 13 -33.23 -16.57 -20.23
C PHE C 13 -34.48 -16.57 -19.36
N GLU C 14 -35.45 -17.40 -19.77
CA GLU C 14 -36.75 -17.51 -19.10
C GLU C 14 -36.62 -18.05 -17.65
N ARG C 15 -35.84 -19.12 -17.46
CA ARG C 15 -35.68 -19.68 -16.13
C ARG C 15 -35.00 -18.65 -15.22
N ALA C 16 -34.01 -17.94 -15.77
CA ALA C 16 -33.25 -16.91 -15.05
C ALA C 16 -34.16 -15.76 -14.65
N LYS C 17 -35.07 -15.41 -15.54
CA LYS C 17 -36.03 -14.37 -15.25
C LYS C 17 -36.88 -14.77 -14.04
N ILE C 18 -37.24 -16.04 -13.95
CA ILE C 18 -37.94 -16.50 -12.75
C ILE C 18 -37.06 -16.43 -11.52
N GLU C 19 -35.83 -16.93 -11.64
CA GLU C 19 -34.85 -16.88 -10.53
C GLU C 19 -34.67 -15.46 -9.99
N TYR C 20 -34.57 -14.48 -10.88
CA TYR C 20 -34.53 -13.07 -10.46
C TYR C 20 -35.86 -12.50 -9.96
N GLY C 21 -36.95 -12.71 -10.70
CA GLY C 21 -38.27 -12.20 -10.32
C GLY C 21 -38.74 -12.67 -8.95
N GLN C 22 -38.12 -13.72 -8.47
CA GLN C 22 -38.40 -14.25 -7.15
C GLN C 22 -37.99 -13.26 -6.05
N TRP C 23 -37.17 -12.28 -6.43
CA TRP C 23 -36.66 -11.27 -5.51
C TRP C 23 -37.28 -9.90 -5.67
N GLY C 24 -38.17 -9.76 -6.66
CA GLY C 24 -38.69 -8.48 -7.03
C GLY C 24 -37.85 -7.91 -8.15
N ILE C 25 -36.79 -8.60 -8.55
CA ILE C 25 -35.89 -8.06 -9.57
C ILE C 25 -36.44 -8.25 -10.96
N ASP C 26 -36.68 -7.13 -11.66
CA ASP C 26 -37.21 -7.19 -13.00
C ASP C 26 -36.15 -7.07 -14.07
N VAL C 27 -35.77 -8.23 -14.62
CA VAL C 27 -34.81 -8.29 -15.70
C VAL C 27 -35.18 -7.55 -17.00
N GLU C 28 -36.48 -7.39 -17.28
CA GLU C 28 -36.90 -6.63 -18.49
C GLU C 28 -36.73 -5.14 -18.26
N GLU C 29 -37.02 -4.72 -17.02
CA GLU C 29 -36.86 -3.34 -16.62
C GLU C 29 -35.36 -3.01 -16.68
N ALA C 30 -34.55 -3.83 -16.01
CA ALA C 30 -33.11 -3.62 -15.95
C ALA C 30 -32.49 -3.52 -17.37
N LEU C 31 -32.91 -4.41 -18.28
CA LEU C 31 -32.39 -4.39 -19.64
C LEU C 31 -32.75 -3.11 -20.40
N GLU C 32 -33.94 -2.59 -20.14
CA GLU C 32 -34.38 -1.37 -20.76
C GLU C 32 -33.49 -0.26 -20.28
N ARG C 33 -33.24 -0.26 -18.97
CA ARG C 33 -32.49 0.85 -18.40
C ARG C 33 -31.07 0.80 -18.92
N LEU C 34 -30.51 -0.40 -18.90
CA LEU C 34 -29.17 -0.64 -19.44
C LEU C 34 -29.00 -0.12 -20.86
N LYS C 35 -30.00 -0.36 -21.70
CA LYS C 35 -30.09 0.05 -23.12
C LYS C 35 -29.58 1.45 -23.37
N GLN C 36 -29.91 2.34 -22.45
CA GLN C 36 -29.64 3.74 -22.64
C GLN C 36 -28.53 4.33 -21.81
N VAL C 37 -27.79 3.52 -21.03
CA VAL C 37 -26.64 4.13 -20.41
C VAL C 37 -25.50 4.18 -21.41
N PRO C 38 -25.00 5.40 -21.65
CA PRO C 38 -23.90 5.67 -22.55
C PRO C 38 -22.51 5.57 -21.88
N ILE C 39 -21.61 4.85 -22.53
CA ILE C 39 -20.21 4.77 -22.13
C ILE C 39 -19.37 5.62 -23.07
N SER C 40 -18.50 6.45 -22.53
CA SER C 40 -17.68 7.21 -23.43
C SER C 40 -16.36 6.50 -23.70
N ILE C 41 -16.20 6.08 -24.96
CA ILE C 41 -15.00 5.37 -25.38
C ILE C 41 -13.90 6.32 -25.85
N HIS C 42 -12.75 6.28 -25.20
CA HIS C 42 -11.60 7.14 -25.53
C HIS C 42 -10.95 6.74 -26.86
N CYS C 43 -10.60 7.72 -27.69
CA CYS C 43 -9.95 7.43 -28.99
C CYS C 43 -8.45 7.12 -28.88
N ALA C 44 -7.84 7.47 -27.75
CA ALA C 44 -6.40 7.31 -27.53
C ALA C 44 -5.94 5.89 -27.85
N GLN C 45 -6.88 4.94 -27.90
CA GLN C 45 -6.61 3.49 -28.04
C GLN C 45 -6.45 2.98 -29.50
N GLY C 46 -7.11 3.64 -30.45
CA GLY C 46 -7.01 3.24 -31.87
C GLY C 46 -5.64 3.42 -32.54
N ASP C 47 -4.98 4.53 -32.25
CA ASP C 47 -3.73 4.87 -32.92
C ASP C 47 -2.55 5.04 -31.98
N ASP C 48 -2.59 4.38 -30.82
CA ASP C 48 -1.46 4.40 -29.86
C ASP C 48 -1.09 5.81 -29.32
N VAL C 49 -2.13 6.63 -29.12
CA VAL C 49 -2.02 8.01 -28.67
C VAL C 49 -1.30 8.90 -29.69
N GLY C 50 -1.46 8.57 -30.97
CA GLY C 50 -0.67 9.16 -32.03
C GLY C 50 -1.11 10.55 -32.44
N GLY C 51 -2.38 10.71 -32.75
CA GLY C 51 -2.85 12.01 -33.21
C GLY C 51 -2.35 12.46 -34.57
N PHE C 52 -2.80 13.64 -34.97
CA PHE C 52 -2.68 14.12 -36.33
C PHE C 52 -2.03 15.52 -36.46
N GLU C 53 -1.20 15.89 -35.47
CA GLU C 53 -0.48 17.19 -35.43
C GLU C 53 0.73 17.12 -36.36
N LEU C 54 1.27 18.28 -36.79
CA LEU C 54 2.64 18.39 -37.45
C LEU C 54 3.72 17.35 -36.97
N SER C 55 3.78 17.09 -35.65
CA SER C 55 4.77 16.19 -34.97
C SER C 55 5.83 15.47 -35.84
N GLY C 67 7.83 -0.84 -32.55
CA GLY C 67 7.68 -2.28 -32.78
C GLY C 67 6.79 -2.94 -31.72
N ASP C 68 5.57 -2.39 -31.59
CA ASP C 68 4.50 -2.83 -30.62
C ASP C 68 3.68 -4.04 -31.10
N TYR C 69 2.36 -3.81 -31.27
CA TYR C 69 1.36 -4.74 -31.86
C TYR C 69 0.87 -4.15 -33.19
N PRO C 70 0.85 -4.95 -34.26
CA PRO C 70 0.64 -4.41 -35.61
C PRO C 70 -0.78 -3.91 -35.92
N GLY C 71 -0.85 -3.03 -36.92
CA GLY C 71 -2.13 -2.60 -37.53
C GLY C 71 -2.88 -1.54 -36.75
N LYS C 72 -2.13 -0.58 -36.20
CA LYS C 72 -2.73 0.53 -35.49
C LYS C 72 -3.38 1.45 -36.52
N ALA C 73 -4.25 2.33 -36.04
CA ALA C 73 -4.90 3.35 -36.88
C ALA C 73 -3.91 4.45 -37.23
N THR C 74 -4.08 5.06 -38.39
CA THR C 74 -3.02 5.90 -38.96
C THR C 74 -3.51 7.19 -39.59
N THR C 75 -4.80 7.24 -39.85
CA THR C 75 -5.46 8.41 -40.40
C THR C 75 -6.77 8.58 -39.62
N PRO C 76 -7.39 9.76 -39.68
CA PRO C 76 -8.75 9.81 -39.08
C PRO C 76 -9.74 8.83 -39.72
N GLU C 77 -9.55 8.53 -41.00
CA GLU C 77 -10.40 7.60 -41.71
C GLU C 77 -10.21 6.20 -41.13
N GLU C 78 -8.99 5.87 -40.76
CA GLU C 78 -8.74 4.57 -40.12
C GLU C 78 -9.25 4.49 -38.68
N LEU C 79 -9.06 5.54 -37.89
CA LEU C 79 -9.55 5.60 -36.51
C LEU C 79 -11.11 5.55 -36.38
N ARG C 80 -11.82 6.19 -37.31
CA ARG C 80 -13.28 6.11 -37.30
C ARG C 80 -13.83 4.76 -37.77
N MET C 81 -13.10 4.09 -38.65
CA MET C 81 -13.51 2.77 -39.11
C MET C 81 -13.33 1.80 -37.96
N ASP C 82 -12.14 1.82 -37.39
CA ASP C 82 -11.84 1.12 -36.18
C ASP C 82 -12.92 1.35 -35.14
N LEU C 83 -13.21 2.60 -34.82
CA LEU C 83 -14.22 2.89 -33.82
C LEU C 83 -15.55 2.23 -34.18
N GLU C 84 -16.01 2.42 -35.41
CA GLU C 84 -17.25 1.79 -35.86
C GLU C 84 -17.14 0.32 -35.58
N LYS C 85 -16.01 -0.27 -35.92
CA LYS C 85 -15.87 -1.69 -35.81
C LYS C 85 -16.08 -2.13 -34.34
N ALA C 86 -15.38 -1.52 -33.38
CA ALA C 86 -15.61 -1.86 -31.99
C ALA C 86 -17.06 -1.62 -31.61
N LEU C 87 -17.57 -0.43 -31.92
CA LEU C 87 -19.00 -0.14 -31.65
C LEU C 87 -19.99 -1.25 -32.15
N SER C 88 -19.73 -1.80 -33.32
CA SER C 88 -20.40 -3.04 -33.79
C SER C 88 -20.53 -4.11 -32.75
N LEU C 89 -19.45 -4.37 -32.01
CA LEU C 89 -19.41 -5.50 -31.10
C LEU C 89 -19.94 -5.16 -29.70
N ILE C 90 -20.10 -3.86 -29.44
CA ILE C 90 -20.58 -3.39 -28.14
C ILE C 90 -22.09 -3.15 -28.21
N PRO C 91 -22.83 -3.73 -27.26
CA PRO C 91 -24.27 -3.52 -27.18
C PRO C 91 -24.66 -2.08 -26.81
N GLY C 92 -25.78 -1.61 -27.35
CA GLY C 92 -26.31 -0.29 -27.02
C GLY C 92 -25.68 0.80 -27.84
N LYS C 93 -25.73 2.03 -27.34
CA LYS C 93 -25.34 3.19 -28.14
C LYS C 93 -24.51 4.14 -27.28
N HIS C 94 -23.36 4.59 -27.80
CA HIS C 94 -22.40 5.25 -26.91
C HIS C 94 -21.83 6.63 -27.26
N ARG C 95 -20.61 6.87 -26.83
CA ARG C 95 -19.98 8.16 -27.02
C ARG C 95 -18.52 7.97 -27.35
N VAL C 96 -17.95 8.93 -28.07
CA VAL C 96 -16.53 8.93 -28.33
C VAL C 96 -15.88 10.09 -27.58
N ASN C 97 -14.84 9.73 -26.82
CA ASN C 97 -14.01 10.71 -26.11
C ASN C 97 -12.81 11.13 -26.98
N LEU C 98 -12.89 12.36 -27.49
CA LEU C 98 -11.88 12.96 -28.36
C LEU C 98 -10.85 13.79 -27.61
N HIS C 99 -9.63 13.81 -28.14
CA HIS C 99 -8.57 14.65 -27.61
C HIS C 99 -8.16 15.68 -28.61
N ALA C 100 -7.78 16.84 -28.12
CA ALA C 100 -7.39 17.95 -28.97
C ALA C 100 -6.35 17.60 -30.06
N ILE C 101 -5.46 16.66 -29.81
CA ILE C 101 -4.47 16.33 -30.83
C ILE C 101 -5.06 15.49 -31.99
N TYR C 102 -6.29 15.06 -31.88
CA TYR C 102 -6.90 14.36 -33.00
C TYR C 102 -7.64 15.38 -33.83
N ALA C 103 -7.25 16.64 -33.65
CA ALA C 103 -7.75 17.72 -34.51
C ALA C 103 -7.42 17.43 -35.96
N GLU C 104 -8.39 17.76 -36.81
CA GLU C 104 -8.24 17.64 -38.24
C GLU C 104 -8.03 18.99 -38.90
N THR C 105 -6.76 19.40 -38.97
CA THR C 105 -6.33 20.52 -39.78
C THR C 105 -6.28 19.94 -41.19
N ASP C 106 -5.89 20.70 -42.19
CA ASP C 106 -5.67 20.06 -43.46
C ASP C 106 -4.32 19.34 -43.45
N GLY C 107 -3.40 19.77 -44.30
CA GLY C 107 -2.01 19.39 -44.11
C GLY C 107 -1.36 20.64 -43.55
N LYS C 108 -2.14 21.38 -42.77
CA LYS C 108 -1.81 22.74 -42.43
C LYS C 108 -1.62 22.96 -40.94
N VAL C 109 -0.37 23.00 -40.46
CA VAL C 109 -0.08 23.23 -39.03
C VAL C 109 -0.81 24.44 -38.38
N VAL C 110 -1.66 24.14 -37.41
CA VAL C 110 -2.27 25.15 -36.57
C VAL C 110 -1.86 24.78 -35.15
N GLU C 111 -1.38 25.77 -34.43
CA GLU C 111 -0.97 25.59 -33.06
C GLU C 111 -2.19 25.29 -32.17
N ARG C 112 -1.97 24.62 -31.04
CA ARG C 112 -3.06 24.21 -30.16
C ARG C 112 -3.94 25.34 -29.62
N ASP C 113 -3.37 26.51 -29.37
CA ASP C 113 -4.23 27.63 -28.96
C ASP C 113 -5.05 28.21 -30.13
N GLN C 114 -4.70 27.87 -31.36
CA GLN C 114 -5.41 28.39 -32.50
C GLN C 114 -6.59 27.50 -32.96
N LEU C 115 -6.84 26.42 -32.21
CA LEU C 115 -7.84 25.38 -32.53
C LEU C 115 -9.28 25.87 -32.41
N GLU C 116 -10.10 25.50 -33.40
CA GLU C 116 -11.46 26.02 -33.58
C GLU C 116 -12.40 24.87 -33.96
N PRO C 117 -13.74 25.05 -33.76
CA PRO C 117 -14.71 24.00 -34.10
C PRO C 117 -14.44 23.39 -35.46
N ARG C 118 -14.29 24.24 -36.48
CA ARG C 118 -13.89 23.82 -37.84
C ARG C 118 -12.92 22.61 -37.90
N HIS C 119 -12.06 22.45 -36.88
CA HIS C 119 -11.05 21.37 -36.87
C HIS C 119 -11.59 20.03 -36.35
N PHE C 120 -12.88 19.98 -36.11
CA PHE C 120 -13.54 18.82 -35.58
C PHE C 120 -14.89 18.73 -36.21
N GLU C 121 -15.01 19.26 -37.43
CA GLU C 121 -16.29 19.15 -38.14
C GLU C 121 -16.47 17.73 -38.66
N LYS C 122 -15.47 17.19 -39.34
CA LYS C 122 -15.58 15.80 -39.77
C LYS C 122 -16.08 14.87 -38.65
N TRP C 123 -15.52 14.98 -37.43
CA TRP C 123 -15.95 14.16 -36.28
C TRP C 123 -17.41 14.37 -35.85
N VAL C 124 -17.84 15.62 -35.77
CA VAL C 124 -19.18 15.91 -35.29
C VAL C 124 -20.18 15.24 -36.22
N ARG C 125 -20.00 15.52 -37.51
CA ARG C 125 -20.84 14.97 -38.57
C ARG C 125 -20.90 13.44 -38.50
N TRP C 126 -19.74 12.82 -38.32
CA TRP C 126 -19.66 11.36 -38.18
C TRP C 126 -20.42 10.86 -36.94
N ALA C 127 -20.27 11.58 -35.83
CA ALA C 127 -20.94 11.19 -34.62
C ALA C 127 -22.43 11.29 -34.86
N LYS C 128 -22.87 12.41 -35.45
CA LYS C 128 -24.29 12.66 -35.69
C LYS C 128 -24.91 11.57 -36.53
N ARG C 129 -24.24 11.21 -37.62
CA ARG C 129 -24.69 10.14 -38.50
C ARG C 129 -24.89 8.84 -37.77
N HIS C 130 -23.94 8.46 -36.92
CA HIS C 130 -23.98 7.21 -36.14
C HIS C 130 -24.62 7.36 -34.77
N GLY C 131 -25.21 8.53 -34.51
CA GLY C 131 -25.93 8.78 -33.27
C GLY C 131 -25.09 8.61 -32.01
N LEU C 132 -23.99 9.39 -31.97
CA LEU C 132 -22.95 9.29 -30.92
C LEU C 132 -22.74 10.59 -30.18
N GLY C 133 -22.53 10.51 -28.88
CA GLY C 133 -22.12 11.71 -28.13
C GLY C 133 -20.60 11.92 -28.33
N LEU C 134 -20.16 13.17 -28.16
CA LEU C 134 -18.74 13.48 -28.18
C LEU C 134 -18.37 14.24 -26.93
N ASP C 135 -17.38 13.72 -26.20
CA ASP C 135 -16.74 14.41 -25.09
C ASP C 135 -15.36 14.87 -25.54
N PHE C 136 -14.77 15.82 -24.85
CA PHE C 136 -13.55 16.42 -25.39
C PHE C 136 -12.44 16.60 -24.34
N ASN C 137 -11.21 16.76 -24.81
CA ASN C 137 -10.04 16.88 -23.92
C ASN C 137 -8.97 17.78 -24.51
N PRO C 138 -8.66 18.89 -23.83
CA PRO C 138 -7.45 19.61 -24.23
C PRO C 138 -6.23 18.70 -24.03
N THR C 139 -5.20 18.87 -24.85
CA THR C 139 -4.03 18.03 -24.77
C THR C 139 -2.87 18.86 -24.27
N LEU C 140 -2.37 18.52 -23.08
CA LEU C 140 -1.26 19.23 -22.48
C LEU C 140 0.02 18.37 -22.26
N PHE C 141 0.14 17.27 -22.99
CA PHE C 141 1.39 16.52 -23.03
C PHE C 141 2.00 16.53 -24.44
N SER C 142 3.23 16.00 -24.54
CA SER C 142 3.96 15.79 -25.81
C SER C 142 3.94 17.01 -26.72
N HIS C 143 4.76 18.02 -26.42
CA HIS C 143 4.71 19.31 -27.09
C HIS C 143 5.90 20.09 -26.55
N GLU C 144 6.33 21.14 -27.26
CA GLU C 144 7.47 21.96 -26.83
C GLU C 144 7.29 22.65 -25.48
N LYS C 145 6.13 23.27 -25.27
CA LYS C 145 5.86 24.05 -24.05
C LYS C 145 5.40 23.16 -22.91
N ALA C 146 5.60 21.86 -23.07
CA ALA C 146 5.29 20.87 -22.02
C ALA C 146 6.56 20.17 -21.58
N LYS C 147 7.64 20.43 -22.29
CA LYS C 147 8.91 19.70 -22.11
C LYS C 147 9.53 19.81 -20.71
N ASP C 148 9.11 20.82 -19.94
CA ASP C 148 9.63 21.07 -18.59
C ASP C 148 8.83 20.28 -17.54
N GLY C 149 7.66 19.76 -17.95
CA GLY C 149 6.80 18.98 -17.07
C GLY C 149 5.91 19.86 -16.21
N LEU C 150 5.73 21.08 -16.68
CA LEU C 150 4.82 22.03 -16.08
C LEU C 150 4.17 22.78 -17.23
N THR C 151 2.97 23.28 -16.96
CA THR C 151 2.01 23.61 -17.99
C THR C 151 1.09 24.78 -17.53
N LEU C 152 -0.06 24.48 -16.93
CA LEU C 152 -0.90 25.53 -16.39
C LEU C 152 -0.24 26.13 -15.16
N ALA C 153 0.80 25.44 -14.67
CA ALA C 153 1.60 25.88 -13.50
C ALA C 153 3.13 26.12 -13.80
N HIS C 154 3.45 26.35 -15.06
CA HIS C 154 4.82 26.69 -15.44
C HIS C 154 5.23 28.03 -14.83
N PRO C 155 6.53 28.24 -14.55
CA PRO C 155 6.94 29.54 -14.01
C PRO C 155 6.70 30.73 -14.95
N ASP C 156 6.86 30.56 -16.26
CA ASP C 156 6.78 31.67 -17.23
C ASP C 156 5.33 31.99 -17.69
N GLN C 157 4.94 33.26 -17.63
CA GLN C 157 3.57 33.69 -18.05
C GLN C 157 3.16 33.20 -19.44
N ALA C 158 4.05 33.35 -20.41
CA ALA C 158 3.79 33.02 -21.80
C ALA C 158 3.45 31.54 -22.01
N ILE C 159 4.03 30.66 -21.20
CA ILE C 159 3.72 29.27 -21.28
C ILE C 159 2.34 29.00 -20.66
N ARG C 160 2.12 29.57 -19.47
CA ARG C 160 0.82 29.42 -18.86
C ARG C 160 -0.27 29.94 -19.80
N GLN C 161 -0.13 31.20 -20.24
CA GLN C 161 -1.07 31.89 -21.14
C GLN C 161 -1.40 31.08 -22.38
N PHE C 162 -0.41 30.36 -22.90
CA PHE C 162 -0.57 29.46 -24.04
C PHE C 162 -1.51 28.31 -23.73
N TRP C 163 -1.28 27.65 -22.59
CA TRP C 163 -2.13 26.52 -22.18
C TRP C 163 -3.47 26.98 -21.63
N ILE C 164 -3.53 28.23 -21.20
CA ILE C 164 -4.80 28.84 -20.88
C ILE C 164 -5.59 29.02 -22.18
N ASP C 165 -5.00 29.70 -23.17
CA ASP C 165 -5.71 29.94 -24.44
C ASP C 165 -6.15 28.61 -25.06
N HIS C 166 -5.32 27.57 -24.90
CA HIS C 166 -5.66 26.24 -25.45
C HIS C 166 -6.85 25.60 -24.76
N CYS C 167 -6.96 25.77 -23.44
CA CYS C 167 -8.06 25.15 -22.72
C CYS C 167 -9.31 25.92 -23.03
N ILE C 168 -9.18 27.23 -23.17
CA ILE C 168 -10.33 28.09 -23.48
C ILE C 168 -10.82 27.75 -24.88
N ALA C 169 -9.88 27.51 -25.79
CA ALA C 169 -10.23 27.01 -27.11
C ALA C 169 -11.04 25.72 -27.00
N SER C 170 -10.59 24.82 -26.13
CA SER C 170 -11.19 23.49 -26.01
C SER C 170 -12.54 23.57 -25.36
N ARG C 171 -12.76 24.54 -24.49
CA ARG C 171 -14.11 24.73 -24.01
C ARG C 171 -15.06 25.10 -25.17
N LYS C 172 -14.62 25.99 -26.06
CA LYS C 172 -15.42 26.38 -27.23
C LYS C 172 -15.83 25.19 -28.10
N ILE C 173 -14.90 24.27 -28.30
CA ILE C 173 -15.12 23.12 -29.16
C ILE C 173 -16.14 22.17 -28.54
N GLY C 174 -16.06 22.04 -27.21
CA GLY C 174 -17.03 21.24 -26.46
C GLY C 174 -18.42 21.85 -26.52
N GLU C 175 -18.49 23.19 -26.43
CA GLU C 175 -19.75 23.93 -26.56
C GLU C 175 -20.29 23.63 -27.94
N TYR C 176 -19.38 23.65 -28.92
CA TYR C 176 -19.72 23.31 -30.29
C TYR C 176 -20.33 21.90 -30.43
N PHE C 177 -19.68 20.87 -29.91
CA PHE C 177 -20.29 19.52 -29.86
C PHE C 177 -21.69 19.48 -29.22
N GLY C 178 -21.88 20.19 -28.13
CA GLY C 178 -23.13 20.07 -27.38
C GLY C 178 -24.27 20.56 -28.24
N LYS C 179 -24.11 21.81 -28.72
CA LYS C 179 -24.99 22.41 -29.73
C LYS C 179 -25.32 21.48 -30.93
N GLU C 180 -24.30 20.92 -31.56
CA GLU C 180 -24.47 20.12 -32.76
C GLU C 180 -25.12 18.76 -32.51
N LEU C 181 -24.78 18.14 -31.38
CA LEU C 181 -25.19 16.77 -31.10
C LEU C 181 -26.36 16.66 -30.18
N GLU C 182 -26.87 17.80 -29.69
CA GLU C 182 -28.00 17.86 -28.77
C GLU C 182 -27.90 16.81 -27.66
N THR C 183 -26.70 16.74 -27.11
CA THR C 183 -26.43 16.06 -25.83
C THR C 183 -25.13 16.68 -25.31
N PRO C 184 -25.12 17.10 -24.02
CA PRO C 184 -23.95 17.86 -23.54
C PRO C 184 -22.60 17.14 -23.66
N CYS C 185 -21.56 17.94 -23.85
CA CYS C 185 -20.19 17.45 -23.94
C CYS C 185 -19.41 17.86 -22.70
N LEU C 186 -18.83 16.87 -22.04
CA LEU C 186 -17.90 17.06 -20.93
C LEU C 186 -16.53 17.35 -21.51
N THR C 187 -15.96 18.50 -21.20
CA THR C 187 -14.58 18.81 -21.60
C THR C 187 -13.73 18.59 -20.39
N ASN C 188 -12.81 17.65 -20.43
CA ASN C 188 -12.03 17.34 -19.24
C ASN C 188 -10.68 17.98 -19.29
N ILE C 189 -10.22 18.45 -18.15
CA ILE C 189 -8.87 19.02 -18.06
C ILE C 189 -7.99 18.15 -17.17
N TRP C 190 -7.00 17.52 -17.85
CA TRP C 190 -5.88 16.84 -17.22
C TRP C 190 -4.51 17.32 -17.69
N ILE C 191 -3.69 17.66 -16.72
CA ILE C 191 -2.40 18.21 -17.02
C ILE C 191 -1.29 17.37 -16.39
N PRO C 192 -0.13 17.27 -17.07
CA PRO C 192 0.97 16.45 -16.58
C PRO C 192 1.75 17.05 -15.42
N ASP C 193 1.53 18.35 -15.11
CA ASP C 193 2.38 19.13 -14.21
C ASP C 193 2.73 18.39 -12.90
N GLY C 194 4.03 18.40 -12.60
CA GLY C 194 4.60 17.77 -11.39
C GLY C 194 6.11 17.87 -11.34
N TYR C 195 6.76 17.07 -10.49
CA TYR C 195 8.21 17.07 -10.40
C TYR C 195 8.72 15.65 -10.26
N LYS C 196 9.86 15.30 -10.89
CA LYS C 196 10.40 13.94 -10.71
C LYS C 196 10.78 13.71 -9.25
N ASP C 197 11.38 14.71 -8.61
CA ASP C 197 12.01 14.54 -7.32
C ASP C 197 11.35 15.40 -6.24
N THR C 198 11.90 15.39 -5.02
CA THR C 198 11.21 16.08 -3.94
C THR C 198 11.10 17.57 -4.27
N PRO C 199 9.96 18.19 -4.03
CA PRO C 199 9.88 19.62 -4.27
C PRO C 199 10.35 20.47 -3.12
N SER C 200 10.43 21.76 -3.39
CA SER C 200 10.91 22.71 -2.42
C SER C 200 9.85 23.74 -2.21
N ASP C 201 8.71 23.48 -2.78
CA ASP C 201 7.61 24.36 -2.64
C ASP C 201 6.51 23.60 -3.22
N ARG C 202 5.44 23.45 -2.48
CA ARG C 202 4.35 22.67 -2.98
C ARG C 202 3.17 23.54 -3.30
N LEU C 203 3.22 24.79 -2.91
CA LEU C 203 2.09 25.67 -2.94
C LEU C 203 1.99 26.52 -4.19
N THR C 204 3.07 27.22 -4.47
CA THR C 204 3.20 28.14 -5.56
C THR C 204 2.75 27.59 -6.85
N PRO C 205 3.01 26.34 -7.09
CA PRO C 205 2.66 25.75 -8.33
C PRO C 205 1.20 25.45 -8.31
N ARG C 206 0.62 25.27 -7.15
CA ARG C 206 -0.77 25.04 -7.06
C ARG C 206 -1.51 26.35 -7.12
N LYS C 207 -1.01 27.37 -6.46
CA LYS C 207 -1.52 28.73 -6.66
C LYS C 207 -1.62 29.07 -8.16
N ARG C 208 -0.53 28.79 -8.89
CA ARG C 208 -0.50 29.01 -10.32
C ARG C 208 -1.54 28.19 -11.08
N LEU C 209 -1.73 26.94 -10.70
CA LEU C 209 -2.77 26.17 -11.33
C LEU C 209 -4.14 26.81 -11.09
N LYS C 210 -4.39 27.24 -9.85
CA LYS C 210 -5.68 27.84 -9.46
C LYS C 210 -5.98 29.07 -10.30
N GLU C 211 -4.95 29.89 -10.46
CA GLU C 211 -5.13 31.17 -11.09
C GLU C 211 -5.39 30.91 -12.56
N SER C 212 -4.59 30.01 -13.15
CA SER C 212 -4.79 29.56 -14.54
C SER C 212 -6.20 29.03 -14.82
N LEU C 213 -6.74 28.20 -13.92
CA LEU C 213 -8.06 27.60 -14.13
C LEU C 213 -9.15 28.62 -14.04
N ASP C 214 -8.99 29.55 -13.10
CA ASP C 214 -9.86 30.71 -12.96
C ASP C 214 -9.98 31.48 -14.29
N GLN C 215 -8.84 31.69 -14.95
CA GLN C 215 -8.82 32.31 -16.28
C GLN C 215 -9.52 31.46 -17.35
N ILE C 216 -9.34 30.15 -17.32
CA ILE C 216 -10.01 29.25 -18.26
C ILE C 216 -11.55 29.27 -18.12
N PHE C 217 -12.04 29.30 -16.88
CA PHE C 217 -13.47 29.22 -16.59
C PHE C 217 -14.15 30.57 -16.50
N ALA C 218 -13.46 31.61 -16.90
CA ALA C 218 -14.03 32.95 -16.86
C ALA C 218 -15.32 33.11 -17.70
N ALA C 219 -15.27 32.76 -18.98
CA ALA C 219 -16.42 32.97 -19.84
C ALA C 219 -17.41 31.86 -19.60
N GLU C 220 -18.65 32.23 -19.29
CA GLU C 220 -19.67 31.21 -19.09
C GLU C 220 -20.17 30.59 -20.38
N ILE C 221 -20.39 29.28 -20.37
CA ILE C 221 -20.96 28.53 -21.50
C ILE C 221 -22.18 27.80 -20.98
N ASN C 222 -23.24 27.71 -21.80
CA ASN C 222 -24.47 27.05 -21.38
C ASN C 222 -24.26 25.57 -21.00
N GLU C 223 -24.84 25.12 -19.89
CA GLU C 223 -24.61 23.77 -19.41
C GLU C 223 -25.37 22.72 -20.21
N ALA C 224 -26.17 23.18 -21.16
CA ALA C 224 -26.87 22.28 -22.06
C ALA C 224 -25.90 21.80 -23.16
N TYR C 225 -24.74 22.46 -23.24
CA TYR C 225 -23.79 22.21 -24.31
C TYR C 225 -22.44 21.67 -23.82
N ASN C 226 -22.03 22.16 -22.66
CA ASN C 226 -20.68 21.90 -22.16
C ASN C 226 -20.54 22.05 -20.66
N LEU C 227 -20.11 20.95 -20.05
CA LEU C 227 -19.76 20.84 -18.64
C LEU C 227 -18.25 20.77 -18.52
N ASP C 228 -17.71 21.26 -17.43
CA ASP C 228 -16.25 21.20 -17.23
C ASP C 228 -15.85 20.15 -16.20
N ALA C 229 -14.79 19.43 -16.50
CA ALA C 229 -14.20 18.52 -15.52
C ALA C 229 -12.74 18.81 -15.28
N VAL C 230 -12.26 18.45 -14.09
CA VAL C 230 -10.84 18.47 -13.79
C VAL C 230 -10.39 17.11 -13.20
N GLU C 231 -9.30 16.55 -13.73
CA GLU C 231 -8.78 15.20 -13.37
C GLU C 231 -7.46 15.28 -12.57
N SER C 232 -7.54 14.78 -11.33
CA SER C 232 -6.40 14.65 -10.42
C SER C 232 -5.58 13.44 -10.79
N LYS C 233 -4.34 13.38 -10.26
CA LYS C 233 -3.48 12.21 -10.39
C LYS C 233 -2.61 12.17 -9.16
N LEU C 234 -2.32 10.97 -8.65
CA LEU C 234 -1.41 10.86 -7.51
C LEU C 234 0.01 10.92 -7.96
N PHE C 235 0.31 10.26 -9.09
CA PHE C 235 1.66 10.29 -9.72
C PHE C 235 1.63 9.60 -11.12
N GLY C 236 2.55 9.99 -11.98
CA GLY C 236 2.79 9.35 -13.27
C GLY C 236 4.27 9.25 -13.49
N ILE C 237 4.76 8.66 -14.58
CA ILE C 237 6.24 8.49 -14.64
C ILE C 237 6.99 9.73 -15.12
N GLY C 238 7.98 10.13 -14.34
CA GLY C 238 8.71 11.38 -14.59
C GLY C 238 8.22 12.44 -13.62
N SER C 239 7.35 12.00 -12.72
CA SER C 239 6.38 12.89 -12.12
C SER C 239 5.86 12.21 -10.84
N GLU C 240 6.76 11.51 -10.16
CA GLU C 240 6.39 10.55 -9.12
C GLU C 240 6.42 11.12 -7.68
N SER C 241 7.25 12.13 -7.44
CA SER C 241 7.38 12.74 -6.10
C SER C 241 6.26 13.73 -5.79
N TYR C 242 5.61 14.23 -6.83
CA TYR C 242 4.72 15.35 -6.65
C TYR C 242 4.02 15.72 -7.94
N VAL C 243 2.72 15.93 -7.81
CA VAL C 243 1.86 16.29 -8.91
C VAL C 243 1.06 17.55 -8.53
N VAL C 244 1.09 18.54 -9.41
CA VAL C 244 0.46 19.81 -9.12
C VAL C 244 -1.03 19.65 -8.92
N GLY C 245 -1.71 19.06 -9.91
CA GLY C 245 -3.16 18.76 -9.83
C GLY C 245 -3.49 17.54 -8.98
N SER C 246 -3.46 17.76 -7.67
CA SER C 246 -3.68 16.72 -6.65
C SER C 246 -5.17 16.47 -6.40
N HIS C 247 -5.45 15.44 -5.63
CA HIS C 247 -6.84 15.06 -5.40
C HIS C 247 -7.63 16.10 -4.57
N GLU C 248 -6.99 16.57 -3.50
CA GLU C 248 -7.60 17.51 -2.58
C GLU C 248 -7.73 18.83 -3.27
N PHE C 249 -6.72 19.18 -4.07
CA PHE C 249 -6.77 20.39 -4.88
C PHE C 249 -8.03 20.53 -5.77
N TYR C 250 -8.34 19.47 -6.51
CA TYR C 250 -9.36 19.51 -7.55
C TYR C 250 -10.67 19.21 -6.94
N LEU C 251 -10.66 18.64 -5.73
CA LEU C 251 -11.91 18.44 -5.03
C LEU C 251 -12.39 19.78 -4.54
N SER C 252 -11.48 20.55 -3.98
CA SER C 252 -11.79 21.88 -3.50
C SER C 252 -12.16 22.85 -4.63
N TYR C 253 -11.34 22.86 -5.67
CA TYR C 253 -11.63 23.68 -6.82
C TYR C 253 -13.02 23.42 -7.41
N ALA C 254 -13.35 22.17 -7.72
CA ALA C 254 -14.67 21.89 -8.30
C ALA C 254 -15.85 22.33 -7.40
N LEU C 255 -15.72 22.15 -6.07
CA LEU C 255 -16.76 22.57 -5.15
C LEU C 255 -16.89 24.07 -5.16
N LYS C 256 -15.78 24.76 -4.94
CA LYS C 256 -15.75 26.20 -4.91
C LYS C 256 -16.29 26.76 -6.23
N ASN C 257 -15.93 26.16 -7.36
CA ASN C 257 -16.32 26.73 -8.68
C ASN C 257 -17.41 26.00 -9.47
N ASP C 258 -18.16 25.12 -8.81
CA ASP C 258 -19.29 24.48 -9.43
C ASP C 258 -18.84 23.77 -10.70
N LYS C 259 -17.79 22.96 -10.57
CA LYS C 259 -17.28 22.18 -11.70
C LYS C 259 -17.29 20.70 -11.35
N LEU C 260 -17.01 19.85 -12.34
CA LEU C 260 -17.07 18.43 -12.12
C LEU C 260 -15.70 17.93 -11.78
N CYS C 261 -15.66 16.99 -10.84
CA CYS C 261 -14.53 16.08 -10.68
C CYS C 261 -14.66 14.93 -11.64
N LEU C 262 -13.58 14.65 -12.35
CA LEU C 262 -13.46 13.41 -13.02
C LEU C 262 -12.57 12.54 -12.16
N LEU C 263 -12.97 11.30 -11.94
CA LEU C 263 -12.18 10.40 -11.09
C LEU C 263 -11.64 9.27 -11.90
N ASP C 264 -10.36 8.98 -11.73
CA ASP C 264 -9.73 7.89 -12.48
C ASP C 264 -9.40 6.71 -11.58
N THR C 265 -10.03 5.57 -11.86
CA THR C 265 -9.76 4.35 -11.07
C THR C 265 -8.28 4.02 -10.97
N GLY C 266 -7.47 4.66 -11.81
CA GLY C 266 -6.04 4.41 -11.85
C GLY C 266 -5.19 5.46 -11.18
N HIS C 267 -5.80 6.58 -10.83
CA HIS C 267 -5.04 7.74 -10.36
C HIS C 267 -4.96 7.86 -8.81
N TYR C 268 -5.06 6.75 -8.06
CA TYR C 268 -5.03 6.82 -6.56
C TYR C 268 -3.96 5.99 -5.84
N HIS C 269 -3.99 6.04 -4.50
CA HIS C 269 -3.01 5.35 -3.61
C HIS C 269 -3.19 3.84 -3.61
N PRO C 270 -2.16 3.06 -3.22
CA PRO C 270 -2.40 1.60 -3.02
C PRO C 270 -3.64 1.34 -2.15
N THR C 271 -4.57 0.59 -2.71
CA THR C 271 -5.83 0.10 -2.07
C THR C 271 -6.94 1.15 -2.01
N GLU C 272 -6.66 2.37 -2.47
CA GLU C 272 -7.68 3.42 -2.50
C GLU C 272 -8.62 3.14 -3.67
N THR C 273 -9.92 3.16 -3.40
CA THR C 273 -10.88 2.75 -4.39
C THR C 273 -11.78 3.93 -4.59
N VAL C 274 -12.17 4.14 -5.83
CA VAL C 274 -13.14 5.15 -6.15
C VAL C 274 -14.56 4.73 -5.72
N SER C 275 -14.82 3.43 -5.64
CA SER C 275 -16.19 2.95 -5.35
C SER C 275 -16.63 3.65 -4.09
N ASN C 276 -15.72 3.77 -3.14
CA ASN C 276 -16.01 4.41 -1.88
C ASN C 276 -16.20 5.94 -1.92
N LYS C 277 -15.83 6.57 -3.01
CA LYS C 277 -15.84 8.01 -3.06
C LYS C 277 -17.14 8.52 -3.61
N ILE C 278 -17.81 7.74 -4.44
CA ILE C 278 -18.99 8.18 -5.18
C ILE C 278 -20.07 8.77 -4.24
N SER C 279 -20.52 7.96 -3.28
CA SER C 279 -21.54 8.37 -2.29
C SER C 279 -21.22 9.71 -1.62
N ALA C 280 -19.98 9.94 -1.20
CA ALA C 280 -19.62 11.20 -0.56
C ALA C 280 -19.79 12.33 -1.57
N MET C 281 -19.43 12.05 -2.80
CA MET C 281 -19.45 13.15 -3.69
C MET C 281 -20.79 13.51 -4.28
N LEU C 282 -21.67 12.53 -4.45
CA LEU C 282 -23.01 12.81 -4.95
C LEU C 282 -23.84 13.72 -4.03
N LEU C 283 -23.49 13.73 -2.74
CA LEU C 283 -24.16 14.55 -1.72
C LEU C 283 -23.89 16.05 -1.86
N PHE C 284 -22.87 16.43 -2.61
CA PHE C 284 -22.42 17.82 -2.71
C PHE C 284 -22.24 18.35 -4.14
N HIS C 285 -22.21 17.45 -5.14
CA HIS C 285 -21.85 17.83 -6.50
C HIS C 285 -22.96 17.60 -7.48
N ASP C 286 -23.75 16.55 -7.25
CA ASP C 286 -24.89 16.21 -8.13
C ASP C 286 -24.57 15.61 -9.50
N LYS C 287 -23.35 15.81 -10.01
CA LYS C 287 -22.86 15.06 -11.17
C LYS C 287 -21.34 14.79 -10.98
N LEU C 288 -20.90 13.53 -11.16
CA LEU C 288 -19.45 13.20 -11.26
C LEU C 288 -19.19 12.60 -12.60
N ALA C 289 -17.92 12.66 -13.01
CA ALA C 289 -17.43 11.84 -14.11
C ALA C 289 -16.49 10.73 -13.63
N LEU C 290 -16.49 9.59 -14.33
CA LEU C 290 -15.45 8.56 -14.11
C LEU C 290 -14.74 8.21 -15.35
N HIS C 291 -13.46 7.94 -15.17
CA HIS C 291 -12.67 7.17 -16.08
C HIS C 291 -12.27 5.88 -15.42
N VAL C 292 -12.62 4.81 -16.12
CA VAL C 292 -12.29 3.47 -15.69
C VAL C 292 -11.17 2.92 -16.53
N SER C 293 -10.18 2.42 -15.81
CA SER C 293 -9.01 1.79 -16.37
C SER C 293 -8.45 0.87 -15.30
N ARG C 294 -7.65 -0.08 -15.69
CA ARG C 294 -7.08 -0.94 -14.68
C ARG C 294 -5.63 -0.57 -14.31
N PRO C 295 -5.41 -0.15 -13.04
CA PRO C 295 -4.06 -0.03 -12.57
C PRO C 295 -3.56 -1.41 -12.16
N VAL C 296 -2.33 -1.69 -12.54
CA VAL C 296 -1.63 -2.84 -12.01
C VAL C 296 -0.39 -2.22 -11.46
N ARG C 297 -0.45 -1.92 -10.17
CA ARG C 297 0.67 -1.37 -9.38
C ARG C 297 1.07 0.08 -9.72
N TRP C 298 0.69 0.62 -10.89
CA TRP C 298 0.82 2.05 -11.21
C TRP C 298 -0.27 2.44 -12.21
N ASP C 299 -0.32 3.71 -12.66
CA ASP C 299 -1.34 4.09 -13.64
C ASP C 299 -0.97 3.46 -14.99
N SER C 300 -1.22 2.16 -15.05
CA SER C 300 -0.63 1.31 -16.07
C SER C 300 -1.54 1.29 -17.29
N ASP C 301 -2.78 1.73 -17.07
CA ASP C 301 -3.75 1.85 -18.13
C ASP C 301 -4.18 0.53 -18.77
N HIS C 302 -4.30 -0.53 -17.97
CA HIS C 302 -4.80 -1.82 -18.53
C HIS C 302 -6.29 -1.81 -18.90
N VAL C 303 -6.63 -2.61 -19.92
CA VAL C 303 -8.01 -2.92 -20.25
C VAL C 303 -8.79 -3.27 -19.00
N VAL C 304 -9.97 -2.68 -18.87
CA VAL C 304 -10.84 -2.90 -17.74
C VAL C 304 -11.35 -4.33 -17.70
N THR C 305 -11.41 -4.91 -16.51
CA THR C 305 -11.91 -6.29 -16.35
C THR C 305 -13.16 -6.30 -15.48
N PHE C 306 -14.02 -7.28 -15.70
CA PHE C 306 -15.08 -7.55 -14.77
C PHE C 306 -14.49 -8.00 -13.41
N ASP C 307 -14.14 -7.06 -12.55
CA ASP C 307 -13.52 -7.42 -11.27
C ASP C 307 -14.27 -6.81 -10.11
N ASP C 308 -13.80 -7.16 -8.90
CA ASP C 308 -14.41 -6.75 -7.64
C ASP C 308 -14.69 -5.24 -7.60
N GLU C 309 -13.66 -4.44 -7.91
CA GLU C 309 -13.81 -3.00 -7.90
C GLU C 309 -14.77 -2.46 -9.00
N LEU C 310 -14.80 -3.09 -10.18
CA LEU C 310 -15.70 -2.61 -11.22
C LEU C 310 -17.13 -2.90 -10.84
N ARG C 311 -17.35 -3.97 -10.11
CA ARG C 311 -18.70 -4.28 -9.71
C ARG C 311 -19.12 -3.34 -8.55
N GLU C 312 -18.22 -3.14 -7.60
CA GLU C 312 -18.42 -2.14 -6.53
C GLU C 312 -18.74 -0.74 -7.07
N ILE C 313 -18.04 -0.31 -8.12
CA ILE C 313 -18.39 0.97 -8.75
C ILE C 313 -19.83 0.88 -9.23
N ALA C 314 -20.13 -0.08 -10.10
CA ALA C 314 -21.51 -0.32 -10.59
C ALA C 314 -22.57 -0.28 -9.49
N LEU C 315 -22.35 -1.04 -8.40
CA LEU C 315 -23.29 -1.03 -7.23
C LEU C 315 -23.55 0.41 -6.69
N GLU C 316 -22.50 1.17 -6.45
CA GLU C 316 -22.68 2.57 -6.11
C GLU C 316 -23.53 3.33 -7.15
N ILE C 317 -23.30 3.10 -8.44
CA ILE C 317 -23.96 3.93 -9.44
C ILE C 317 -25.43 3.63 -9.41
N VAL C 318 -25.75 2.36 -9.63
CA VAL C 318 -27.11 1.87 -9.66
C VAL C 318 -27.88 2.15 -8.34
N ARG C 319 -27.44 1.55 -7.25
CA ARG C 319 -28.07 1.68 -5.94
C ARG C 319 -28.23 3.14 -5.40
N ASN C 320 -27.42 4.07 -5.87
CA ASN C 320 -27.59 5.46 -5.44
C ASN C 320 -28.40 6.21 -6.50
N ASP C 321 -28.92 5.44 -7.47
CA ASP C 321 -29.81 5.99 -8.46
C ASP C 321 -29.07 7.18 -9.16
N ALA C 322 -27.76 6.98 -9.32
CA ALA C 322 -26.90 7.96 -9.98
C ALA C 322 -26.61 7.63 -11.43
N LEU C 323 -27.50 6.85 -12.05
CA LEU C 323 -27.31 6.42 -13.41
C LEU C 323 -27.30 7.61 -14.39
N ASP C 324 -28.03 8.68 -14.09
CA ASP C 324 -27.91 9.91 -14.88
C ASP C 324 -26.97 10.91 -14.24
N ARG C 325 -26.42 10.60 -13.08
CA ARG C 325 -25.54 11.57 -12.40
C ARG C 325 -24.03 11.27 -12.60
N VAL C 326 -23.72 10.06 -13.03
CA VAL C 326 -22.34 9.64 -13.23
C VAL C 326 -22.04 9.40 -14.69
N LEU C 327 -21.11 10.18 -15.21
CA LEU C 327 -20.74 10.14 -16.60
C LEU C 327 -19.64 9.14 -16.72
N ILE C 328 -19.98 7.93 -17.13
CA ILE C 328 -18.99 6.88 -17.26
C ILE C 328 -18.23 6.99 -18.55
N GLY C 329 -16.89 7.02 -18.42
CA GLY C 329 -16.00 6.96 -19.57
C GLY C 329 -14.92 5.93 -19.31
N LEU C 330 -14.22 5.49 -20.36
CA LEU C 330 -13.11 4.54 -20.21
C LEU C 330 -11.76 5.24 -20.40
N ASP C 331 -10.68 4.64 -19.93
CA ASP C 331 -9.37 5.25 -20.18
C ASP C 331 -8.27 4.26 -20.04
N PHE C 332 -8.13 3.39 -21.04
CA PHE C 332 -7.00 2.46 -21.04
C PHE C 332 -6.27 2.49 -22.39
N PHE C 333 -5.01 2.06 -22.35
CA PHE C 333 -4.20 1.92 -23.54
C PHE C 333 -3.38 0.59 -23.55
N ASP C 334 -3.89 -0.46 -24.17
CA ASP C 334 -3.09 -1.69 -24.31
C ASP C 334 -2.61 -1.85 -25.75
N ALA C 335 -1.32 -1.65 -25.99
CA ALA C 335 -0.74 -1.81 -27.34
C ALA C 335 0.04 -3.10 -27.49
N SER C 336 -0.32 -4.09 -26.68
CA SER C 336 0.31 -5.42 -26.75
C SER C 336 -0.73 -6.39 -27.29
N ILE C 337 -2.00 -5.96 -27.30
CA ILE C 337 -3.11 -6.77 -27.78
C ILE C 337 -3.87 -6.02 -28.89
N ASN C 338 -4.68 -6.77 -29.62
CA ASN C 338 -5.54 -6.21 -30.67
C ASN C 338 -6.43 -5.07 -30.15
N ARG C 339 -6.43 -3.95 -30.87
CA ARG C 339 -7.03 -2.74 -30.35
C ARG C 339 -8.56 -2.70 -30.35
N ILE C 340 -9.17 -3.36 -31.36
CA ILE C 340 -10.62 -3.44 -31.43
C ILE C 340 -11.08 -4.29 -30.24
N ALA C 341 -10.53 -5.49 -30.17
CA ALA C 341 -10.69 -6.37 -29.02
C ALA C 341 -10.50 -5.65 -27.70
N ALA C 342 -9.54 -4.76 -27.63
CA ALA C 342 -9.27 -4.02 -26.40
C ALA C 342 -10.52 -3.24 -26.05
N TRP C 343 -10.99 -2.49 -27.02
CA TRP C 343 -12.18 -1.69 -26.86
C TRP C 343 -13.38 -2.50 -26.47
N THR C 344 -13.67 -3.55 -27.23
CA THR C 344 -14.83 -4.34 -26.91
C THR C 344 -14.79 -5.09 -25.55
N ILE C 345 -13.62 -5.59 -25.11
CA ILE C 345 -13.53 -6.24 -23.80
C ILE C 345 -13.83 -5.23 -22.66
N GLY C 346 -13.07 -4.14 -22.68
CA GLY C 346 -13.21 -3.08 -21.69
C GLY C 346 -14.65 -2.66 -21.65
N THR C 347 -15.19 -2.21 -22.78
CA THR C 347 -16.53 -1.60 -22.79
C THR C 347 -17.60 -2.60 -22.34
N ARG C 348 -17.55 -3.81 -22.92
CA ARG C 348 -18.49 -4.84 -22.52
C ARG C 348 -18.35 -5.14 -21.03
N ASN C 349 -17.15 -4.99 -20.45
CA ASN C 349 -17.00 -5.37 -19.03
C ASN C 349 -17.79 -4.46 -18.11
N VAL C 350 -17.72 -3.17 -18.39
CA VAL C 350 -18.44 -2.19 -17.58
C VAL C 350 -19.93 -2.35 -17.72
N ILE C 351 -20.39 -2.73 -18.91
CA ILE C 351 -21.83 -2.93 -19.12
C ILE C 351 -22.27 -4.18 -18.35
N LYS C 352 -21.49 -5.25 -18.43
CA LYS C 352 -21.73 -6.42 -17.62
C LYS C 352 -21.87 -6.12 -16.12
N ALA C 353 -21.03 -5.21 -15.61
CA ALA C 353 -21.04 -4.76 -14.22
C ALA C 353 -22.33 -4.03 -13.83
N LEU C 354 -22.69 -3.01 -14.62
CA LEU C 354 -23.93 -2.28 -14.41
C LEU C 354 -25.14 -3.21 -14.41
N LEU C 355 -25.16 -4.14 -15.36
CA LEU C 355 -26.16 -5.18 -15.36
C LEU C 355 -26.16 -5.90 -14.03
N PHE C 356 -24.98 -6.34 -13.61
CA PHE C 356 -24.91 -7.14 -12.38
C PHE C 356 -25.48 -6.33 -11.20
N ALA C 357 -25.13 -5.05 -11.16
CA ALA C 357 -25.67 -4.19 -10.15
C ALA C 357 -27.20 -4.01 -10.31
N MET C 358 -27.68 -3.98 -11.56
CA MET C 358 -29.11 -3.83 -11.75
C MET C 358 -29.90 -5.06 -11.28
N LEU C 359 -29.24 -6.20 -11.14
CA LEU C 359 -29.88 -7.44 -10.71
C LEU C 359 -29.62 -7.82 -9.25
N ILE C 360 -29.36 -6.83 -8.42
CA ILE C 360 -29.16 -7.05 -7.01
C ILE C 360 -30.40 -6.56 -6.28
N PRO C 361 -30.91 -7.34 -5.28
CA PRO C 361 -32.03 -6.97 -4.40
C PRO C 361 -31.61 -5.91 -3.37
N HIS C 362 -31.44 -4.70 -3.88
CA HIS C 362 -31.05 -3.56 -3.07
C HIS C 362 -32.02 -3.31 -1.93
N LYS C 363 -33.32 -3.23 -2.22
CA LYS C 363 -34.28 -2.94 -1.17
C LYS C 363 -34.08 -3.88 0.02
N GLN C 364 -33.99 -5.19 -0.27
CA GLN C 364 -33.80 -6.20 0.80
C GLN C 364 -32.47 -6.01 1.51
N LEU C 365 -31.42 -5.85 0.73
CA LEU C 365 -30.09 -5.60 1.32
C LEU C 365 -30.03 -4.32 2.18
N LYS C 366 -30.54 -3.21 1.65
CA LYS C 366 -30.57 -1.95 2.42
C LYS C 366 -31.32 -2.11 3.75
N GLU C 367 -32.37 -2.91 3.73
CA GLU C 367 -33.19 -3.04 4.88
C GLU C 367 -32.49 -3.95 5.89
N TRP C 368 -31.83 -5.01 5.41
CA TRP C 368 -31.04 -5.83 6.32
C TRP C 368 -29.95 -5.02 7.04
N GLN C 369 -29.42 -4.00 6.37
CA GLN C 369 -28.39 -3.17 7.00
C GLN C 369 -28.94 -2.29 8.12
N GLU C 370 -30.01 -1.56 7.82
CA GLU C 370 -30.71 -0.70 8.76
C GLU C 370 -31.17 -1.46 10.01
N THR C 371 -31.32 -2.77 9.85
CA THR C 371 -31.81 -3.64 10.88
C THR C 371 -30.70 -4.31 11.71
N GLY C 372 -29.47 -4.28 11.20
CA GLY C 372 -28.37 -5.01 11.80
C GLY C 372 -28.25 -6.50 11.46
N ASP C 373 -29.01 -6.97 10.47
CA ASP C 373 -28.89 -8.34 9.98
C ASP C 373 -27.71 -8.49 8.98
N TYR C 374 -26.51 -8.44 9.52
CA TYR C 374 -25.32 -8.58 8.70
C TYR C 374 -25.16 -9.99 8.15
N THR C 375 -25.72 -10.99 8.84
CA THR C 375 -25.76 -12.37 8.32
C THR C 375 -26.43 -12.43 6.92
N ARG C 376 -27.68 -11.97 6.79
CA ARG C 376 -28.34 -12.00 5.48
C ARG C 376 -27.61 -11.14 4.43
N ARG C 377 -27.12 -9.96 4.84
CA ARG C 377 -26.51 -9.06 3.88
C ARG C 377 -25.36 -9.75 3.17
N LEU C 378 -24.48 -10.38 3.94
CA LEU C 378 -23.30 -11.01 3.37
C LEU C 378 -23.68 -12.29 2.65
N ALA C 379 -24.51 -13.09 3.32
CA ALA C 379 -25.00 -14.30 2.70
C ALA C 379 -25.61 -13.98 1.32
N VAL C 380 -26.52 -13.00 1.23
CA VAL C 380 -27.14 -12.84 -0.10
C VAL C 380 -26.29 -12.14 -1.11
N LEU C 381 -25.45 -11.19 -0.66
CA LEU C 381 -24.48 -10.53 -1.56
C LEU C 381 -23.66 -11.62 -2.20
N GLU C 382 -23.16 -12.50 -1.34
CA GLU C 382 -22.36 -13.62 -1.74
C GLU C 382 -23.15 -14.55 -2.66
N GLU C 383 -24.35 -14.95 -2.24
CA GLU C 383 -25.18 -15.84 -3.04
C GLU C 383 -25.37 -15.28 -4.43
N PHE C 384 -25.60 -13.98 -4.50
CA PHE C 384 -25.92 -13.47 -5.77
C PHE C 384 -24.75 -13.57 -6.76
N LYS C 385 -23.56 -13.95 -6.29
CA LYS C 385 -22.42 -14.07 -7.22
C LYS C 385 -22.44 -15.28 -8.14
N THR C 386 -23.28 -16.28 -7.85
CA THR C 386 -23.50 -17.37 -8.83
C THR C 386 -24.89 -17.39 -9.52
N TYR C 387 -25.60 -16.29 -9.51
CA TYR C 387 -26.90 -16.29 -10.14
C TYR C 387 -26.64 -16.23 -11.63
N PRO C 388 -27.64 -16.58 -12.46
CA PRO C 388 -27.35 -16.75 -13.90
C PRO C 388 -27.26 -15.42 -14.66
N LEU C 389 -26.30 -14.60 -14.24
CA LEU C 389 -25.97 -13.35 -14.93
C LEU C 389 -25.78 -13.53 -16.44
N GLY C 390 -24.99 -14.53 -16.82
CA GLY C 390 -24.66 -14.83 -18.23
C GLY C 390 -25.85 -14.99 -19.13
N ALA C 391 -26.81 -15.86 -18.76
CA ALA C 391 -28.12 -16.00 -19.45
C ALA C 391 -28.82 -14.66 -19.76
N ILE C 392 -28.81 -13.76 -18.78
CA ILE C 392 -29.35 -12.43 -18.98
C ILE C 392 -28.49 -11.72 -20.02
N TRP C 393 -27.18 -11.70 -19.78
CA TRP C 393 -26.22 -10.94 -20.62
C TRP C 393 -26.29 -11.38 -22.07
N ASN C 394 -26.26 -12.70 -22.26
CA ASN C 394 -26.40 -13.28 -23.59
C ASN C 394 -27.66 -12.84 -24.35
N GLU C 395 -28.80 -12.87 -23.64
CA GLU C 395 -30.04 -12.47 -24.24
C GLU C 395 -29.95 -10.99 -24.56
N TYR C 396 -29.46 -10.21 -23.59
CA TYR C 396 -29.26 -8.77 -23.79
C TYR C 396 -28.39 -8.49 -25.02
N CYS C 397 -27.34 -9.29 -25.19
CA CYS C 397 -26.43 -9.11 -26.32
C CYS C 397 -27.11 -9.32 -27.65
N GLU C 398 -28.10 -10.22 -27.65
CA GLU C 398 -28.70 -10.69 -28.87
C GLU C 398 -29.84 -9.80 -29.32
N ARG C 399 -30.53 -9.21 -28.37
CA ARG C 399 -31.58 -8.25 -28.68
C ARG C 399 -30.96 -7.01 -29.27
N MET C 400 -29.64 -6.89 -29.07
CA MET C 400 -28.93 -5.65 -29.37
C MET C 400 -27.95 -5.80 -30.55
N ASN C 401 -27.99 -6.97 -31.17
CA ASN C 401 -27.27 -7.25 -32.41
C ASN C 401 -25.75 -7.23 -32.27
N VAL C 402 -25.27 -7.82 -31.20
CA VAL C 402 -23.84 -8.05 -31.09
C VAL C 402 -23.55 -9.54 -30.94
N PRO C 403 -22.32 -9.97 -31.30
CA PRO C 403 -21.99 -11.37 -31.07
C PRO C 403 -22.14 -11.72 -29.59
N ILE C 404 -22.42 -12.98 -29.29
CA ILE C 404 -23.03 -13.24 -28.00
C ILE C 404 -22.10 -13.56 -26.83
N LYS C 405 -20.97 -14.20 -27.10
CA LYS C 405 -20.12 -14.56 -25.96
C LYS C 405 -18.70 -14.34 -26.38
N GLU C 406 -17.99 -15.40 -26.72
CA GLU C 406 -16.74 -15.30 -27.48
C GLU C 406 -16.90 -14.85 -28.95
N GLU C 407 -18.09 -14.99 -29.54
CA GLU C 407 -18.23 -14.88 -31.00
C GLU C 407 -17.63 -13.63 -31.60
N TRP C 408 -17.69 -12.51 -30.86
CA TRP C 408 -17.18 -11.23 -31.34
C TRP C 408 -15.73 -11.39 -31.81
N LEU C 409 -15.06 -12.35 -31.20
CA LEU C 409 -13.68 -12.63 -31.49
C LEU C 409 -13.45 -13.08 -32.93
N LYS C 410 -14.50 -13.66 -33.55
CA LYS C 410 -14.47 -14.15 -34.94
C LYS C 410 -14.43 -13.00 -35.96
N GLU C 411 -15.25 -11.97 -35.74
CA GLU C 411 -15.28 -10.77 -36.58
C GLU C 411 -13.96 -10.00 -36.47
N ILE C 412 -13.39 -10.00 -35.27
CA ILE C 412 -12.12 -9.35 -35.02
C ILE C 412 -11.01 -10.06 -35.82
N ALA C 413 -11.10 -11.40 -35.86
CA ALA C 413 -10.18 -12.21 -36.66
C ALA C 413 -10.28 -11.88 -38.16
N ILE C 414 -11.52 -11.78 -38.66
CA ILE C 414 -11.79 -11.34 -40.04
C ILE C 414 -11.30 -9.92 -40.28
N TYR C 415 -11.80 -8.95 -39.52
CA TYR C 415 -11.38 -7.55 -39.68
C TYR C 415 -9.87 -7.40 -39.69
N GLU C 416 -9.19 -8.09 -38.77
CA GLU C 416 -7.73 -8.04 -38.76
C GLU C 416 -7.07 -8.46 -40.07
N LYS C 417 -7.41 -9.62 -40.61
CA LYS C 417 -6.90 -9.98 -41.93
C LYS C 417 -7.47 -9.02 -42.99
N GLU C 418 -8.80 -9.02 -43.13
CA GLU C 418 -9.51 -8.26 -44.15
C GLU C 418 -8.91 -6.88 -44.29
N VAL C 419 -9.38 -5.92 -43.49
CA VAL C 419 -8.80 -4.58 -43.59
C VAL C 419 -7.55 -4.47 -42.71
N LEU C 420 -7.71 -4.45 -41.39
CA LEU C 420 -6.60 -4.10 -40.48
C LEU C 420 -5.18 -4.27 -41.09
N LEU C 421 -4.86 -5.47 -41.59
CA LEU C 421 -3.47 -5.73 -42.02
C LEU C 421 -3.12 -5.49 -43.51
N GLN C 422 -3.78 -4.51 -44.16
CA GLN C 422 -3.34 -3.92 -45.47
C GLN C 422 -3.22 -2.40 -45.27
N ARG C 423 -2.15 -2.02 -44.58
CA ARG C 423 -2.10 -0.79 -43.78
C ARG C 423 -0.68 -0.57 -43.24
N MET D 9 30.31 25.32 25.69
CA MET D 9 28.83 25.04 25.72
C MET D 9 27.96 26.12 24.96
N LYS D 10 28.21 27.41 25.26
CA LYS D 10 27.58 28.55 24.54
C LYS D 10 28.35 28.91 23.21
N SER D 11 29.52 28.29 22.98
CA SER D 11 30.26 28.45 21.72
C SER D 11 29.91 27.36 20.70
N GLN D 12 29.70 26.14 21.16
CA GLN D 12 29.06 25.14 20.29
C GLN D 12 27.88 25.74 19.50
N PHE D 13 27.01 26.44 20.23
CA PHE D 13 25.89 27.15 19.63
C PHE D 13 26.38 28.24 18.70
N GLU D 14 27.39 28.98 19.16
CA GLU D 14 27.89 30.12 18.40
C GLU D 14 28.42 29.66 17.03
N ARG D 15 29.32 28.68 17.06
CA ARG D 15 29.89 28.11 15.86
C ARG D 15 28.77 27.62 14.95
N ALA D 16 27.72 27.08 15.55
CA ALA D 16 26.56 26.60 14.80
C ALA D 16 25.76 27.75 14.17
N LYS D 17 25.52 28.80 14.95
CA LYS D 17 24.75 29.94 14.47
C LYS D 17 25.34 30.52 13.16
N ILE D 18 26.66 30.43 13.03
CA ILE D 18 27.41 30.97 11.91
C ILE D 18 27.22 30.19 10.60
N GLU D 19 27.36 28.87 10.68
CA GLU D 19 27.08 27.93 9.57
C GLU D 19 25.71 28.16 8.92
N TYR D 20 24.72 28.47 9.76
CA TYR D 20 23.42 28.85 9.31
C TYR D 20 23.43 30.31 8.82
N GLY D 21 24.28 31.14 9.41
CA GLY D 21 24.39 32.52 8.98
C GLY D 21 24.75 32.62 7.51
N GLN D 22 25.74 31.84 7.08
CA GLN D 22 26.21 31.86 5.70
C GLN D 22 25.11 31.76 4.64
N TRP D 23 23.98 31.18 5.00
CA TRP D 23 22.88 31.02 4.06
C TRP D 23 21.89 32.15 4.23
N GLY D 24 22.26 33.14 5.05
CA GLY D 24 21.34 34.23 5.38
C GLY D 24 20.16 33.72 6.18
N ILE D 25 20.39 32.70 7.00
CA ILE D 25 19.34 32.24 7.90
C ILE D 25 19.57 32.84 9.28
N ASP D 26 18.56 33.52 9.79
CA ASP D 26 18.63 34.13 11.09
C ASP D 26 18.20 33.18 12.20
N VAL D 27 19.16 32.62 12.93
CA VAL D 27 18.79 31.63 13.92
C VAL D 27 18.09 32.24 15.16
N GLU D 28 18.44 33.50 15.50
CA GLU D 28 17.76 34.21 16.59
C GLU D 28 16.30 34.45 16.23
N GLU D 29 16.08 34.91 15.00
CA GLU D 29 14.71 35.09 14.52
C GLU D 29 13.94 33.76 14.71
N ALA D 30 14.39 32.73 14.01
CA ALA D 30 13.93 31.36 14.16
C ALA D 30 13.49 30.91 15.56
N LEU D 31 14.30 31.17 16.59
CA LEU D 31 13.95 30.78 17.98
C LEU D 31 12.89 31.70 18.58
N GLU D 32 12.99 33.00 18.31
CA GLU D 32 12.02 33.91 18.84
C GLU D 32 10.62 33.62 18.29
N ARG D 33 10.50 33.20 17.02
CA ARG D 33 9.19 32.72 16.55
C ARG D 33 8.83 31.30 17.01
N LEU D 34 9.83 30.47 17.31
CA LEU D 34 9.59 29.09 17.70
C LEU D 34 8.95 29.04 19.08
N LYS D 35 9.46 29.88 19.96
CA LYS D 35 8.87 30.15 21.26
C LYS D 35 7.35 30.39 21.25
N GLN D 36 6.83 30.91 20.14
CA GLN D 36 5.45 31.32 20.08
C GLN D 36 4.49 30.21 19.77
N VAL D 37 4.94 29.20 19.03
CA VAL D 37 3.94 28.33 18.43
C VAL D 37 3.48 27.30 19.45
N PRO D 38 2.15 27.23 19.66
CA PRO D 38 1.61 26.34 20.64
C PRO D 38 1.33 24.97 20.02
N ILE D 39 1.71 23.92 20.74
CA ILE D 39 1.29 22.56 20.40
C ILE D 39 0.14 22.18 21.34
N SER D 40 -0.79 21.35 20.87
CA SER D 40 -1.92 20.93 21.70
C SER D 40 -1.82 19.45 22.14
N ILE D 41 -1.37 19.26 23.40
CA ILE D 41 -1.22 17.95 24.05
C ILE D 41 -2.58 17.31 24.40
N HIS D 42 -2.77 16.08 23.94
CA HIS D 42 -4.00 15.31 24.17
C HIS D 42 -4.01 14.77 25.60
N CYS D 43 -5.15 14.86 26.27
CA CYS D 43 -5.21 14.41 27.65
C CYS D 43 -5.32 12.86 27.76
N ALA D 44 -5.97 12.22 26.79
CA ALA D 44 -6.14 10.76 26.77
C ALA D 44 -4.89 9.98 27.26
N GLN D 45 -3.70 10.31 26.76
CA GLN D 45 -2.42 9.63 27.10
C GLN D 45 -2.09 9.54 28.60
N GLY D 46 -2.72 10.36 29.42
CA GLY D 46 -2.33 10.41 30.83
C GLY D 46 -3.01 9.37 31.68
N ASP D 47 -4.24 9.02 31.30
CA ASP D 47 -5.00 8.00 31.98
C ASP D 47 -5.57 6.90 31.03
N ASP D 48 -4.87 6.61 29.93
CA ASP D 48 -5.25 5.50 29.03
C ASP D 48 -6.70 5.57 28.49
N VAL D 49 -7.12 6.76 28.05
CA VAL D 49 -8.47 7.03 27.55
C VAL D 49 -9.53 6.66 28.61
N GLY D 50 -9.13 6.78 29.87
CA GLY D 50 -9.99 6.44 30.99
C GLY D 50 -11.18 7.39 31.03
N GLY D 51 -10.91 8.64 31.39
CA GLY D 51 -11.99 9.60 31.64
C GLY D 51 -12.52 9.49 33.06
N PHE D 52 -13.52 10.29 33.38
CA PHE D 52 -14.09 10.27 34.71
C PHE D 52 -15.61 10.18 34.71
N GLU D 53 -16.20 9.56 33.67
CA GLU D 53 -17.64 9.25 33.69
C GLU D 53 -17.95 8.18 34.71
N LEU D 54 -19.18 8.20 35.24
CA LEU D 54 -19.47 7.42 36.46
C LEU D 54 -19.26 5.87 36.41
N SER D 55 -18.97 5.38 35.20
CA SER D 55 -18.63 3.99 34.93
C SER D 55 -17.31 3.63 35.62
N GLY D 67 -2.08 -5.37 32.66
CA GLY D 67 -1.01 -5.61 31.68
C GLY D 67 -0.29 -4.35 31.23
N ASP D 68 -0.96 -3.20 31.39
CA ASP D 68 -0.36 -1.91 31.02
C ASP D 68 0.55 -1.32 32.11
N TYR D 69 1.43 -0.41 31.66
CA TYR D 69 2.36 0.36 32.50
C TYR D 69 1.67 0.98 33.72
N PRO D 70 2.24 0.78 34.92
CA PRO D 70 1.61 1.26 36.16
C PRO D 70 1.74 2.77 36.33
N GLY D 71 0.97 3.33 37.26
CA GLY D 71 1.03 4.76 37.57
C GLY D 71 0.17 5.64 36.67
N LYS D 72 -0.74 5.01 35.93
CA LYS D 72 -1.62 5.75 35.05
C LYS D 72 -2.39 6.68 35.96
N ALA D 73 -2.79 7.82 35.41
CA ALA D 73 -3.54 8.80 36.19
C ALA D 73 -4.99 8.36 36.37
N THR D 74 -5.53 8.63 37.55
CA THR D 74 -6.76 8.01 37.96
C THR D 74 -7.84 9.03 38.36
N THR D 75 -7.41 10.25 38.70
CA THR D 75 -8.31 11.38 39.03
C THR D 75 -7.89 12.69 38.35
N PRO D 76 -8.83 13.65 38.23
CA PRO D 76 -8.53 14.95 37.64
C PRO D 76 -7.32 15.67 38.27
N GLU D 77 -7.19 15.58 39.59
CA GLU D 77 -6.08 16.23 40.27
C GLU D 77 -4.79 15.56 39.79
N GLU D 78 -4.81 14.22 39.77
CA GLU D 78 -3.67 13.40 39.37
C GLU D 78 -3.30 13.64 37.93
N LEU D 79 -4.31 13.70 37.06
CA LEU D 79 -4.05 13.93 35.63
C LEU D 79 -3.52 15.33 35.33
N ARG D 80 -4.04 16.33 36.04
CA ARG D 80 -3.53 17.68 35.93
C ARG D 80 -2.08 17.82 36.41
N MET D 81 -1.73 17.07 37.45
CA MET D 81 -0.42 17.14 38.07
C MET D 81 0.56 16.53 37.08
N ASP D 82 0.17 15.36 36.55
CA ASP D 82 0.84 14.72 35.42
C ASP D 82 1.11 15.68 34.26
N LEU D 83 0.05 16.32 33.78
CA LEU D 83 0.20 17.29 32.72
C LEU D 83 1.23 18.37 33.02
N GLU D 84 1.11 19.06 34.15
CA GLU D 84 2.13 20.06 34.48
C GLU D 84 3.57 19.48 34.41
N LYS D 85 3.70 18.21 34.75
CA LYS D 85 5.00 17.59 34.78
C LYS D 85 5.61 17.53 33.40
N ALA D 86 4.79 17.14 32.43
CA ALA D 86 5.26 17.01 31.07
C ALA D 86 5.66 18.36 30.43
N LEU D 87 4.88 19.42 30.74
CA LEU D 87 5.23 20.78 30.29
C LEU D 87 6.48 21.32 30.98
N SER D 88 6.79 20.85 32.20
CA SER D 88 8.06 21.17 32.82
C SER D 88 9.15 20.93 31.82
N LEU D 89 8.97 19.89 31.01
CA LEU D 89 10.04 19.30 30.23
C LEU D 89 9.95 19.62 28.75
N ILE D 90 8.81 20.19 28.35
CA ILE D 90 8.57 20.65 26.98
C ILE D 90 8.75 22.17 26.92
N PRO D 91 9.69 22.66 26.08
CA PRO D 91 9.99 24.10 25.99
C PRO D 91 8.88 24.83 25.26
N GLY D 92 8.55 26.02 25.73
CA GLY D 92 7.57 26.86 25.06
C GLY D 92 6.25 26.87 25.80
N LYS D 93 5.22 27.42 25.15
CA LYS D 93 3.93 27.41 25.81
C LYS D 93 2.85 26.80 24.95
N HIS D 94 1.96 26.06 25.61
CA HIS D 94 1.06 25.13 24.92
C HIS D 94 -0.44 25.12 25.31
N ARG D 95 -1.11 24.03 24.96
CA ARG D 95 -2.53 23.95 25.07
C ARG D 95 -2.74 22.53 25.44
N VAL D 96 -3.96 22.21 25.84
CA VAL D 96 -4.28 20.87 26.26
C VAL D 96 -5.56 20.54 25.55
N ASN D 97 -5.57 19.40 24.87
CA ASN D 97 -6.76 18.98 24.14
C ASN D 97 -7.65 18.06 24.96
N LEU D 98 -8.74 18.61 25.47
CA LEU D 98 -9.64 17.89 26.36
C LEU D 98 -10.75 17.09 25.67
N HIS D 99 -11.17 16.00 26.29
CA HIS D 99 -12.29 15.19 25.82
C HIS D 99 -13.48 15.29 26.77
N ALA D 100 -14.69 15.17 26.23
CA ALA D 100 -15.92 15.36 27.01
C ALA D 100 -15.98 14.49 28.27
N ILE D 101 -15.55 13.24 28.17
CA ILE D 101 -15.60 12.33 29.31
C ILE D 101 -14.68 12.70 30.48
N TYR D 102 -13.86 13.73 30.28
CA TYR D 102 -12.97 14.21 31.34
C TYR D 102 -13.60 15.32 32.15
N ALA D 103 -14.92 15.47 31.97
CA ALA D 103 -15.79 16.32 32.78
C ALA D 103 -15.67 16.02 34.27
N GLU D 104 -15.73 17.09 35.07
CA GLU D 104 -15.82 16.94 36.50
C GLU D 104 -17.23 17.27 36.98
N THR D 105 -17.99 16.19 37.21
CA THR D 105 -19.28 16.23 37.88
C THR D 105 -18.94 15.78 39.27
N ASP D 106 -19.41 16.48 40.29
CA ASP D 106 -18.86 16.18 41.60
C ASP D 106 -18.98 14.69 41.93
N GLY D 107 -20.05 14.29 42.62
CA GLY D 107 -20.32 12.87 42.77
C GLY D 107 -21.59 12.54 42.02
N LYS D 108 -21.80 13.25 40.91
CA LYS D 108 -23.16 13.53 40.48
C LYS D 108 -23.79 12.72 39.34
N VAL D 109 -22.98 12.19 38.41
CA VAL D 109 -23.50 11.45 37.24
C VAL D 109 -24.39 12.29 36.30
N VAL D 110 -23.77 13.04 35.38
CA VAL D 110 -24.53 13.75 34.36
C VAL D 110 -24.37 13.09 32.98
N GLU D 111 -25.47 12.88 32.24
CA GLU D 111 -25.40 12.26 30.91
C GLU D 111 -24.60 13.16 29.95
N ARG D 112 -24.29 12.69 28.73
CA ARG D 112 -23.41 13.48 27.85
C ARG D 112 -24.11 14.67 27.21
N ASP D 113 -25.39 14.51 26.88
CA ASP D 113 -26.17 15.62 26.31
C ASP D 113 -26.45 16.74 27.34
N GLN D 114 -26.08 16.49 28.59
CA GLN D 114 -26.42 17.37 29.70
C GLN D 114 -25.19 18.14 30.21
N LEU D 115 -24.07 17.91 29.52
CA LEU D 115 -22.77 18.52 29.84
C LEU D 115 -22.72 20.05 29.65
N GLU D 116 -22.18 20.74 30.65
CA GLU D 116 -22.24 22.22 30.73
C GLU D 116 -20.89 22.79 31.12
N PRO D 117 -20.69 24.09 30.86
CA PRO D 117 -19.49 24.81 31.22
C PRO D 117 -19.05 24.66 32.67
N ARG D 118 -19.98 24.43 33.58
CA ARG D 118 -19.57 24.25 34.98
C ARG D 118 -18.77 22.96 35.20
N HIS D 119 -19.06 21.96 34.39
CA HIS D 119 -18.37 20.66 34.49
C HIS D 119 -16.95 20.69 33.97
N PHE D 120 -16.45 21.90 33.64
CA PHE D 120 -15.06 22.07 33.17
C PHE D 120 -14.38 23.29 33.77
N GLU D 121 -15.00 23.85 34.81
CA GLU D 121 -14.57 25.05 35.49
C GLU D 121 -13.24 24.85 36.14
N LYS D 122 -13.03 23.68 36.72
CA LYS D 122 -11.75 23.40 37.36
C LYS D 122 -10.65 23.45 36.30
N TRP D 123 -10.90 22.75 35.20
CA TRP D 123 -9.99 22.73 34.06
C TRP D 123 -9.63 24.14 33.57
N VAL D 124 -10.63 25.00 33.46
CA VAL D 124 -10.45 26.34 32.91
C VAL D 124 -9.68 27.23 33.89
N ARG D 125 -10.00 27.11 35.18
CA ARG D 125 -9.27 27.78 36.24
C ARG D 125 -7.81 27.37 36.20
N TRP D 126 -7.57 26.05 36.18
CA TRP D 126 -6.21 25.52 36.09
C TRP D 126 -5.41 25.98 34.84
N ALA D 127 -5.98 25.86 33.64
CA ALA D 127 -5.29 26.26 32.39
C ALA D 127 -4.90 27.73 32.39
N LYS D 128 -5.76 28.55 32.99
CA LYS D 128 -5.55 29.98 33.09
C LYS D 128 -4.31 30.37 33.93
N ARG D 129 -4.25 29.83 35.15
CA ARG D 129 -3.13 30.04 36.06
C ARG D 129 -1.82 29.64 35.38
N HIS D 130 -1.82 28.51 34.67
CA HIS D 130 -0.62 28.09 33.93
C HIS D 130 -0.52 28.65 32.50
N GLY D 131 -1.45 29.54 32.15
CA GLY D 131 -1.44 30.22 30.86
C GLY D 131 -1.51 29.32 29.64
N LEU D 132 -2.43 28.35 29.63
CA LEU D 132 -2.56 27.39 28.52
C LEU D 132 -3.89 27.57 27.82
N GLY D 133 -3.91 27.32 26.52
CA GLY D 133 -5.17 27.25 25.79
C GLY D 133 -5.75 25.86 25.96
N LEU D 134 -7.03 25.70 25.64
CA LEU D 134 -7.70 24.44 25.78
C LEU D 134 -8.55 24.18 24.54
N ASP D 135 -8.35 23.02 23.94
CA ASP D 135 -9.20 22.56 22.86
C ASP D 135 -10.20 21.49 23.36
N PHE D 136 -11.18 21.15 22.54
CA PHE D 136 -12.22 20.29 23.05
C PHE D 136 -12.77 19.34 21.99
N ASN D 137 -13.18 18.16 22.43
CA ASN D 137 -13.83 17.19 21.57
C ASN D 137 -15.03 16.59 22.27
N PRO D 138 -16.19 16.52 21.59
CA PRO D 138 -17.19 15.64 22.13
C PRO D 138 -16.67 14.21 22.08
N THR D 139 -17.34 13.31 22.80
CA THR D 139 -16.96 11.90 22.83
C THR D 139 -18.10 10.98 22.31
N LEU D 140 -17.89 10.33 21.16
CA LEU D 140 -18.96 9.55 20.53
C LEU D 140 -18.71 8.05 20.44
N PHE D 141 -17.91 7.55 21.41
CA PHE D 141 -17.56 6.14 21.61
C PHE D 141 -17.60 5.78 23.11
N SER D 142 -17.39 4.49 23.46
CA SER D 142 -17.51 3.92 24.84
C SER D 142 -18.81 4.29 25.50
N HIS D 143 -19.91 4.02 24.83
CA HIS D 143 -21.21 4.45 25.36
C HIS D 143 -22.27 3.48 24.88
N GLU D 144 -23.18 3.14 25.78
CA GLU D 144 -24.47 2.52 25.50
C GLU D 144 -25.07 2.90 24.14
N LYS D 145 -25.07 4.19 23.84
CA LYS D 145 -25.74 4.68 22.66
C LYS D 145 -24.82 4.75 21.43
N ALA D 146 -23.62 4.20 21.57
CA ALA D 146 -22.71 4.05 20.43
C ALA D 146 -22.31 2.57 20.22
N LYS D 147 -23.10 1.65 20.74
CA LYS D 147 -22.71 0.23 20.69
C LYS D 147 -23.02 -0.42 19.33
N ASP D 148 -23.87 0.20 18.54
CA ASP D 148 -24.20 -0.35 17.25
C ASP D 148 -23.12 0.08 16.26
N GLY D 149 -22.13 0.80 16.80
CA GLY D 149 -21.04 1.31 15.99
C GLY D 149 -21.47 2.47 15.12
N LEU D 150 -22.76 2.85 15.20
CA LEU D 150 -23.29 4.06 14.55
C LEU D 150 -23.71 5.14 15.57
N THR D 151 -23.60 6.40 15.17
CA THR D 151 -23.88 7.52 16.09
C THR D 151 -24.72 8.60 15.42
N LEU D 152 -24.08 9.46 14.64
CA LEU D 152 -24.75 10.58 14.08
C LEU D 152 -25.45 10.04 12.87
N ALA D 153 -25.19 8.78 12.58
CA ALA D 153 -25.69 8.16 11.36
C ALA D 153 -26.46 6.90 11.68
N HIS D 154 -26.69 6.68 12.97
CA HIS D 154 -27.59 5.65 13.39
C HIS D 154 -28.92 5.79 12.67
N PRO D 155 -29.65 4.68 12.51
CA PRO D 155 -30.95 4.81 11.89
C PRO D 155 -31.99 5.44 12.84
N ASP D 156 -31.75 5.28 14.15
CA ASP D 156 -32.66 5.74 15.20
C ASP D 156 -32.55 7.24 15.47
N GLN D 157 -33.62 7.95 15.18
CA GLN D 157 -33.62 9.38 15.30
C GLN D 157 -33.29 9.85 16.72
N ALA D 158 -33.71 9.09 17.72
CA ALA D 158 -33.47 9.48 19.11
C ALA D 158 -31.99 9.44 19.46
N ILE D 159 -31.34 8.34 19.08
CA ILE D 159 -29.89 8.22 19.17
C ILE D 159 -29.21 9.34 18.38
N ARG D 160 -29.63 9.58 17.13
CA ARG D 160 -29.09 10.68 16.33
C ARG D 160 -29.18 12.01 17.09
N GLN D 161 -30.39 12.27 17.60
CA GLN D 161 -30.72 13.43 18.42
C GLN D 161 -29.84 13.55 19.66
N PHE D 162 -29.67 12.42 20.33
CA PHE D 162 -28.93 12.40 21.56
C PHE D 162 -27.52 12.94 21.37
N TRP D 163 -26.88 12.52 20.28
CA TRP D 163 -25.48 12.87 20.04
C TRP D 163 -25.42 14.27 19.51
N ILE D 164 -26.35 14.61 18.62
CA ILE D 164 -26.48 15.98 18.16
C ILE D 164 -26.52 16.84 19.42
N ASP D 165 -27.40 16.46 20.36
CA ASP D 165 -27.57 17.25 21.56
C ASP D 165 -26.22 17.39 22.23
N HIS D 166 -25.55 16.26 22.41
CA HIS D 166 -24.23 16.24 23.03
C HIS D 166 -23.15 17.09 22.32
N CYS D 167 -23.25 17.21 21.00
CA CYS D 167 -22.27 17.93 20.20
C CYS D 167 -22.46 19.45 20.36
N ILE D 168 -23.74 19.87 20.30
CA ILE D 168 -24.13 21.23 20.56
C ILE D 168 -23.60 21.65 21.92
N ALA D 169 -23.86 20.81 22.92
CA ALA D 169 -23.35 20.99 24.27
C ALA D 169 -21.87 21.31 24.23
N SER D 170 -21.09 20.56 23.47
CA SER D 170 -19.63 20.70 23.56
C SER D 170 -19.16 21.91 22.75
N ARG D 171 -19.97 22.37 21.81
CA ARG D 171 -19.65 23.59 21.10
C ARG D 171 -19.82 24.76 22.07
N LYS D 172 -20.84 24.61 22.93
CA LYS D 172 -21.17 25.58 23.95
C LYS D 172 -20.01 25.63 24.92
N ILE D 173 -19.59 24.48 25.43
CA ILE D 173 -18.51 24.44 26.40
C ILE D 173 -17.21 25.01 25.83
N GLY D 174 -16.99 24.76 24.54
CA GLY D 174 -15.81 25.28 23.87
C GLY D 174 -15.90 26.78 23.82
N GLU D 175 -17.07 27.29 23.43
CA GLU D 175 -17.29 28.74 23.45
C GLU D 175 -16.84 29.25 24.80
N TYR D 176 -17.40 28.65 25.83
CA TYR D 176 -16.97 28.95 27.19
C TYR D 176 -15.43 28.98 27.31
N PHE D 177 -14.74 27.94 26.86
CA PHE D 177 -13.26 27.95 26.80
C PHE D 177 -12.65 29.22 26.12
N GLY D 178 -13.18 29.60 24.96
CA GLY D 178 -12.67 30.74 24.19
C GLY D 178 -12.70 32.03 25.02
N LYS D 179 -13.90 32.37 25.49
CA LYS D 179 -14.12 33.52 26.37
C LYS D 179 -13.17 33.57 27.58
N GLU D 180 -13.11 32.51 28.37
CA GLU D 180 -12.31 32.53 29.59
C GLU D 180 -10.81 32.61 29.37
N LEU D 181 -10.30 31.85 28.41
CA LEU D 181 -8.86 31.72 28.19
C LEU D 181 -8.37 32.68 27.16
N GLU D 182 -9.29 33.50 26.64
CA GLU D 182 -9.00 34.58 25.68
C GLU D 182 -8.28 34.14 24.41
N THR D 183 -8.52 32.90 23.99
CA THR D 183 -8.02 32.36 22.74
C THR D 183 -9.03 31.30 22.31
N PRO D 184 -9.24 31.14 20.99
CA PRO D 184 -10.35 30.24 20.65
C PRO D 184 -10.02 28.77 20.86
N CYS D 185 -11.05 28.03 21.26
CA CYS D 185 -11.00 26.59 21.38
C CYS D 185 -11.43 25.91 20.07
N LEU D 186 -10.62 24.97 19.62
CA LEU D 186 -11.04 24.09 18.55
C LEU D 186 -11.83 22.93 19.15
N THR D 187 -13.06 22.78 18.68
CA THR D 187 -13.90 21.68 19.08
C THR D 187 -14.00 20.83 17.86
N ASN D 188 -13.32 19.71 17.93
CA ASN D 188 -13.25 18.82 16.78
C ASN D 188 -14.25 17.72 16.97
N ILE D 189 -14.95 17.35 15.91
CA ILE D 189 -15.85 16.20 15.94
C ILE D 189 -15.22 14.97 15.24
N TRP D 190 -14.95 13.91 16.00
CA TRP D 190 -14.66 12.58 15.41
C TRP D 190 -15.63 11.55 15.95
N ILE D 191 -16.22 10.80 15.02
CA ILE D 191 -17.16 9.73 15.31
C ILE D 191 -16.67 8.39 14.80
N PRO D 192 -17.15 7.30 15.38
CA PRO D 192 -16.59 6.04 14.91
C PRO D 192 -17.46 5.35 13.88
N ASP D 193 -18.56 6.02 13.51
CA ASP D 193 -19.58 5.48 12.60
C ASP D 193 -19.05 4.71 11.37
N GLY D 194 -19.40 3.44 11.32
CA GLY D 194 -19.09 2.63 10.16
C GLY D 194 -19.60 1.21 10.27
N TYR D 195 -19.28 0.40 9.27
CA TYR D 195 -19.51 -1.03 9.37
C TYR D 195 -18.19 -1.83 9.27
N LYS D 196 -18.19 -2.98 9.97
CA LYS D 196 -17.14 -3.98 9.93
C LYS D 196 -17.03 -4.63 8.56
N ASP D 197 -18.19 -5.10 8.03
CA ASP D 197 -18.20 -5.81 6.76
C ASP D 197 -18.84 -4.97 5.65
N THR D 198 -18.61 -5.39 4.41
CA THR D 198 -18.97 -4.68 3.20
C THR D 198 -20.39 -4.17 3.34
N PRO D 199 -20.62 -2.87 3.03
CA PRO D 199 -21.98 -2.42 3.25
C PRO D 199 -22.80 -2.63 2.01
N SER D 200 -24.11 -2.52 2.12
CA SER D 200 -24.94 -2.51 0.93
C SER D 200 -25.52 -1.13 0.63
N ASP D 201 -25.09 -0.14 1.41
CA ASP D 201 -25.49 1.27 1.22
C ASP D 201 -24.39 2.17 1.75
N ARG D 202 -23.70 2.88 0.87
CA ARG D 202 -22.66 3.81 1.36
C ARG D 202 -23.22 5.22 1.46
N LEU D 203 -24.37 5.43 0.82
CA LEU D 203 -24.96 6.75 0.68
C LEU D 203 -25.90 7.12 1.82
N THR D 204 -26.86 6.29 2.19
CA THR D 204 -27.82 6.84 3.16
C THR D 204 -27.19 7.07 4.54
N PRO D 205 -26.20 6.26 4.91
CA PRO D 205 -25.54 6.63 6.15
C PRO D 205 -24.87 7.99 6.11
N ARG D 206 -24.31 8.37 4.95
CA ARG D 206 -23.66 9.69 4.84
C ARG D 206 -24.69 10.81 4.67
N LYS D 207 -25.87 10.45 4.18
CA LYS D 207 -27.01 11.37 4.13
C LYS D 207 -27.31 11.81 5.55
N ARG D 208 -27.26 10.87 6.49
CA ARG D 208 -27.65 11.14 7.87
C ARG D 208 -26.58 11.92 8.65
N LEU D 209 -25.30 11.55 8.49
CA LEU D 209 -24.24 12.35 9.04
C LEU D 209 -24.37 13.78 8.55
N LYS D 210 -24.57 13.97 7.25
CA LYS D 210 -24.68 15.32 6.73
C LYS D 210 -25.74 16.09 7.50
N GLU D 211 -26.94 15.54 7.49
CA GLU D 211 -28.07 16.10 8.20
C GLU D 211 -27.83 16.36 9.71
N SER D 212 -27.25 15.39 10.43
CA SER D 212 -26.89 15.58 11.84
C SER D 212 -25.89 16.72 12.01
N LEU D 213 -24.88 16.78 11.16
CA LEU D 213 -23.93 17.87 11.20
C LEU D 213 -24.61 19.22 10.95
N ASP D 214 -25.52 19.27 9.98
CA ASP D 214 -26.23 20.52 9.71
C ASP D 214 -26.97 21.03 10.94
N GLN D 215 -27.44 20.10 11.75
CA GLN D 215 -28.14 20.46 12.95
C GLN D 215 -27.18 20.93 14.04
N ILE D 216 -26.11 20.18 14.25
CA ILE D 216 -25.14 20.52 15.27
C ILE D 216 -24.69 21.96 15.06
N PHE D 217 -24.57 22.34 13.80
CA PHE D 217 -23.95 23.59 13.42
C PHE D 217 -24.94 24.68 13.17
N ALA D 218 -26.23 24.37 13.26
CA ALA D 218 -27.23 25.40 13.01
C ALA D 218 -27.19 26.41 14.15
N ALA D 219 -26.90 25.94 15.36
CA ALA D 219 -26.81 26.82 16.52
C ALA D 219 -25.57 27.68 16.37
N GLU D 220 -25.77 28.99 16.19
CA GLU D 220 -24.71 29.93 15.81
C GLU D 220 -23.79 30.15 17.01
N ILE D 221 -22.47 30.17 16.79
CA ILE D 221 -21.50 30.27 17.88
C ILE D 221 -20.26 31.03 17.49
N ASN D 222 -19.90 31.96 18.36
CA ASN D 222 -18.94 33.00 18.05
C ASN D 222 -17.51 32.51 17.80
N GLU D 223 -16.97 32.80 16.63
CA GLU D 223 -15.67 32.22 16.21
C GLU D 223 -14.46 32.83 16.88
N ALA D 224 -14.67 33.99 17.49
CA ALA D 224 -13.65 34.62 18.29
C ALA D 224 -13.27 33.65 19.38
N TYR D 225 -14.26 32.84 19.77
CA TYR D 225 -14.20 31.96 20.94
C TYR D 225 -14.13 30.47 20.63
N ASN D 226 -14.91 30.01 19.68
CA ASN D 226 -14.86 28.61 19.28
C ASN D 226 -14.80 28.37 17.77
N LEU D 227 -13.87 27.53 17.32
CA LEU D 227 -13.89 27.00 15.95
C LEU D 227 -14.21 25.47 15.89
N ASP D 228 -15.02 25.08 14.91
CA ASP D 228 -15.47 23.71 14.79
C ASP D 228 -14.65 23.02 13.71
N ALA D 229 -14.25 21.77 13.98
CA ALA D 229 -13.51 20.97 13.00
C ALA D 229 -14.18 19.62 12.84
N VAL D 230 -13.86 18.93 11.75
CA VAL D 230 -14.37 17.58 11.51
C VAL D 230 -13.23 16.65 11.09
N GLU D 231 -13.27 15.41 11.60
CA GLU D 231 -12.15 14.46 11.45
C GLU D 231 -12.48 13.13 10.74
N SER D 232 -11.90 12.94 9.55
CA SER D 232 -12.04 11.71 8.79
C SER D 232 -11.10 10.66 9.32
N LYS D 233 -11.55 9.39 9.22
CA LYS D 233 -10.72 8.21 9.47
C LYS D 233 -10.97 7.31 8.27
N LEU D 234 -9.96 6.53 7.90
CA LEU D 234 -10.13 5.57 6.81
C LEU D 234 -10.73 4.24 7.28
N PHE D 235 -10.18 3.62 8.33
CA PHE D 235 -10.80 2.41 8.92
C PHE D 235 -10.50 2.33 10.39
N GLY D 236 -11.37 1.69 11.15
CA GLY D 236 -11.06 1.33 12.54
C GLY D 236 -11.34 -0.14 12.70
N ILE D 237 -10.76 -0.75 13.74
CA ILE D 237 -11.11 -2.14 14.10
C ILE D 237 -12.59 -2.17 14.46
N GLY D 238 -13.40 -2.92 13.70
CA GLY D 238 -14.87 -2.91 13.86
C GLY D 238 -15.59 -2.02 12.83
N SER D 239 -14.79 -1.26 12.07
CA SER D 239 -15.26 -0.37 11.01
C SER D 239 -14.27 -0.52 9.87
N GLU D 240 -13.89 -1.77 9.63
CA GLU D 240 -12.81 -2.07 8.71
C GLU D 240 -13.23 -1.78 7.26
N SER D 241 -14.46 -2.14 6.90
CA SER D 241 -14.85 -2.07 5.47
C SER D 241 -15.25 -0.68 4.99
N TYR D 242 -15.61 0.18 5.94
CA TYR D 242 -16.39 1.41 5.65
C TYR D 242 -16.54 2.29 6.88
N VAL D 243 -16.32 3.58 6.67
CA VAL D 243 -16.46 4.63 7.67
C VAL D 243 -17.34 5.73 7.09
N VAL D 244 -18.28 6.21 7.87
CA VAL D 244 -19.22 7.19 7.38
C VAL D 244 -18.47 8.47 7.07
N GLY D 245 -17.53 8.82 7.95
CA GLY D 245 -16.60 9.94 7.78
C GLY D 245 -15.47 9.83 6.77
N SER D 246 -15.83 9.56 5.53
CA SER D 246 -14.92 9.68 4.41
C SER D 246 -14.13 11.00 4.54
N HIS D 247 -12.83 10.93 4.28
CA HIS D 247 -12.03 12.09 3.83
C HIS D 247 -12.77 12.98 2.82
N GLU D 248 -13.40 12.39 1.79
CA GLU D 248 -14.10 13.16 0.72
C GLU D 248 -15.39 13.79 1.21
N PHE D 249 -16.00 13.18 2.24
CA PHE D 249 -17.23 13.71 2.83
C PHE D 249 -16.91 14.93 3.66
N TYR D 250 -16.07 14.77 4.67
CA TYR D 250 -15.67 15.92 5.49
C TYR D 250 -15.02 17.00 4.60
N LEU D 251 -14.19 16.62 3.65
CA LEU D 251 -13.55 17.66 2.87
C LEU D 251 -14.56 18.50 2.10
N SER D 252 -15.61 17.88 1.60
CA SER D 252 -16.66 18.61 0.92
C SER D 252 -17.54 19.33 1.94
N TYR D 253 -17.88 18.62 3.03
CA TYR D 253 -18.60 19.27 4.12
C TYR D 253 -17.90 20.53 4.63
N ALA D 254 -16.64 20.43 5.04
CA ALA D 254 -16.07 21.62 5.65
C ALA D 254 -16.04 22.82 4.66
N LEU D 255 -15.90 22.54 3.36
CA LEU D 255 -15.85 23.63 2.39
C LEU D 255 -17.19 24.31 2.20
N LYS D 256 -18.28 23.54 2.14
CA LYS D 256 -19.60 24.12 1.94
C LYS D 256 -20.06 24.92 3.14
N ASN D 257 -19.74 24.44 4.33
CA ASN D 257 -20.27 24.93 5.60
C ASN D 257 -19.24 25.67 6.42
N ASP D 258 -18.20 26.15 5.73
CA ASP D 258 -17.18 27.00 6.32
C ASP D 258 -16.62 26.51 7.67
N LYS D 259 -16.21 25.25 7.70
CA LYS D 259 -15.61 24.66 8.89
C LYS D 259 -14.17 24.25 8.56
N LEU D 260 -13.45 23.79 9.58
CA LEU D 260 -12.07 23.32 9.39
C LEU D 260 -12.09 21.84 9.18
N CYS D 261 -11.22 21.37 8.29
CA CYS D 261 -10.90 19.96 8.24
C CYS D 261 -9.83 19.71 9.29
N LEU D 262 -9.93 18.61 10.04
CA LEU D 262 -8.80 18.18 10.84
C LEU D 262 -8.23 16.94 10.17
N LEU D 263 -6.93 16.98 9.93
CA LEU D 263 -6.16 15.90 9.32
C LEU D 263 -5.32 15.14 10.35
N ASP D 264 -5.51 13.82 10.40
CA ASP D 264 -4.69 12.94 11.24
C ASP D 264 -3.76 12.03 10.43
N THR D 265 -2.49 12.08 10.79
CA THR D 265 -1.46 11.41 10.02
C THR D 265 -1.60 9.88 10.00
N GLY D 266 -2.54 9.33 10.80
CA GLY D 266 -2.80 7.89 10.85
C GLY D 266 -4.10 7.48 10.16
N HIS D 267 -4.93 8.44 9.77
CA HIS D 267 -6.23 8.10 9.26
C HIS D 267 -6.18 8.05 7.75
N TYR D 268 -5.04 7.66 7.18
CA TYR D 268 -4.99 7.59 5.70
C TYR D 268 -4.57 6.27 5.07
N HIS D 269 -4.66 6.21 3.74
CA HIS D 269 -4.25 5.07 2.97
C HIS D 269 -2.75 4.81 3.14
N PRO D 270 -2.31 3.59 2.84
CA PRO D 270 -0.89 3.34 2.86
C PRO D 270 -0.12 4.15 1.80
N THR D 271 1.02 4.68 2.22
CA THR D 271 1.86 5.63 1.46
C THR D 271 1.27 7.08 1.42
N GLU D 272 -0.03 7.21 1.75
CA GLU D 272 -0.69 8.54 1.73
C GLU D 272 -0.12 9.58 2.74
N THR D 273 0.22 10.78 2.29
CA THR D 273 0.79 11.75 3.23
C THR D 273 -0.08 12.97 3.46
N VAL D 274 -0.14 13.40 4.71
CA VAL D 274 -0.69 14.72 5.03
C VAL D 274 0.14 15.82 4.36
N SER D 275 1.47 15.70 4.36
CA SER D 275 2.35 16.77 3.85
C SER D 275 2.05 17.26 2.41
N ASN D 276 1.50 16.37 1.59
CA ASN D 276 0.99 16.71 0.26
C ASN D 276 -0.40 17.39 0.28
N LYS D 277 -1.14 17.22 1.37
CA LYS D 277 -2.48 17.79 1.45
C LYS D 277 -2.49 19.24 1.94
N ILE D 278 -1.53 19.59 2.82
CA ILE D 278 -1.39 20.95 3.36
C ILE D 278 -1.46 22.07 2.34
N SER D 279 -0.55 22.13 1.38
CA SER D 279 -0.62 23.18 0.34
C SER D 279 -2.00 23.30 -0.36
N ALA D 280 -2.54 22.18 -0.83
CA ALA D 280 -3.84 22.26 -1.50
C ALA D 280 -4.94 22.79 -0.54
N MET D 281 -4.84 22.45 0.73
CA MET D 281 -5.84 22.87 1.70
C MET D 281 -5.75 24.36 2.04
N LEU D 282 -4.59 24.82 2.49
CA LEU D 282 -4.34 26.24 2.73
C LEU D 282 -4.85 27.19 1.62
N LEU D 283 -4.89 26.71 0.38
CA LEU D 283 -5.37 27.49 -0.76
C LEU D 283 -6.88 27.77 -0.80
N PHE D 284 -7.68 27.06 0.00
CA PHE D 284 -9.13 27.16 -0.10
C PHE D 284 -9.78 27.40 1.24
N HIS D 285 -8.95 27.35 2.27
CA HIS D 285 -9.46 27.15 3.61
C HIS D 285 -9.08 28.21 4.65
N ASP D 286 -7.94 28.88 4.49
CA ASP D 286 -7.46 29.87 5.48
C ASP D 286 -6.88 29.29 6.78
N LYS D 287 -7.66 28.46 7.47
CA LYS D 287 -7.25 27.86 8.74
C LYS D 287 -7.40 26.34 8.70
N LEU D 288 -6.57 25.65 9.47
CA LEU D 288 -6.35 24.22 9.30
C LEU D 288 -5.77 23.52 10.57
N ALA D 289 -6.40 22.44 11.00
CA ALA D 289 -5.91 21.68 12.16
C ALA D 289 -5.31 20.34 11.77
N LEU D 290 -4.29 19.93 12.52
CA LEU D 290 -3.83 18.56 12.39
C LEU D 290 -3.47 17.87 13.68
N HIS D 291 -3.67 16.56 13.67
CA HIS D 291 -3.22 15.72 14.76
C HIS D 291 -2.07 14.92 14.18
N VAL D 292 -0.89 15.00 14.77
CA VAL D 292 0.12 14.05 14.36
C VAL D 292 0.17 12.88 15.35
N SER D 293 0.00 11.67 14.81
CA SER D 293 0.26 10.42 15.54
C SER D 293 1.08 9.52 14.65
N ARG D 294 1.86 8.64 15.25
CA ARG D 294 2.55 7.68 14.43
C ARG D 294 1.67 6.45 14.16
N PRO D 295 1.30 6.25 12.87
CA PRO D 295 0.65 5.01 12.49
C PRO D 295 1.69 3.96 12.21
N VAL D 296 1.51 2.77 12.73
CA VAL D 296 2.27 1.65 12.25
C VAL D 296 1.36 0.61 11.67
N ARG D 297 0.95 0.83 10.43
CA ARG D 297 0.22 -0.13 9.65
C ARG D 297 -1.26 -0.06 9.94
N TRP D 298 -1.62 0.75 10.92
CA TRP D 298 -2.98 1.09 11.18
C TRP D 298 -3.05 2.35 12.02
N ASP D 299 -4.22 2.95 12.26
CA ASP D 299 -4.32 4.06 13.23
C ASP D 299 -3.96 3.52 14.60
N SER D 300 -2.67 3.33 14.76
CA SER D 300 -2.13 2.57 15.88
C SER D 300 -1.70 3.49 17.00
N ASP D 301 -1.78 4.81 16.73
CA ASP D 301 -1.54 5.87 17.70
C ASP D 301 -0.23 5.81 18.47
N HIS D 302 0.88 5.51 17.79
CA HIS D 302 2.18 5.50 18.43
C HIS D 302 2.64 6.94 18.69
N VAL D 303 3.66 7.11 19.54
CA VAL D 303 4.34 8.37 19.90
C VAL D 303 5.10 8.94 18.70
N VAL D 304 4.85 10.21 18.38
CA VAL D 304 5.40 10.89 17.19
C VAL D 304 6.90 10.86 17.22
N THR D 305 7.52 10.39 16.16
CA THR D 305 8.97 10.38 16.14
C THR D 305 9.47 11.37 15.11
N PHE D 306 10.67 11.91 15.33
CA PHE D 306 11.28 12.84 14.40
C PHE D 306 11.61 12.12 13.09
N ASP D 307 10.65 12.02 12.17
CA ASP D 307 10.85 11.23 10.92
C ASP D 307 10.73 11.98 9.58
N ASP D 308 10.73 11.26 8.47
CA ASP D 308 10.67 11.98 7.19
C ASP D 308 9.35 12.72 7.03
N GLU D 309 8.25 12.07 7.35
CA GLU D 309 6.96 12.71 7.21
C GLU D 309 6.75 13.85 8.22
N LEU D 310 7.25 13.72 9.44
CA LEU D 310 7.16 14.82 10.39
C LEU D 310 8.01 15.97 9.91
N ARG D 311 9.17 15.65 9.35
CA ARG D 311 10.03 16.62 8.68
C ARG D 311 9.29 17.29 7.51
N GLU D 312 8.54 16.51 6.73
CA GLU D 312 7.88 17.09 5.56
C GLU D 312 6.70 17.99 5.92
N ILE D 313 6.01 17.64 7.00
CA ILE D 313 4.88 18.42 7.48
C ILE D 313 5.43 19.75 7.94
N ALA D 314 6.46 19.76 8.78
CA ALA D 314 7.00 21.02 9.30
C ALA D 314 7.52 21.95 8.20
N LEU D 315 8.22 21.37 7.20
CA LEU D 315 8.69 22.19 6.07
C LEU D 315 7.51 22.97 5.48
N GLU D 316 6.45 22.20 5.14
CA GLU D 316 5.20 22.68 4.60
C GLU D 316 4.58 23.79 5.41
N ILE D 317 4.48 23.61 6.74
CA ILE D 317 3.88 24.64 7.60
C ILE D 317 4.72 25.92 7.58
N VAL D 318 6.04 25.77 7.69
CA VAL D 318 6.93 26.90 7.68
C VAL D 318 6.92 27.61 6.32
N ARG D 319 7.33 26.95 5.22
CA ARG D 319 7.42 27.60 3.87
C ARG D 319 6.17 28.29 3.41
N ASN D 320 5.02 27.71 3.77
CA ASN D 320 3.77 28.22 3.26
C ASN D 320 3.22 29.32 4.14
N ASP D 321 4.04 29.81 5.06
CA ASP D 321 3.69 30.91 5.95
C ASP D 321 2.48 30.62 6.83
N ALA D 322 2.47 29.43 7.40
CA ALA D 322 1.26 28.92 7.97
C ALA D 322 1.36 28.61 9.49
N LEU D 323 2.33 29.20 10.17
CA LEU D 323 2.48 28.94 11.60
C LEU D 323 1.29 29.43 12.43
N ASP D 324 0.43 30.24 11.81
CA ASP D 324 -0.79 30.69 12.45
C ASP D 324 -1.98 30.18 11.69
N ARG D 325 -1.75 29.43 10.62
CA ARG D 325 -2.87 28.81 9.90
C ARG D 325 -2.98 27.31 10.15
N VAL D 326 -1.94 26.71 10.70
CA VAL D 326 -2.03 25.29 11.04
C VAL D 326 -2.03 25.07 12.55
N LEU D 327 -3.21 24.75 13.08
CA LEU D 327 -3.34 24.37 14.48
C LEU D 327 -2.79 22.95 14.73
N ILE D 328 -1.69 22.88 15.47
CA ILE D 328 -0.98 21.63 15.70
C ILE D 328 -1.31 20.98 17.02
N GLY D 329 -2.01 19.85 16.95
CA GLY D 329 -2.27 19.02 18.12
C GLY D 329 -1.58 17.66 18.03
N LEU D 330 -1.23 17.11 19.19
CA LEU D 330 -0.80 15.71 19.29
C LEU D 330 -1.97 14.76 19.53
N ASP D 331 -1.94 13.61 18.86
CA ASP D 331 -2.91 12.57 19.15
C ASP D 331 -2.23 11.24 19.16
N PHE D 332 -1.89 10.75 20.35
CA PHE D 332 -1.28 9.45 20.50
C PHE D 332 -1.58 8.76 21.83
N PHE D 333 -1.59 7.45 21.82
CA PHE D 333 -1.78 6.69 23.04
C PHE D 333 -1.00 5.38 22.95
N ASP D 334 0.10 5.34 23.71
CA ASP D 334 0.95 4.17 23.80
C ASP D 334 0.99 3.76 25.26
N ALA D 335 0.19 2.73 25.57
CA ALA D 335 -0.10 2.36 26.96
C ALA D 335 1.07 1.68 27.63
N SER D 336 2.16 1.48 26.89
CA SER D 336 3.20 0.52 27.26
C SER D 336 4.51 1.14 27.63
N ILE D 337 4.62 2.46 27.52
CA ILE D 337 5.80 3.16 28.02
C ILE D 337 5.32 4.19 29.00
N ASN D 338 6.26 4.79 29.72
CA ASN D 338 5.96 5.83 30.68
C ASN D 338 5.20 6.98 30.01
N ARG D 339 4.02 7.30 30.53
CA ARG D 339 3.12 8.19 29.82
C ARG D 339 3.62 9.64 29.75
N ILE D 340 4.45 10.04 30.71
CA ILE D 340 4.97 11.39 30.73
C ILE D 340 6.04 11.45 29.68
N ALA D 341 6.88 10.41 29.65
CA ALA D 341 7.87 10.28 28.58
C ALA D 341 7.22 10.42 27.20
N ALA D 342 6.08 9.73 27.04
CA ALA D 342 5.38 9.70 25.77
C ALA D 342 5.01 11.11 25.31
N TRP D 343 4.48 11.90 26.24
CA TRP D 343 4.10 13.27 25.95
C TRP D 343 5.29 14.10 25.59
N THR D 344 6.38 13.91 26.32
CA THR D 344 7.56 14.75 26.15
C THR D 344 8.44 14.38 24.94
N ILE D 345 8.64 13.09 24.69
CA ILE D 345 9.29 12.64 23.45
C ILE D 345 8.53 13.22 22.24
N GLY D 346 7.21 13.05 22.28
CA GLY D 346 6.37 13.38 21.17
C GLY D 346 6.35 14.86 20.91
N THR D 347 6.08 15.63 21.95
CA THR D 347 5.93 17.07 21.77
C THR D 347 7.27 17.67 21.34
N ARG D 348 8.35 17.23 21.99
CA ARG D 348 9.67 17.81 21.73
C ARG D 348 10.11 17.55 20.28
N ASN D 349 9.66 16.42 19.74
CA ASN D 349 9.82 16.04 18.31
C ASN D 349 9.13 16.95 17.30
N VAL D 350 7.89 17.32 17.55
CA VAL D 350 7.24 18.19 16.57
C VAL D 350 7.96 19.51 16.59
N ILE D 351 8.46 19.88 17.78
CA ILE D 351 9.11 21.18 17.94
C ILE D 351 10.45 21.14 17.26
N LYS D 352 11.22 20.08 17.47
CA LYS D 352 12.47 19.90 16.75
C LYS D 352 12.22 20.04 15.26
N ALA D 353 11.14 19.40 14.78
CA ALA D 353 10.81 19.40 13.36
C ALA D 353 10.55 20.82 12.84
N LEU D 354 9.55 21.48 13.41
CA LEU D 354 9.39 22.90 13.22
C LEU D 354 10.74 23.61 13.18
N LEU D 355 11.59 23.39 14.20
CA LEU D 355 12.86 24.08 14.30
C LEU D 355 13.75 23.78 13.08
N PHE D 356 13.97 22.50 12.80
CA PHE D 356 14.63 22.10 11.55
C PHE D 356 14.05 22.87 10.32
N ALA D 357 12.74 22.95 10.21
CA ALA D 357 12.17 23.60 9.05
C ALA D 357 12.47 25.09 9.05
N MET D 358 12.63 25.68 10.24
CA MET D 358 12.98 27.08 10.31
C MET D 358 14.43 27.33 9.81
N LEU D 359 15.28 26.29 9.87
CA LEU D 359 16.67 26.43 9.42
C LEU D 359 16.97 25.84 8.03
N ILE D 360 16.07 26.08 7.09
CA ILE D 360 16.30 25.64 5.74
C ILE D 360 16.32 26.89 4.85
N PRO D 361 17.30 27.02 3.93
CA PRO D 361 17.36 28.19 3.09
C PRO D 361 16.23 28.10 2.10
N HIS D 362 15.03 28.37 2.54
CA HIS D 362 13.87 28.29 1.66
C HIS D 362 13.99 29.08 0.37
N LYS D 363 14.47 30.32 0.48
CA LYS D 363 14.53 31.29 -0.63
C LYS D 363 15.37 30.74 -1.78
N GLN D 364 16.60 30.29 -1.46
CA GLN D 364 17.53 29.78 -2.46
C GLN D 364 16.99 28.51 -3.08
N LEU D 365 16.41 27.68 -2.23
CA LEU D 365 15.84 26.44 -2.67
C LEU D 365 14.64 26.67 -3.56
N LYS D 366 13.77 27.60 -3.17
CA LYS D 366 12.64 27.99 -3.99
C LYS D 366 13.12 28.50 -5.36
N GLU D 367 14.11 29.38 -5.34
CA GLU D 367 14.72 29.90 -6.56
C GLU D 367 15.25 28.79 -7.49
N TRP D 368 15.83 27.74 -6.91
CA TRP D 368 16.40 26.71 -7.75
C TRP D 368 15.35 25.87 -8.47
N GLN D 369 14.21 25.65 -7.80
CA GLN D 369 13.11 24.94 -8.41
C GLN D 369 12.49 25.72 -9.56
N GLU D 370 11.92 26.87 -9.25
CA GLU D 370 11.60 27.92 -10.22
C GLU D 370 12.53 27.96 -11.45
N THR D 371 13.81 27.66 -11.23
CA THR D 371 14.87 27.90 -12.20
C THR D 371 15.34 26.68 -12.95
N GLY D 372 14.89 25.50 -12.50
CA GLY D 372 15.29 24.21 -13.07
C GLY D 372 16.50 23.52 -12.49
N ASP D 373 17.03 24.03 -11.37
CA ASP D 373 18.24 23.46 -10.79
C ASP D 373 17.90 22.45 -9.70
N TYR D 374 17.27 21.37 -10.15
CA TYR D 374 16.86 20.27 -9.32
C TYR D 374 18.11 19.64 -8.74
N THR D 375 19.23 19.82 -9.43
CA THR D 375 20.52 19.37 -8.92
C THR D 375 20.87 19.99 -7.55
N ARG D 376 20.92 21.31 -7.46
CA ARG D 376 21.18 21.92 -6.15
C ARG D 376 20.03 21.65 -5.21
N ARG D 377 18.79 21.78 -5.67
CA ARG D 377 17.64 21.57 -4.79
C ARG D 377 17.84 20.28 -3.97
N LEU D 378 18.10 19.19 -4.68
CA LEU D 378 18.37 17.93 -4.03
C LEU D 378 19.66 17.94 -3.24
N ALA D 379 20.69 18.55 -3.75
CA ALA D 379 21.96 18.41 -3.05
C ALA D 379 21.91 19.10 -1.68
N VAL D 380 21.40 20.32 -1.63
CA VAL D 380 21.37 21.03 -0.34
C VAL D 380 20.32 20.60 0.70
N LEU D 381 19.11 20.22 0.25
CA LEU D 381 18.08 19.68 1.15
C LEU D 381 18.70 18.51 1.90
N GLU D 382 19.56 17.76 1.22
CA GLU D 382 20.27 16.62 1.82
C GLU D 382 21.43 17.05 2.70
N GLU D 383 22.24 17.93 2.16
CA GLU D 383 23.35 18.48 2.90
C GLU D 383 22.83 19.09 4.19
N PHE D 384 21.67 19.73 4.12
CA PHE D 384 21.10 20.25 5.34
C PHE D 384 20.77 19.21 6.42
N LYS D 385 20.57 17.95 6.03
CA LYS D 385 20.27 16.92 6.99
C LYS D 385 21.42 16.63 8.00
N THR D 386 22.63 17.07 7.70
CA THR D 386 23.77 16.92 8.64
C THR D 386 24.28 18.24 9.28
N TYR D 387 23.67 19.37 8.93
CA TYR D 387 23.92 20.59 9.67
C TYR D 387 23.67 20.42 11.18
N PRO D 388 24.29 21.29 12.01
CA PRO D 388 24.22 21.12 13.47
C PRO D 388 22.90 21.56 14.11
N LEU D 389 21.82 20.88 13.76
CA LEU D 389 20.57 21.11 14.45
C LEU D 389 20.71 20.99 15.99
N GLY D 390 21.41 19.94 16.45
CA GLY D 390 21.59 19.70 17.89
C GLY D 390 22.14 20.89 18.66
N ALA D 391 23.19 21.52 18.13
CA ALA D 391 23.74 22.71 18.77
C ALA D 391 22.64 23.75 19.05
N ILE D 392 21.83 24.06 18.03
CA ILE D 392 20.73 25.05 18.11
C ILE D 392 19.63 24.61 19.10
N TRP D 393 19.17 23.37 18.93
CA TRP D 393 18.11 22.81 19.72
C TRP D 393 18.46 22.76 21.20
N ASN D 394 19.71 22.44 21.51
CA ASN D 394 20.18 22.45 22.91
C ASN D 394 20.07 23.84 23.54
N GLU D 395 20.65 24.85 22.87
CA GLU D 395 20.55 26.22 23.34
C GLU D 395 19.08 26.58 23.57
N TYR D 396 18.23 26.32 22.57
CA TYR D 396 16.83 26.65 22.68
C TYR D 396 16.19 26.09 23.95
N CYS D 397 16.41 24.79 24.16
CA CYS D 397 16.00 24.09 25.34
C CYS D 397 16.41 24.80 26.63
N GLU D 398 17.68 25.21 26.70
CA GLU D 398 18.22 25.89 27.88
C GLU D 398 17.54 27.24 28.11
N ARG D 399 17.59 28.10 27.09
CA ARG D 399 16.85 29.35 27.06
C ARG D 399 15.42 29.23 27.60
N MET D 400 14.72 28.11 27.34
CA MET D 400 13.31 27.93 27.70
C MET D 400 13.10 27.21 29.04
N ASN D 401 14.19 26.98 29.76
CA ASN D 401 14.18 26.39 31.13
C ASN D 401 13.78 24.92 31.20
N VAL D 402 13.95 24.20 30.08
CA VAL D 402 13.80 22.74 30.07
C VAL D 402 15.13 21.97 29.98
N PRO D 403 15.18 20.75 30.56
CA PRO D 403 16.30 19.83 30.52
C PRO D 403 17.00 19.71 29.17
N ILE D 404 18.32 19.72 29.26
CA ILE D 404 19.23 19.86 28.14
C ILE D 404 19.09 18.83 26.98
N LYS D 405 18.94 17.54 27.25
CA LYS D 405 19.14 16.57 26.20
C LYS D 405 18.37 15.29 26.42
N GLU D 406 19.02 14.32 27.06
CA GLU D 406 18.37 13.13 27.57
C GLU D 406 18.00 13.38 29.01
N GLU D 407 18.49 14.50 29.53
CA GLU D 407 18.49 14.75 30.95
C GLU D 407 17.10 14.73 31.54
N TRP D 408 16.09 14.86 30.67
CA TRP D 408 14.71 14.88 31.10
C TRP D 408 14.26 13.50 31.51
N LEU D 409 14.91 12.46 30.98
CA LEU D 409 14.68 11.11 31.51
C LEU D 409 14.99 11.09 32.99
N LYS D 410 15.95 11.89 33.43
CA LYS D 410 16.23 11.92 34.83
C LYS D 410 15.03 12.46 35.63
N GLU D 411 14.41 13.54 35.16
CA GLU D 411 13.25 14.07 35.88
C GLU D 411 12.04 13.13 35.83
N ILE D 412 11.97 12.30 34.82
CA ILE D 412 10.85 11.42 34.77
C ILE D 412 11.05 10.26 35.72
N ALA D 413 12.29 9.82 35.89
CA ALA D 413 12.55 8.77 36.90
C ALA D 413 12.31 9.26 38.34
N ILE D 414 12.70 10.51 38.61
CA ILE D 414 12.47 11.11 39.92
C ILE D 414 10.96 11.20 40.21
N TYR D 415 10.18 11.64 39.22
CA TYR D 415 8.71 11.72 39.33
C TYR D 415 7.98 10.36 39.48
N GLU D 416 8.31 9.39 38.62
CA GLU D 416 7.74 8.05 38.69
C GLU D 416 7.97 7.38 40.03
N LYS D 417 9.15 7.61 40.62
CA LYS D 417 9.52 6.92 41.86
C LYS D 417 8.73 7.50 43.01
N GLU D 418 8.87 8.80 43.25
CA GLU D 418 8.25 9.35 44.44
C GLU D 418 6.84 9.88 44.22
N VAL D 419 6.28 9.69 43.03
CA VAL D 419 4.90 10.15 42.80
C VAL D 419 4.01 9.11 42.08
N LEU D 420 4.24 8.92 40.78
CA LEU D 420 3.47 7.94 39.99
C LEU D 420 3.36 6.58 40.72
N LEU D 421 4.31 6.28 41.60
CA LEU D 421 4.28 4.99 42.29
C LEU D 421 3.91 5.07 43.79
N GLN D 422 3.37 6.21 44.22
CA GLN D 422 2.64 6.30 45.48
C GLN D 422 1.11 6.19 45.18
N ARG D 423 0.81 5.30 44.22
CA ARG D 423 -0.53 5.09 43.65
C ARG D 423 -0.70 3.55 43.45
MN MN E . -3.76 -17.13 11.22
#